data_5ELU
# 
_entry.id   5ELU 
# 
_audit_conform.dict_name       mmcif_pdbx.dic 
_audit_conform.dict_version    5.383 
_audit_conform.dict_location   http://mmcif.pdb.org/dictionaries/ascii/mmcif_pdbx.dic 
# 
loop_
_database_2.database_id 
_database_2.database_code 
_database_2.pdbx_database_accession 
_database_2.pdbx_DOI 
PDB   5ELU         pdb_00005elu 10.2210/pdb5elu/pdb 
WWPDB D_1000215130 ?            ?                   
# 
loop_
_pdbx_audit_revision_history.ordinal 
_pdbx_audit_revision_history.data_content_type 
_pdbx_audit_revision_history.major_revision 
_pdbx_audit_revision_history.minor_revision 
_pdbx_audit_revision_history.revision_date 
1 'Structure model' 1 0 2016-11-16 
2 'Structure model' 1 1 2017-08-30 
3 'Structure model' 1 2 2018-02-07 
4 'Structure model' 1 3 2018-04-18 
5 'Structure model' 1 4 2024-01-10 
# 
_pdbx_audit_revision_details.ordinal             1 
_pdbx_audit_revision_details.revision_ordinal    1 
_pdbx_audit_revision_details.data_content_type   'Structure model' 
_pdbx_audit_revision_details.provider            repository 
_pdbx_audit_revision_details.type                'Initial release' 
_pdbx_audit_revision_details.description         ? 
_pdbx_audit_revision_details.details             ? 
# 
loop_
_pdbx_audit_revision_group.ordinal 
_pdbx_audit_revision_group.revision_ordinal 
_pdbx_audit_revision_group.data_content_type 
_pdbx_audit_revision_group.group 
1 2 'Structure model' 'Author supporting evidence' 
2 3 'Structure model' 'Database references'        
3 3 'Structure model' 'Source and taxonomy'        
4 3 'Structure model' 'Structure summary'          
5 4 'Structure model' 'Data collection'            
6 4 'Structure model' 'Database references'        
7 5 'Structure model' 'Data collection'            
8 5 'Structure model' 'Database references'        
9 5 'Structure model' 'Refinement description'     
# 
loop_
_pdbx_audit_revision_category.ordinal 
_pdbx_audit_revision_category.revision_ordinal 
_pdbx_audit_revision_category.data_content_type 
_pdbx_audit_revision_category.category 
1  2 'Structure model' pdbx_audit_support            
2  3 'Structure model' citation                      
3  3 'Structure model' entity                        
4  3 'Structure model' entity_src_gen                
5  3 'Structure model' struct                        
6  4 'Structure model' citation                      
7  4 'Structure model' citation_author               
8  5 'Structure model' chem_comp_atom                
9  5 'Structure model' chem_comp_bond                
10 5 'Structure model' database_2                    
11 5 'Structure model' pdbx_initial_refinement_model 
# 
loop_
_pdbx_audit_revision_item.ordinal 
_pdbx_audit_revision_item.revision_ordinal 
_pdbx_audit_revision_item.data_content_type 
_pdbx_audit_revision_item.item 
1  2 'Structure model' '_pdbx_audit_support.funding_organization'       
2  3 'Structure model' '_citation.title'                                
3  3 'Structure model' '_entity.pdbx_description'                       
4  3 'Structure model' '_entity_src_gen.pdbx_host_org_ncbi_taxonomy_id' 
5  3 'Structure model' '_entity_src_gen.pdbx_host_org_scientific_name'  
6  3 'Structure model' '_entity_src_gen.pdbx_host_org_strain'           
7  3 'Structure model' '_struct.pdbx_descriptor'                        
8  4 'Structure model' '_citation.country'                              
9  4 'Structure model' '_citation.journal_abbrev'                       
10 4 'Structure model' '_citation.journal_id_CSD'                       
11 4 'Structure model' '_citation.journal_id_ISSN'                      
12 4 'Structure model' '_citation.journal_volume'                       
13 4 'Structure model' '_citation.pdbx_database_id_DOI'                 
14 4 'Structure model' '_citation.pdbx_database_id_PubMed'              
15 4 'Structure model' '_citation.title'                                
16 4 'Structure model' '_citation.year'                                 
17 5 'Structure model' '_database_2.pdbx_DOI'                           
18 5 'Structure model' '_database_2.pdbx_database_accession'            
# 
_pdbx_database_status.status_code                     REL 
_pdbx_database_status.status_code_sf                  REL 
_pdbx_database_status.status_code_mr                  ? 
_pdbx_database_status.entry_id                        5ELU 
_pdbx_database_status.recvd_initial_deposition_date   2015-11-05 
_pdbx_database_status.SG_entry                        N 
_pdbx_database_status.deposit_site                    RCSB 
_pdbx_database_status.process_site                    PDBE 
_pdbx_database_status.status_code_cs                  ? 
_pdbx_database_status.methods_development_category    ? 
_pdbx_database_status.pdb_format_compatible           Y 
_pdbx_database_status.status_code_nmr_data            ? 
# 
loop_
_audit_author.name 
_audit_author.pdbx_ordinal 
_audit_author.identifier_ORCID 
'Hughes, D.J.'    1  ? 
'Tiede, C.'       2  ? 
'Hall, N.'        3  ? 
'Tang, A.A.S.'    4  ? 
'Trinh, C.H.'     5  ? 
'Zajac, K.'       6  ? 
'Mandal, U.'      7  ? 
'Howell, G.'      8  ? 
'Edwards, T.A.'   9  ? 
'McPherson, M.J.' 10 ? 
'Tomlinson, D.C.' 11 ? 
'Whitehouse, A.'  12 ? 
# 
_citation.abstract                  ? 
_citation.abstract_id_CAS           ? 
_citation.book_id_ISBN              ? 
_citation.book_publisher            ? 
_citation.book_publisher_city       ? 
_citation.book_title                ? 
_citation.coordinate_linkage        ? 
_citation.country                   US 
_citation.database_id_Medline       ? 
_citation.details                   ? 
_citation.id                        primary 
_citation.journal_abbrev            'Sci Signal' 
_citation.journal_id_ASTM           ? 
_citation.journal_id_CSD            ? 
_citation.journal_id_ISSN           1937-9145 
_citation.journal_full              ? 
_citation.journal_issue             ? 
_citation.journal_volume            10 
_citation.language                  ? 
_citation.page_first                ? 
_citation.page_last                 ? 
_citation.title                     
'Generation of specific inhibitors of SUMO-1- and SUMO-2/3-mediated protein-protein interactions using Affimer (Adhiron) technology.' 
_citation.year                      2017 
_citation.database_id_CSD           ? 
_citation.pdbx_database_id_DOI      10.1126/scisignal.aaj2005 
_citation.pdbx_database_id_PubMed   29138295 
_citation.unpublished_flag          ? 
# 
loop_
_citation_author.citation_id 
_citation_author.name 
_citation_author.ordinal 
_citation_author.identifier_ORCID 
primary 'Hughes, D.J.'    1  ? 
primary 'Tiede, C.'       2  ? 
primary 'Penswick, N.'    3  ? 
primary 'Tang, A.A.'      4  ? 
primary 'Trinh, C.H.'     5  ? 
primary 'Mandal, U.'      6  ? 
primary 'Zajac, K.Z.'     7  ? 
primary 'Gaule, T.'       8  ? 
primary 'Howell, G.'      9  ? 
primary 'Edwards, T.A.'   10 ? 
primary 'Duan, J.'        11 ? 
primary 'Feyfant, E.'     12 ? 
primary 'McPherson, M.J.' 13 ? 
primary 'Tomlinson, D.C.' 14 ? 
primary 'Whitehouse, A.'  15 ? 
# 
loop_
_entity.id 
_entity.type 
_entity.src_method 
_entity.pdbx_description 
_entity.formula_weight 
_entity.pdbx_number_of_molecules 
_entity.pdbx_ec 
_entity.pdbx_mutation 
_entity.pdbx_fragment 
_entity.details 
1 polymer     man SUMO-Affirmer-S2B3                   13509.390 1   ? ? ? 
MASAATGVRAVPGNENSLEIEELARFAVDEHNKKENALLEFVRVVKAKEQVDLTRFPVTTMYYLTLEAKDGGKKKLYEAKVWVKGYLLEELKHNFKELQEFKPVGDAAAAHHHHHHHH 
2 polymer     man 'Small ubiquitin-related modifier 2' 8965.129  1   ? ? ? ? 
3 non-polymer syn 'SULFATE ION'                        96.063    3   ? ? ? ? 
4 water       nat water                                18.015    102 ? ? ? ? 
# 
_entity_name_com.entity_id   2 
_entity_name_com.name        'SUMO-2,HSMT3,SMT3 homolog 2,SUMO-3,Sentrin-2,Ubiquitin-like protein SMT3B,Smt3B' 
# 
loop_
_entity_poly.entity_id 
_entity_poly.type 
_entity_poly.nstd_linkage 
_entity_poly.nstd_monomer 
_entity_poly.pdbx_seq_one_letter_code 
_entity_poly.pdbx_seq_one_letter_code_can 
_entity_poly.pdbx_strand_id 
_entity_poly.pdbx_target_identifier 
1 'polypeptide(L)' no no 
;MASAATGVRAVPGNENSLEIEELARFAVDEHNKKENALLEFVRVVKAKEQVDLTRFPVTTMYYLTLEAKDGGKKKLYEAK
VWVKGYLLEELKHNFKELQEFKPVGDAAAAHHHHHHHH
;
;MASAATGVRAVPGNENSLEIEELARFAVDEHNKKENALLEFVRVVKAKEQVDLTRFPVTTMYYLTLEAKDGGKKKLYEAK
VWVKGYLLEELKHNFKELQEFKPVGDAAAAHHHHHHHH
;
A ? 
2 'polypeptide(L)' no no MNNDHINLKVAGQDGSVVQFKIKRHTPLSKLMKAYCERQGLSMRQIRFRFDGQPINETDTPAQLEMEDEDTIDVFQQ 
MNNDHINLKVAGQDGSVVQFKIKRHTPLSKLMKAYCERQGLSMRQIRFRFDGQPINETDTPAQLEMEDEDTIDVFQQ                                             B ? 
# 
loop_
_pdbx_entity_nonpoly.entity_id 
_pdbx_entity_nonpoly.name 
_pdbx_entity_nonpoly.comp_id 
3 'SULFATE ION' SO4 
4 water         HOH 
# 
loop_
_entity_poly_seq.entity_id 
_entity_poly_seq.num 
_entity_poly_seq.mon_id 
_entity_poly_seq.hetero 
1 1   MET n 
1 2   ALA n 
1 3   SER n 
1 4   ALA n 
1 5   ALA n 
1 6   THR n 
1 7   GLY n 
1 8   VAL n 
1 9   ARG n 
1 10  ALA n 
1 11  VAL n 
1 12  PRO n 
1 13  GLY n 
1 14  ASN n 
1 15  GLU n 
1 16  ASN n 
1 17  SER n 
1 18  LEU n 
1 19  GLU n 
1 20  ILE n 
1 21  GLU n 
1 22  GLU n 
1 23  LEU n 
1 24  ALA n 
1 25  ARG n 
1 26  PHE n 
1 27  ALA n 
1 28  VAL n 
1 29  ASP n 
1 30  GLU n 
1 31  HIS n 
1 32  ASN n 
1 33  LYS n 
1 34  LYS n 
1 35  GLU n 
1 36  ASN n 
1 37  ALA n 
1 38  LEU n 
1 39  LEU n 
1 40  GLU n 
1 41  PHE n 
1 42  VAL n 
1 43  ARG n 
1 44  VAL n 
1 45  VAL n 
1 46  LYS n 
1 47  ALA n 
1 48  LYS n 
1 49  GLU n 
1 50  GLN n 
1 51  VAL n 
1 52  ASP n 
1 53  LEU n 
1 54  THR n 
1 55  ARG n 
1 56  PHE n 
1 57  PRO n 
1 58  VAL n 
1 59  THR n 
1 60  THR n 
1 61  MET n 
1 62  TYR n 
1 63  TYR n 
1 64  LEU n 
1 65  THR n 
1 66  LEU n 
1 67  GLU n 
1 68  ALA n 
1 69  LYS n 
1 70  ASP n 
1 71  GLY n 
1 72  GLY n 
1 73  LYS n 
1 74  LYS n 
1 75  LYS n 
1 76  LEU n 
1 77  TYR n 
1 78  GLU n 
1 79  ALA n 
1 80  LYS n 
1 81  VAL n 
1 82  TRP n 
1 83  VAL n 
1 84  LYS n 
1 85  GLY n 
1 86  TYR n 
1 87  LEU n 
1 88  LEU n 
1 89  GLU n 
1 90  GLU n 
1 91  LEU n 
1 92  LYS n 
1 93  HIS n 
1 94  ASN n 
1 95  PHE n 
1 96  LYS n 
1 97  GLU n 
1 98  LEU n 
1 99  GLN n 
1 100 GLU n 
1 101 PHE n 
1 102 LYS n 
1 103 PRO n 
1 104 VAL n 
1 105 GLY n 
1 106 ASP n 
1 107 ALA n 
1 108 ALA n 
1 109 ALA n 
1 110 ALA n 
1 111 HIS n 
1 112 HIS n 
1 113 HIS n 
1 114 HIS n 
1 115 HIS n 
1 116 HIS n 
1 117 HIS n 
1 118 HIS n 
2 1   MET n 
2 2   ASN n 
2 3   ASN n 
2 4   ASP n 
2 5   HIS n 
2 6   ILE n 
2 7   ASN n 
2 8   LEU n 
2 9   LYS n 
2 10  VAL n 
2 11  ALA n 
2 12  GLY n 
2 13  GLN n 
2 14  ASP n 
2 15  GLY n 
2 16  SER n 
2 17  VAL n 
2 18  VAL n 
2 19  GLN n 
2 20  PHE n 
2 21  LYS n 
2 22  ILE n 
2 23  LYS n 
2 24  ARG n 
2 25  HIS n 
2 26  THR n 
2 27  PRO n 
2 28  LEU n 
2 29  SER n 
2 30  LYS n 
2 31  LEU n 
2 32  MET n 
2 33  LYS n 
2 34  ALA n 
2 35  TYR n 
2 36  CYS n 
2 37  GLU n 
2 38  ARG n 
2 39  GLN n 
2 40  GLY n 
2 41  LEU n 
2 42  SER n 
2 43  MET n 
2 44  ARG n 
2 45  GLN n 
2 46  ILE n 
2 47  ARG n 
2 48  PHE n 
2 49  ARG n 
2 50  PHE n 
2 51  ASP n 
2 52  GLY n 
2 53  GLN n 
2 54  PRO n 
2 55  ILE n 
2 56  ASN n 
2 57  GLU n 
2 58  THR n 
2 59  ASP n 
2 60  THR n 
2 61  PRO n 
2 62  ALA n 
2 63  GLN n 
2 64  LEU n 
2 65  GLU n 
2 66  MET n 
2 67  GLU n 
2 68  ASP n 
2 69  GLU n 
2 70  ASP n 
2 71  THR n 
2 72  ILE n 
2 73  ASP n 
2 74  VAL n 
2 75  PHE n 
2 76  GLN n 
2 77  GLN n 
# 
loop_
_entity_src_gen.entity_id 
_entity_src_gen.pdbx_src_id 
_entity_src_gen.pdbx_alt_source_flag 
_entity_src_gen.pdbx_seq_type 
_entity_src_gen.pdbx_beg_seq_num 
_entity_src_gen.pdbx_end_seq_num 
_entity_src_gen.gene_src_common_name 
_entity_src_gen.gene_src_genus 
_entity_src_gen.pdbx_gene_src_gene 
_entity_src_gen.gene_src_species 
_entity_src_gen.gene_src_strain 
_entity_src_gen.gene_src_tissue 
_entity_src_gen.gene_src_tissue_fraction 
_entity_src_gen.gene_src_details 
_entity_src_gen.pdbx_gene_src_fragment 
_entity_src_gen.pdbx_gene_src_scientific_name 
_entity_src_gen.pdbx_gene_src_ncbi_taxonomy_id 
_entity_src_gen.pdbx_gene_src_variant 
_entity_src_gen.pdbx_gene_src_cell_line 
_entity_src_gen.pdbx_gene_src_atcc 
_entity_src_gen.pdbx_gene_src_organ 
_entity_src_gen.pdbx_gene_src_organelle 
_entity_src_gen.pdbx_gene_src_cell 
_entity_src_gen.pdbx_gene_src_cellular_location 
_entity_src_gen.host_org_common_name 
_entity_src_gen.pdbx_host_org_scientific_name 
_entity_src_gen.pdbx_host_org_ncbi_taxonomy_id 
_entity_src_gen.host_org_genus 
_entity_src_gen.pdbx_host_org_gene 
_entity_src_gen.pdbx_host_org_organ 
_entity_src_gen.host_org_species 
_entity_src_gen.pdbx_host_org_tissue 
_entity_src_gen.pdbx_host_org_tissue_fraction 
_entity_src_gen.pdbx_host_org_strain 
_entity_src_gen.pdbx_host_org_variant 
_entity_src_gen.pdbx_host_org_cell_line 
_entity_src_gen.pdbx_host_org_atcc 
_entity_src_gen.pdbx_host_org_culture_collection 
_entity_src_gen.pdbx_host_org_cell 
_entity_src_gen.pdbx_host_org_organelle 
_entity_src_gen.pdbx_host_org_cellular_location 
_entity_src_gen.pdbx_host_org_vector_type 
_entity_src_gen.pdbx_host_org_vector 
_entity_src_gen.host_org_details 
_entity_src_gen.expression_system_id 
_entity_src_gen.plasmid_name 
_entity_src_gen.plasmid_details 
_entity_src_gen.pdbx_description 
1 1 sample 'Biological sequence' 1 118 ?     ? PHYTOCYSTATIN          ? ? ? ? ? ? 'synthetic construct' 32630 ? ? ? ? ? ? ? ? 
'Escherichia coli BL21(DE3)' 469008 ? ? ? ? ? ? ? ? ? ? ? ? ? ? PLASMID ? ? ? PET11 ? ? 
2 1 sample 'Biological sequence' 1 77  Human ? 'SUMO2, SMT3B, SMT3H2' ? ? ? ? ? ? 'Homo sapiens'        9606  ? ? ? ? ? ? ? ? 
'Escherichia coli BL21(DE3)' 469008 ? ? ? ? ? ? ? ? ? ? ? ? ? ? PLASMID ? ? ? PET11 ? ? 
# 
loop_
_chem_comp.id 
_chem_comp.type 
_chem_comp.mon_nstd_flag 
_chem_comp.name 
_chem_comp.pdbx_synonyms 
_chem_comp.formula 
_chem_comp.formula_weight 
ALA 'L-peptide linking' y ALANINE         ? 'C3 H7 N O2'     89.093  
ARG 'L-peptide linking' y ARGININE        ? 'C6 H15 N4 O2 1' 175.209 
ASN 'L-peptide linking' y ASPARAGINE      ? 'C4 H8 N2 O3'    132.118 
ASP 'L-peptide linking' y 'ASPARTIC ACID' ? 'C4 H7 N O4'     133.103 
CYS 'L-peptide linking' y CYSTEINE        ? 'C3 H7 N O2 S'   121.158 
GLN 'L-peptide linking' y GLUTAMINE       ? 'C5 H10 N2 O3'   146.144 
GLU 'L-peptide linking' y 'GLUTAMIC ACID' ? 'C5 H9 N O4'     147.129 
GLY 'peptide linking'   y GLYCINE         ? 'C2 H5 N O2'     75.067  
HIS 'L-peptide linking' y HISTIDINE       ? 'C6 H10 N3 O2 1' 156.162 
HOH non-polymer         . WATER           ? 'H2 O'           18.015  
ILE 'L-peptide linking' y ISOLEUCINE      ? 'C6 H13 N O2'    131.173 
LEU 'L-peptide linking' y LEUCINE         ? 'C6 H13 N O2'    131.173 
LYS 'L-peptide linking' y LYSINE          ? 'C6 H15 N2 O2 1' 147.195 
MET 'L-peptide linking' y METHIONINE      ? 'C5 H11 N O2 S'  149.211 
PHE 'L-peptide linking' y PHENYLALANINE   ? 'C9 H11 N O2'    165.189 
PRO 'L-peptide linking' y PROLINE         ? 'C5 H9 N O2'     115.130 
SER 'L-peptide linking' y SERINE          ? 'C3 H7 N O3'     105.093 
SO4 non-polymer         . 'SULFATE ION'   ? 'O4 S -2'        96.063  
THR 'L-peptide linking' y THREONINE       ? 'C4 H9 N O3'     119.119 
TRP 'L-peptide linking' y TRYPTOPHAN      ? 'C11 H12 N2 O2'  204.225 
TYR 'L-peptide linking' y TYROSINE        ? 'C9 H11 N O3'    181.189 
VAL 'L-peptide linking' y VALINE          ? 'C5 H11 N O2'    117.146 
# 
loop_
_pdbx_poly_seq_scheme.asym_id 
_pdbx_poly_seq_scheme.entity_id 
_pdbx_poly_seq_scheme.seq_id 
_pdbx_poly_seq_scheme.mon_id 
_pdbx_poly_seq_scheme.ndb_seq_num 
_pdbx_poly_seq_scheme.pdb_seq_num 
_pdbx_poly_seq_scheme.auth_seq_num 
_pdbx_poly_seq_scheme.pdb_mon_id 
_pdbx_poly_seq_scheme.auth_mon_id 
_pdbx_poly_seq_scheme.pdb_strand_id 
_pdbx_poly_seq_scheme.pdb_ins_code 
_pdbx_poly_seq_scheme.hetero 
A 1 1   MET 1   18  ?   ?   ?   A . n 
A 1 2   ALA 2   19  ?   ?   ?   A . n 
A 1 3   SER 3   20  ?   ?   ?   A . n 
A 1 4   ALA 4   21  ?   ?   ?   A . n 
A 1 5   ALA 5   22  ?   ?   ?   A . n 
A 1 6   THR 6   23  ?   ?   ?   A . n 
A 1 7   GLY 7   24  ?   ?   ?   A . n 
A 1 8   VAL 8   25  ?   ?   ?   A . n 
A 1 9   ARG 9   26  ?   ?   ?   A . n 
A 1 10  ALA 10  27  ?   ?   ?   A . n 
A 1 11  VAL 11  28  ?   ?   ?   A . n 
A 1 12  PRO 12  29  ?   ?   ?   A . n 
A 1 13  GLY 13  30  ?   ?   ?   A . n 
A 1 14  ASN 14  31  31  ASN ASN A . n 
A 1 15  GLU 15  32  32  GLU GLU A . n 
A 1 16  ASN 16  33  33  ASN ASN A . n 
A 1 17  SER 17  34  34  SER SER A . n 
A 1 18  LEU 18  35  35  LEU LEU A . n 
A 1 19  GLU 19  36  36  GLU GLU A . n 
A 1 20  ILE 20  37  37  ILE ILE A . n 
A 1 21  GLU 21  38  38  GLU GLU A . n 
A 1 22  GLU 22  39  39  GLU GLU A . n 
A 1 23  LEU 23  40  40  LEU LEU A . n 
A 1 24  ALA 24  41  41  ALA ALA A . n 
A 1 25  ARG 25  42  42  ARG ARG A . n 
A 1 26  PHE 26  43  43  PHE PHE A . n 
A 1 27  ALA 27  44  44  ALA ALA A . n 
A 1 28  VAL 28  45  45  VAL VAL A . n 
A 1 29  ASP 29  46  46  ASP ASP A . n 
A 1 30  GLU 30  47  47  GLU GLU A . n 
A 1 31  HIS 31  48  48  HIS HIS A . n 
A 1 32  ASN 32  49  49  ASN ASN A . n 
A 1 33  LYS 33  50  50  LYS LYS A . n 
A 1 34  LYS 34  51  51  LYS LYS A . n 
A 1 35  GLU 35  52  52  GLU GLU A . n 
A 1 36  ASN 36  53  53  ASN ASN A . n 
A 1 37  ALA 37  54  54  ALA ALA A . n 
A 1 38  LEU 38  55  55  LEU LEU A . n 
A 1 39  LEU 39  56  56  LEU LEU A . n 
A 1 40  GLU 40  57  57  GLU GLU A . n 
A 1 41  PHE 41  58  58  PHE PHE A . n 
A 1 42  VAL 42  59  59  VAL VAL A . n 
A 1 43  ARG 43  60  60  ARG ARG A . n 
A 1 44  VAL 44  61  61  VAL VAL A . n 
A 1 45  VAL 45  62  62  VAL VAL A . n 
A 1 46  LYS 46  63  63  LYS LYS A . n 
A 1 47  ALA 47  64  64  ALA ALA A . n 
A 1 48  LYS 48  65  65  LYS LYS A . n 
A 1 49  GLU 49  66  66  GLU GLU A . n 
A 1 50  GLN 50  67  67  GLN GLN A . n 
A 1 51  VAL 51  68  68  VAL VAL A . n 
A 1 52  ASP 52  69  69  ASP ASP A . n 
A 1 53  LEU 53  70  70  LEU LEU A . n 
A 1 54  THR 54  71  71  THR THR A . n 
A 1 55  ARG 55  72  72  ARG ARG A . n 
A 1 56  PHE 56  73  73  PHE PHE A . n 
A 1 57  PRO 57  74  74  PRO PRO A . n 
A 1 58  VAL 58  75  75  VAL VAL A . n 
A 1 59  THR 59  76  76  THR THR A . n 
A 1 60  THR 60  77  77  THR THR A . n 
A 1 61  MET 61  78  78  MET MET A . n 
A 1 62  TYR 62  79  79  TYR TYR A . n 
A 1 63  TYR 63  80  80  TYR TYR A . n 
A 1 64  LEU 64  81  81  LEU LEU A . n 
A 1 65  THR 65  82  82  THR THR A . n 
A 1 66  LEU 66  83  83  LEU LEU A . n 
A 1 67  GLU 67  84  84  GLU GLU A . n 
A 1 68  ALA 68  85  85  ALA ALA A . n 
A 1 69  LYS 69  86  86  LYS LYS A . n 
A 1 70  ASP 70  87  87  ASP ASP A . n 
A 1 71  GLY 71  88  88  GLY GLY A . n 
A 1 72  GLY 72  89  89  GLY GLY A . n 
A 1 73  LYS 73  90  90  LYS LYS A . n 
A 1 74  LYS 74  91  91  LYS LYS A . n 
A 1 75  LYS 75  92  92  LYS LYS A . n 
A 1 76  LEU 76  93  93  LEU LEU A . n 
A 1 77  TYR 77  94  94  TYR TYR A . n 
A 1 78  GLU 78  95  95  GLU GLU A . n 
A 1 79  ALA 79  96  96  ALA ALA A . n 
A 1 80  LYS 80  97  97  LYS LYS A . n 
A 1 81  VAL 81  98  98  VAL VAL A . n 
A 1 82  TRP 82  99  99  TRP TRP A . n 
A 1 83  VAL 83  100 100 VAL VAL A . n 
A 1 84  LYS 84  101 101 LYS LYS A . n 
A 1 85  GLY 85  102 102 GLY GLY A . n 
A 1 86  TYR 86  103 103 TYR TYR A . n 
A 1 87  LEU 87  104 104 LEU LEU A . n 
A 1 88  LEU 88  105 105 LEU LEU A . n 
A 1 89  GLU 89  106 106 GLU GLU A . n 
A 1 90  GLU 90  107 107 GLU GLU A . n 
A 1 91  LEU 91  108 108 LEU LEU A . n 
A 1 92  LYS 92  109 109 LYS LYS A . n 
A 1 93  HIS 93  110 110 HIS HIS A . n 
A 1 94  ASN 94  111 111 ASN ASN A . n 
A 1 95  PHE 95  112 112 PHE PHE A . n 
A 1 96  LYS 96  113 113 LYS LYS A . n 
A 1 97  GLU 97  114 114 GLU GLU A . n 
A 1 98  LEU 98  115 115 LEU LEU A . n 
A 1 99  GLN 99  116 116 GLN GLN A . n 
A 1 100 GLU 100 117 117 GLU GLU A . n 
A 1 101 PHE 101 118 118 PHE PHE A . n 
A 1 102 LYS 102 119 119 LYS LYS A . n 
A 1 103 PRO 103 120 120 PRO PRO A . n 
A 1 104 VAL 104 121 121 VAL VAL A . n 
A 1 105 GLY 105 122 ?   ?   ?   A . n 
A 1 106 ASP 106 123 ?   ?   ?   A . n 
A 1 107 ALA 107 124 ?   ?   ?   A . n 
A 1 108 ALA 108 125 ?   ?   ?   A . n 
A 1 109 ALA 109 126 ?   ?   ?   A . n 
A 1 110 ALA 110 127 ?   ?   ?   A . n 
A 1 111 HIS 111 128 ?   ?   ?   A . n 
A 1 112 HIS 112 129 ?   ?   ?   A . n 
A 1 113 HIS 113 130 ?   ?   ?   A . n 
A 1 114 HIS 114 131 ?   ?   ?   A . n 
A 1 115 HIS 115 132 ?   ?   ?   A . n 
A 1 116 HIS 116 133 ?   ?   ?   A . n 
A 1 117 HIS 117 134 ?   ?   ?   A . n 
A 1 118 HIS 118 135 ?   ?   ?   A . n 
B 2 1   MET 1   13  ?   ?   ?   B . n 
B 2 2   ASN 2   14  ?   ?   ?   B . n 
B 2 3   ASN 3   15  15  ASN ASN B . n 
B 2 4   ASP 4   16  16  ASP ASP B . n 
B 2 5   HIS 5   17  17  HIS HIS B . n 
B 2 6   ILE 6   18  18  ILE ILE B . n 
B 2 7   ASN 7   19  19  ASN ASN B . n 
B 2 8   LEU 8   20  20  LEU LEU B . n 
B 2 9   LYS 9   21  21  LYS LYS B . n 
B 2 10  VAL 10  22  22  VAL VAL B . n 
B 2 11  ALA 11  23  23  ALA ALA B . n 
B 2 12  GLY 12  24  24  GLY GLY B . n 
B 2 13  GLN 13  25  25  GLN GLN B . n 
B 2 14  ASP 14  26  26  ASP ASP B . n 
B 2 15  GLY 15  27  27  GLY GLY B . n 
B 2 16  SER 16  28  28  SER SER B . n 
B 2 17  VAL 17  29  29  VAL VAL B . n 
B 2 18  VAL 18  30  30  VAL VAL B . n 
B 2 19  GLN 19  31  31  GLN GLN B . n 
B 2 20  PHE 20  32  32  PHE PHE B . n 
B 2 21  LYS 21  33  33  LYS LYS B . n 
B 2 22  ILE 22  34  34  ILE ILE B . n 
B 2 23  LYS 23  35  35  LYS LYS B . n 
B 2 24  ARG 24  36  36  ARG ARG B . n 
B 2 25  HIS 25  37  37  HIS HIS B . n 
B 2 26  THR 26  38  38  THR THR B . n 
B 2 27  PRO 27  39  39  PRO PRO B . n 
B 2 28  LEU 28  40  40  LEU LEU B . n 
B 2 29  SER 29  41  41  SER SER B . n 
B 2 30  LYS 30  42  42  LYS LYS B . n 
B 2 31  LEU 31  43  43  LEU LEU B . n 
B 2 32  MET 32  44  44  MET MET B . n 
B 2 33  LYS 33  45  45  LYS LYS B . n 
B 2 34  ALA 34  46  46  ALA ALA B . n 
B 2 35  TYR 35  47  47  TYR TYR B . n 
B 2 36  CYS 36  48  48  CYS CYS B . n 
B 2 37  GLU 37  49  49  GLU GLU B . n 
B 2 38  ARG 38  50  50  ARG ARG B . n 
B 2 39  GLN 39  51  51  GLN GLN B . n 
B 2 40  GLY 40  52  52  GLY GLY B . n 
B 2 41  LEU 41  53  53  LEU LEU B . n 
B 2 42  SER 42  54  54  SER SER B . n 
B 2 43  MET 43  55  55  MET MET B . n 
B 2 44  ARG 44  56  56  ARG ARG B . n 
B 2 45  GLN 45  57  57  GLN GLN B . n 
B 2 46  ILE 46  58  58  ILE ILE B . n 
B 2 47  ARG 47  59  59  ARG ARG B . n 
B 2 48  PHE 48  60  60  PHE PHE B . n 
B 2 49  ARG 49  61  61  ARG ARG B . n 
B 2 50  PHE 50  62  62  PHE PHE B . n 
B 2 51  ASP 51  63  63  ASP ASP B . n 
B 2 52  GLY 52  64  64  GLY GLY B . n 
B 2 53  GLN 53  65  65  GLN GLN B . n 
B 2 54  PRO 54  66  66  PRO PRO B . n 
B 2 55  ILE 55  67  67  ILE ILE B . n 
B 2 56  ASN 56  68  68  ASN ASN B . n 
B 2 57  GLU 57  69  69  GLU GLU B . n 
B 2 58  THR 58  70  70  THR THR B . n 
B 2 59  ASP 59  71  71  ASP ASP B . n 
B 2 60  THR 60  72  72  THR THR B . n 
B 2 61  PRO 61  73  73  PRO PRO B . n 
B 2 62  ALA 62  74  74  ALA ALA B . n 
B 2 63  GLN 63  75  75  GLN GLN B . n 
B 2 64  LEU 64  76  76  LEU LEU B . n 
B 2 65  GLU 65  77  77  GLU GLU B . n 
B 2 66  MET 66  78  78  MET MET B . n 
B 2 67  GLU 67  79  79  GLU GLU B . n 
B 2 68  ASP 68  80  80  ASP ASP B . n 
B 2 69  GLU 69  81  81  GLU GLU B . n 
B 2 70  ASP 70  82  82  ASP ASP B . n 
B 2 71  THR 71  83  83  THR THR B . n 
B 2 72  ILE 72  84  84  ILE ILE B . n 
B 2 73  ASP 73  85  85  ASP ASP B . n 
B 2 74  VAL 74  86  86  VAL VAL B . n 
B 2 75  PHE 75  87  87  PHE PHE B . n 
B 2 76  GLN 76  88  88  GLN GLN B . n 
B 2 77  GLN 77  89  89  GLN GLN B . n 
# 
loop_
_pdbx_nonpoly_scheme.asym_id 
_pdbx_nonpoly_scheme.entity_id 
_pdbx_nonpoly_scheme.mon_id 
_pdbx_nonpoly_scheme.ndb_seq_num 
_pdbx_nonpoly_scheme.pdb_seq_num 
_pdbx_nonpoly_scheme.auth_seq_num 
_pdbx_nonpoly_scheme.pdb_mon_id 
_pdbx_nonpoly_scheme.auth_mon_id 
_pdbx_nonpoly_scheme.pdb_strand_id 
_pdbx_nonpoly_scheme.pdb_ins_code 
C 3 SO4 1  201 3   SO4 SO4 A . 
D 3 SO4 1  101 1   SO4 SO4 B . 
E 3 SO4 1  102 2   SO4 SO4 B . 
F 4 HOH 1  301 99  HOH HOH A . 
F 4 HOH 2  302 3   HOH HOH A . 
F 4 HOH 3  303 56  HOH HOH A . 
F 4 HOH 4  304 93  HOH HOH A . 
F 4 HOH 5  305 38  HOH HOH A . 
F 4 HOH 6  306 35  HOH HOH A . 
F 4 HOH 7  307 29  HOH HOH A . 
F 4 HOH 8  308 13  HOH HOH A . 
F 4 HOH 9  309 45  HOH HOH A . 
F 4 HOH 10 310 14  HOH HOH A . 
F 4 HOH 11 311 54  HOH HOH A . 
F 4 HOH 12 312 69  HOH HOH A . 
F 4 HOH 13 313 100 HOH HOH A . 
F 4 HOH 14 314 12  HOH HOH A . 
F 4 HOH 15 315 25  HOH HOH A . 
F 4 HOH 16 316 9   HOH HOH A . 
F 4 HOH 17 317 41  HOH HOH A . 
F 4 HOH 18 318 11  HOH HOH A . 
F 4 HOH 19 319 70  HOH HOH A . 
F 4 HOH 20 320 46  HOH HOH A . 
F 4 HOH 21 321 34  HOH HOH A . 
F 4 HOH 22 322 30  HOH HOH A . 
F 4 HOH 23 323 48  HOH HOH A . 
F 4 HOH 24 324 37  HOH HOH A . 
F 4 HOH 25 325 15  HOH HOH A . 
F 4 HOH 26 326 44  HOH HOH A . 
F 4 HOH 27 327 20  HOH HOH A . 
F 4 HOH 28 328 24  HOH HOH A . 
F 4 HOH 29 329 21  HOH HOH A . 
F 4 HOH 30 330 5   HOH HOH A . 
F 4 HOH 31 331 31  HOH HOH A . 
F 4 HOH 32 332 18  HOH HOH A . 
F 4 HOH 33 333 16  HOH HOH A . 
F 4 HOH 34 334 36  HOH HOH A . 
F 4 HOH 35 335 73  HOH HOH A . 
F 4 HOH 36 336 97  HOH HOH A . 
F 4 HOH 37 337 51  HOH HOH A . 
F 4 HOH 38 338 95  HOH HOH A . 
F 4 HOH 39 339 7   HOH HOH A . 
F 4 HOH 40 340 65  HOH HOH A . 
F 4 HOH 41 341 101 HOH HOH A . 
F 4 HOH 42 342 76  HOH HOH A . 
F 4 HOH 43 343 74  HOH HOH A . 
F 4 HOH 44 344 86  HOH HOH A . 
F 4 HOH 45 345 23  HOH HOH A . 
F 4 HOH 46 346 57  HOH HOH A . 
F 4 HOH 47 347 83  HOH HOH A . 
F 4 HOH 48 348 91  HOH HOH A . 
F 4 HOH 49 349 63  HOH HOH A . 
F 4 HOH 50 350 10  HOH HOH A . 
F 4 HOH 51 351 84  HOH HOH A . 
F 4 HOH 52 352 59  HOH HOH A . 
F 4 HOH 53 353 19  HOH HOH A . 
F 4 HOH 54 354 61  HOH HOH A . 
F 4 HOH 55 355 28  HOH HOH A . 
F 4 HOH 56 356 71  HOH HOH A . 
F 4 HOH 57 357 72  HOH HOH A . 
F 4 HOH 58 358 75  HOH HOH A . 
F 4 HOH 59 359 50  HOH HOH A . 
F 4 HOH 60 360 68  HOH HOH A . 
F 4 HOH 61 361 79  HOH HOH A . 
F 4 HOH 62 362 49  HOH HOH A . 
G 4 HOH 1  201 85  HOH HOH B . 
G 4 HOH 2  202 2   HOH HOH B . 
G 4 HOH 3  203 87  HOH HOH B . 
G 4 HOH 4  204 58  HOH HOH B . 
G 4 HOH 5  205 55  HOH HOH B . 
G 4 HOH 6  206 42  HOH HOH B . 
G 4 HOH 7  207 6   HOH HOH B . 
G 4 HOH 8  208 92  HOH HOH B . 
G 4 HOH 9  209 62  HOH HOH B . 
G 4 HOH 10 210 4   HOH HOH B . 
G 4 HOH 11 211 43  HOH HOH B . 
G 4 HOH 12 212 47  HOH HOH B . 
G 4 HOH 13 213 98  HOH HOH B . 
G 4 HOH 14 214 17  HOH HOH B . 
G 4 HOH 15 215 1   HOH HOH B . 
G 4 HOH 16 216 26  HOH HOH B . 
G 4 HOH 17 217 39  HOH HOH B . 
G 4 HOH 18 218 60  HOH HOH B . 
G 4 HOH 19 219 33  HOH HOH B . 
G 4 HOH 20 220 22  HOH HOH B . 
G 4 HOH 21 221 80  HOH HOH B . 
G 4 HOH 22 222 67  HOH HOH B . 
G 4 HOH 23 223 27  HOH HOH B . 
G 4 HOH 24 224 77  HOH HOH B . 
G 4 HOH 25 225 89  HOH HOH B . 
G 4 HOH 26 226 32  HOH HOH B . 
G 4 HOH 27 227 66  HOH HOH B . 
G 4 HOH 28 228 52  HOH HOH B . 
G 4 HOH 29 229 40  HOH HOH B . 
G 4 HOH 30 230 64  HOH HOH B . 
G 4 HOH 31 231 102 HOH HOH B . 
G 4 HOH 32 232 8   HOH HOH B . 
G 4 HOH 33 233 82  HOH HOH B . 
G 4 HOH 34 234 94  HOH HOH B . 
G 4 HOH 35 235 88  HOH HOH B . 
G 4 HOH 36 236 53  HOH HOH B . 
G 4 HOH 37 237 81  HOH HOH B . 
G 4 HOH 38 238 78  HOH HOH B . 
G 4 HOH 39 239 96  HOH HOH B . 
G 4 HOH 40 240 90  HOH HOH B . 
# 
loop_
_pdbx_unobs_or_zero_occ_atoms.id 
_pdbx_unobs_or_zero_occ_atoms.PDB_model_num 
_pdbx_unobs_or_zero_occ_atoms.polymer_flag 
_pdbx_unobs_or_zero_occ_atoms.occupancy_flag 
_pdbx_unobs_or_zero_occ_atoms.auth_asym_id 
_pdbx_unobs_or_zero_occ_atoms.auth_comp_id 
_pdbx_unobs_or_zero_occ_atoms.auth_seq_id 
_pdbx_unobs_or_zero_occ_atoms.PDB_ins_code 
_pdbx_unobs_or_zero_occ_atoms.auth_atom_id 
_pdbx_unobs_or_zero_occ_atoms.label_alt_id 
_pdbx_unobs_or_zero_occ_atoms.label_asym_id 
_pdbx_unobs_or_zero_occ_atoms.label_comp_id 
_pdbx_unobs_or_zero_occ_atoms.label_seq_id 
_pdbx_unobs_or_zero_occ_atoms.label_atom_id 
1  1 Y 1 A LYS 50 ? CG  ? A LYS 33 CG  
2  1 Y 1 A LYS 50 ? CD  ? A LYS 33 CD  
3  1 Y 1 A LYS 50 ? CE  ? A LYS 33 CE  
4  1 Y 1 A LYS 50 ? NZ  ? A LYS 33 NZ  
5  1 Y 1 A LYS 51 ? CG  ? A LYS 34 CG  
6  1 Y 1 A LYS 51 ? CD  ? A LYS 34 CD  
7  1 Y 1 A LYS 51 ? CE  ? A LYS 34 CE  
8  1 Y 1 A LYS 51 ? NZ  ? A LYS 34 NZ  
9  1 Y 1 A GLU 95 ? CG  ? A GLU 78 CG  
10 1 Y 1 A GLU 95 ? CD  ? A GLU 78 CD  
11 1 Y 1 A GLU 95 ? OE1 ? A GLU 78 OE1 
12 1 Y 1 A GLU 95 ? OE2 ? A GLU 78 OE2 
13 1 Y 1 B ASN 15 ? CG  ? B ASN 3  CG  
14 1 Y 1 B ASN 15 ? OD1 ? B ASN 3  OD1 
15 1 Y 1 B ASN 15 ? ND2 ? B ASN 3  ND2 
16 1 Y 1 B ARG 56 ? CG  ? B ARG 44 CG  
17 1 Y 1 B ARG 56 ? CD  ? B ARG 44 CD  
18 1 Y 1 B ARG 56 ? NE  ? B ARG 44 NE  
19 1 Y 1 B ARG 56 ? CZ  ? B ARG 44 CZ  
20 1 Y 1 B ARG 56 ? NH1 ? B ARG 44 NH1 
21 1 Y 1 B ARG 56 ? NH2 ? B ARG 44 NH2 
22 1 Y 1 B GLN 89 ? CG  ? B GLN 77 CG  
23 1 Y 1 B GLN 89 ? CD  ? B GLN 77 CD  
24 1 Y 1 B GLN 89 ? OE1 ? B GLN 77 OE1 
25 1 Y 1 B GLN 89 ? NE2 ? B GLN 77 NE2 
# 
loop_
_software.citation_id 
_software.classification 
_software.compiler_name 
_software.compiler_version 
_software.contact_author 
_software.contact_author_email 
_software.date 
_software.description 
_software.dependencies 
_software.hardware 
_software.language 
_software.location 
_software.mods 
_software.name 
_software.os 
_software.os_version 
_software.type 
_software.version 
_software.pdbx_ordinal 
? refinement       ? ? ? ? ? ? ? ? ? ? ? PHENIX  ? ? ? 1.9_1692 1 
? refinement       ? ? ? ? ? ? ? ? ? ? ? REFMAC  ? ? ? 5.8.0049 2 
? 'data reduction' ? ? ? ? ? ? ? ? ? ? ? xia2    ? ? ? .        3 
? 'data scaling'   ? ? ? ? ? ? ? ? ? ? ? Aimless ? ? ? .        4 
? phasing          ? ? ? ? ? ? ? ? ? ? ? PHASER  ? ? ? .        5 
# 
_cell.angle_alpha                  90.00 
_cell.angle_alpha_esd              ? 
_cell.angle_beta                   90.00 
_cell.angle_beta_esd               ? 
_cell.angle_gamma                  90.00 
_cell.angle_gamma_esd              ? 
_cell.entry_id                     5ELU 
_cell.details                      ? 
_cell.formula_units_Z              ? 
_cell.length_a                     41.975 
_cell.length_a_esd                 ? 
_cell.length_b                     42.264 
_cell.length_b_esd                 ? 
_cell.length_c                     113.572 
_cell.length_c_esd                 ? 
_cell.volume                       ? 
_cell.volume_esd                   ? 
_cell.Z_PDB                        4 
_cell.reciprocal_angle_alpha       ? 
_cell.reciprocal_angle_beta        ? 
_cell.reciprocal_angle_gamma       ? 
_cell.reciprocal_angle_alpha_esd   ? 
_cell.reciprocal_angle_beta_esd    ? 
_cell.reciprocal_angle_gamma_esd   ? 
_cell.reciprocal_length_a          ? 
_cell.reciprocal_length_b          ? 
_cell.reciprocal_length_c          ? 
_cell.reciprocal_length_a_esd      ? 
_cell.reciprocal_length_b_esd      ? 
_cell.reciprocal_length_c_esd      ? 
_cell.pdbx_unique_axis             ? 
# 
_symmetry.entry_id                         5ELU 
_symmetry.cell_setting                     ? 
_symmetry.Int_Tables_number                19 
_symmetry.space_group_name_Hall            ? 
_symmetry.space_group_name_H-M             'P 21 21 21' 
_symmetry.pdbx_full_space_group_name_H-M   ? 
# 
_exptl.absorpt_coefficient_mu     ? 
_exptl.absorpt_correction_T_max   ? 
_exptl.absorpt_correction_T_min   ? 
_exptl.absorpt_correction_type    ? 
_exptl.absorpt_process_details    ? 
_exptl.entry_id                   5ELU 
_exptl.crystals_number            ? 
_exptl.details                    ? 
_exptl.method                     'X-RAY DIFFRACTION' 
_exptl.method_details             ? 
# 
_exptl_crystal.colour                      ? 
_exptl_crystal.density_diffrn              ? 
_exptl_crystal.density_Matthews            2.24 
_exptl_crystal.density_method              ? 
_exptl_crystal.density_percent_sol         45.12 
_exptl_crystal.description                 ? 
_exptl_crystal.F_000                       ? 
_exptl_crystal.id                          1 
_exptl_crystal.preparation                 ? 
_exptl_crystal.size_max                    ? 
_exptl_crystal.size_mid                    ? 
_exptl_crystal.size_min                    ? 
_exptl_crystal.size_rad                    ? 
_exptl_crystal.colour_lustre               ? 
_exptl_crystal.colour_modifier             ? 
_exptl_crystal.colour_primary              ? 
_exptl_crystal.density_meas                ? 
_exptl_crystal.density_meas_esd            ? 
_exptl_crystal.density_meas_gt             ? 
_exptl_crystal.density_meas_lt             ? 
_exptl_crystal.density_meas_temp           ? 
_exptl_crystal.density_meas_temp_esd       ? 
_exptl_crystal.density_meas_temp_gt        ? 
_exptl_crystal.density_meas_temp_lt        ? 
_exptl_crystal.pdbx_crystal_image_url      ? 
_exptl_crystal.pdbx_crystal_image_format   ? 
_exptl_crystal.pdbx_mosaicity              ? 
_exptl_crystal.pdbx_mosaicity_esd          ? 
# 
_exptl_crystal_grow.apparatus       ? 
_exptl_crystal_grow.atmosphere      ? 
_exptl_crystal_grow.crystal_id      1 
_exptl_crystal_grow.details         ? 
_exptl_crystal_grow.method          'VAPOR DIFFUSION, SITTING DROP' 
_exptl_crystal_grow.method_ref      ? 
_exptl_crystal_grow.pH              6.5 
_exptl_crystal_grow.pressure        ? 
_exptl_crystal_grow.pressure_esd    ? 
_exptl_crystal_grow.seeding         ? 
_exptl_crystal_grow.seeding_ref     ? 
_exptl_crystal_grow.temp            291 
_exptl_crystal_grow.temp_details    ? 
_exptl_crystal_grow.temp_esd        ? 
_exptl_crystal_grow.time            ? 
_exptl_crystal_grow.pdbx_details    '0.1 M sodium cacodylate pH 6.5, 0.2 M sodium chloride and 2.0 M ammonium sulphate' 
_exptl_crystal_grow.pdbx_pH_range   ? 
# 
_diffrn.ambient_environment    ? 
_diffrn.ambient_temp           100 
_diffrn.ambient_temp_details   ? 
_diffrn.ambient_temp_esd       ? 
_diffrn.crystal_id             1 
_diffrn.crystal_support        ? 
_diffrn.crystal_treatment      ? 
_diffrn.details                ? 
_diffrn.id                     1 
_diffrn.ambient_pressure       ? 
_diffrn.ambient_pressure_esd   ? 
_diffrn.ambient_pressure_gt    ? 
_diffrn.ambient_pressure_lt    ? 
_diffrn.ambient_temp_gt        ? 
_diffrn.ambient_temp_lt        ? 
# 
_diffrn_detector.details                      ? 
_diffrn_detector.detector                     PIXEL 
_diffrn_detector.diffrn_id                    1 
_diffrn_detector.type                         'DECTRIS PILATUS 6M' 
_diffrn_detector.area_resol_mean              ? 
_diffrn_detector.dtime                        ? 
_diffrn_detector.pdbx_frames_total            ? 
_diffrn_detector.pdbx_collection_time_total   ? 
_diffrn_detector.pdbx_collection_date         2014-09-26 
# 
_diffrn_radiation.collimation                      ? 
_diffrn_radiation.diffrn_id                        1 
_diffrn_radiation.filter_edge                      ? 
_diffrn_radiation.inhomogeneity                    ? 
_diffrn_radiation.monochromator                    'SAGITALLY FOCUSED Si (111)' 
_diffrn_radiation.polarisn_norm                    ? 
_diffrn_radiation.polarisn_ratio                   ? 
_diffrn_radiation.probe                            ? 
_diffrn_radiation.type                             ? 
_diffrn_radiation.xray_symbol                      ? 
_diffrn_radiation.wavelength_id                    1 
_diffrn_radiation.pdbx_monochromatic_or_laue_m_l   M 
_diffrn_radiation.pdbx_wavelength_list             ? 
_diffrn_radiation.pdbx_wavelength                  ? 
_diffrn_radiation.pdbx_diffrn_protocol             'SINGLE WAVELENGTH' 
_diffrn_radiation.pdbx_analyzer                    ? 
_diffrn_radiation.pdbx_scattering_type             x-ray 
# 
_diffrn_radiation_wavelength.id           1 
_diffrn_radiation_wavelength.wavelength   0.98 
_diffrn_radiation_wavelength.wt           1.0 
# 
_diffrn_source.current                     ? 
_diffrn_source.details                     ? 
_diffrn_source.diffrn_id                   1 
_diffrn_source.power                       ? 
_diffrn_source.size                        ? 
_diffrn_source.source                      SYNCHROTRON 
_diffrn_source.target                      ? 
_diffrn_source.type                        'DIAMOND BEAMLINE I03' 
_diffrn_source.voltage                     ? 
_diffrn_source.take-off_angle              ? 
_diffrn_source.pdbx_wavelength_list        0.98 
_diffrn_source.pdbx_wavelength             ? 
_diffrn_source.pdbx_synchrotron_beamline   I03 
_diffrn_source.pdbx_synchrotron_site       Diamond 
# 
_reflns.B_iso_Wilson_estimate            19.0 
_reflns.entry_id                         5ELU 
_reflns.data_reduction_details           ? 
_reflns.data_reduction_method            ? 
_reflns.d_resolution_high                2.35 
_reflns.d_resolution_low                 28.4 
_reflns.details                          ? 
_reflns.limit_h_max                      ? 
_reflns.limit_h_min                      ? 
_reflns.limit_k_max                      ? 
_reflns.limit_k_min                      ? 
_reflns.limit_l_max                      ? 
_reflns.limit_l_min                      ? 
_reflns.number_all                       ? 
_reflns.number_obs                       8893 
_reflns.observed_criterion               ? 
_reflns.observed_criterion_F_max         ? 
_reflns.observed_criterion_F_min         ? 
_reflns.observed_criterion_I_max         ? 
_reflns.observed_criterion_I_min         ? 
_reflns.observed_criterion_sigma_F       2.0 
_reflns.observed_criterion_sigma_I       2.0 
_reflns.percent_possible_obs             99.6 
_reflns.R_free_details                   ? 
_reflns.Rmerge_F_all                     ? 
_reflns.Rmerge_F_obs                     ? 
_reflns.Friedel_coverage                 ? 
_reflns.number_gt                        ? 
_reflns.threshold_expression             ? 
_reflns.pdbx_redundancy                  5.9 
_reflns.pdbx_Rmerge_I_obs                0.043 
_reflns.pdbx_Rmerge_I_all                ? 
_reflns.pdbx_Rsym_value                  ? 
_reflns.pdbx_netI_over_av_sigmaI         ? 
_reflns.pdbx_netI_over_sigmaI            29.4 
_reflns.pdbx_res_netI_over_av_sigmaI_2   ? 
_reflns.pdbx_res_netI_over_sigmaI_2      ? 
_reflns.pdbx_chi_squared                 ? 
_reflns.pdbx_scaling_rejects             ? 
_reflns.pdbx_d_res_high_opt              ? 
_reflns.pdbx_d_res_low_opt               ? 
_reflns.pdbx_d_res_opt_method            ? 
_reflns.phase_calculation_details        ? 
_reflns.pdbx_Rrim_I_all                  ? 
_reflns.pdbx_Rpim_I_all                  ? 
_reflns.pdbx_d_opt                       ? 
_reflns.pdbx_number_measured_all         ? 
_reflns.pdbx_diffrn_id                   1 
_reflns.pdbx_ordinal                     1 
_reflns.pdbx_CC_half                     ? 
_reflns.pdbx_R_split                     ? 
# 
_reflns_shell.d_res_high                  2.35 
_reflns_shell.d_res_low                   2.44 
_reflns_shell.meanI_over_sigI_all         ? 
_reflns_shell.meanI_over_sigI_obs         11.1 
_reflns_shell.number_measured_all         ? 
_reflns_shell.number_measured_obs         ? 
_reflns_shell.number_possible             ? 
_reflns_shell.number_unique_all           ? 
_reflns_shell.number_unique_obs           ? 
_reflns_shell.percent_possible_all        96.9 
_reflns_shell.percent_possible_obs        ? 
_reflns_shell.Rmerge_F_all                ? 
_reflns_shell.Rmerge_F_obs                ? 
_reflns_shell.Rmerge_I_all                ? 
_reflns_shell.Rmerge_I_obs                0.11 
_reflns_shell.meanI_over_sigI_gt          ? 
_reflns_shell.meanI_over_uI_all           ? 
_reflns_shell.meanI_over_uI_gt            ? 
_reflns_shell.number_measured_gt          ? 
_reflns_shell.number_unique_gt            ? 
_reflns_shell.percent_possible_gt         ? 
_reflns_shell.Rmerge_F_gt                 ? 
_reflns_shell.Rmerge_I_gt                 ? 
_reflns_shell.pdbx_redundancy             4.3 
_reflns_shell.pdbx_Rsym_value             ? 
_reflns_shell.pdbx_chi_squared            ? 
_reflns_shell.pdbx_netI_over_sigmaI_all   ? 
_reflns_shell.pdbx_netI_over_sigmaI_obs   ? 
_reflns_shell.pdbx_Rrim_I_all             ? 
_reflns_shell.pdbx_Rpim_I_all             ? 
_reflns_shell.pdbx_rejects                ? 
_reflns_shell.pdbx_ordinal                1 
_reflns_shell.pdbx_diffrn_id              1 
_reflns_shell.pdbx_CC_half                ? 
_reflns_shell.pdbx_R_split                ? 
# 
_refine.aniso_B[1][1]                            ? 
_refine.aniso_B[1][2]                            ? 
_refine.aniso_B[1][3]                            ? 
_refine.aniso_B[2][2]                            ? 
_refine.aniso_B[2][3]                            ? 
_refine.aniso_B[3][3]                            ? 
_refine.B_iso_max                                ? 
_refine.B_iso_mean                               ? 
_refine.B_iso_min                                ? 
_refine.correlation_coeff_Fo_to_Fc               ? 
_refine.correlation_coeff_Fo_to_Fc_free          ? 
_refine.details                                  ? 
_refine.diff_density_max                         ? 
_refine.diff_density_max_esd                     ? 
_refine.diff_density_min                         ? 
_refine.diff_density_min_esd                     ? 
_refine.diff_density_rms                         ? 
_refine.diff_density_rms_esd                     ? 
_refine.entry_id                                 5ELU 
_refine.pdbx_refine_id                           'X-RAY DIFFRACTION' 
_refine.ls_abs_structure_details                 ? 
_refine.ls_abs_structure_Flack                   ? 
_refine.ls_abs_structure_Flack_esd               ? 
_refine.ls_abs_structure_Rogers                  ? 
_refine.ls_abs_structure_Rogers_esd              ? 
_refine.ls_d_res_high                            2.350 
_refine.ls_d_res_low                             28.393 
_refine.ls_extinction_coef                       ? 
_refine.ls_extinction_coef_esd                   ? 
_refine.ls_extinction_expression                 ? 
_refine.ls_extinction_method                     ? 
_refine.ls_goodness_of_fit_all                   ? 
_refine.ls_goodness_of_fit_all_esd               ? 
_refine.ls_goodness_of_fit_obs                   ? 
_refine.ls_goodness_of_fit_obs_esd               ? 
_refine.ls_hydrogen_treatment                    ? 
_refine.ls_matrix_type                           ? 
_refine.ls_number_constraints                    ? 
_refine.ls_number_parameters                     ? 
_refine.ls_number_reflns_all                     ? 
_refine.ls_number_reflns_obs                     16171 
_refine.ls_number_reflns_R_free                  725 
_refine.ls_number_reflns_R_work                  ? 
_refine.ls_number_restraints                     ? 
_refine.ls_percent_reflns_obs                    99.59 
_refine.ls_percent_reflns_R_free                 4.48 
_refine.ls_R_factor_all                          ? 
_refine.ls_R_factor_obs                          0.1737 
_refine.ls_R_factor_R_free                       0.2068 
_refine.ls_R_factor_R_free_error                 ? 
_refine.ls_R_factor_R_free_error_details         ? 
_refine.ls_R_factor_R_work                       0.1720 
_refine.ls_R_Fsqd_factor_obs                     ? 
_refine.ls_R_I_factor_obs                        ? 
_refine.ls_redundancy_reflns_all                 ? 
_refine.ls_redundancy_reflns_obs                 ? 
_refine.ls_restrained_S_all                      ? 
_refine.ls_restrained_S_obs                      ? 
_refine.ls_shift_over_esd_max                    ? 
_refine.ls_shift_over_esd_mean                   ? 
_refine.ls_structure_factor_coef                 ? 
_refine.ls_weighting_details                     ? 
_refine.ls_weighting_scheme                      ? 
_refine.ls_wR_factor_all                         ? 
_refine.ls_wR_factor_obs                         ? 
_refine.ls_wR_factor_R_free                      ? 
_refine.ls_wR_factor_R_work                      ? 
_refine.occupancy_max                            ? 
_refine.occupancy_min                            ? 
_refine.solvent_model_details                    'FLAT BULK SOLVENT MODEL' 
_refine.solvent_model_param_bsol                 ? 
_refine.solvent_model_param_ksol                 ? 
_refine.ls_R_factor_gt                           ? 
_refine.ls_goodness_of_fit_gt                    ? 
_refine.ls_goodness_of_fit_ref                   ? 
_refine.ls_shift_over_su_max                     ? 
_refine.ls_shift_over_su_max_lt                  ? 
_refine.ls_shift_over_su_mean                    ? 
_refine.ls_shift_over_su_mean_lt                 ? 
_refine.pdbx_ls_sigma_I                          ? 
_refine.pdbx_ls_sigma_F                          0.79 
_refine.pdbx_ls_sigma_Fsqd                       ? 
_refine.pdbx_data_cutoff_high_absF               ? 
_refine.pdbx_data_cutoff_high_rms_absF           ? 
_refine.pdbx_data_cutoff_low_absF                ? 
_refine.pdbx_isotropic_thermal_model             ? 
_refine.pdbx_ls_cross_valid_method               'FREE R-VALUE' 
_refine.pdbx_method_to_determine_struct          'MOLECULAR REPLACEMENT' 
_refine.pdbx_starting_model                      'PDB ENTRIES 1WM3 and 5ELJ' 
_refine.pdbx_stereochemistry_target_values       ML 
_refine.pdbx_R_Free_selection_details            'Random selection' 
_refine.pdbx_stereochem_target_val_spec_case     ? 
_refine.pdbx_overall_ESU_R                       ? 
_refine.pdbx_overall_ESU_R_Free                  ? 
_refine.pdbx_solvent_vdw_probe_radii             1.11 
_refine.pdbx_solvent_ion_probe_radii             ? 
_refine.pdbx_solvent_shrinkage_radii             0.90 
_refine.pdbx_real_space_R                        ? 
_refine.pdbx_density_correlation                 ? 
_refine.pdbx_pd_number_of_powder_patterns        ? 
_refine.pdbx_pd_number_of_points                 ? 
_refine.pdbx_pd_meas_number_of_points            ? 
_refine.pdbx_pd_proc_ls_prof_R_factor            ? 
_refine.pdbx_pd_proc_ls_prof_wR_factor           ? 
_refine.pdbx_pd_Marquardt_correlation_coeff      ? 
_refine.pdbx_pd_Fsqrd_R_factor                   ? 
_refine.pdbx_pd_ls_matrix_band_width             ? 
_refine.pdbx_overall_phase_error                 0.217 
_refine.pdbx_overall_SU_R_free_Cruickshank_DPI   ? 
_refine.pdbx_overall_SU_R_free_Blow_DPI          ? 
_refine.pdbx_overall_SU_R_Blow_DPI               ? 
_refine.pdbx_TLS_residual_ADP_flag               ? 
_refine.pdbx_diffrn_id                           1 
_refine.overall_SU_B                             ? 
_refine.overall_SU_ML                            0.26 
_refine.overall_SU_R_Cruickshank_DPI             ? 
_refine.overall_SU_R_free                        ? 
_refine.overall_FOM_free_R_set                   ? 
_refine.overall_FOM_work_R_set                   ? 
_refine.pdbx_average_fsc_overall                 ? 
_refine.pdbx_average_fsc_work                    ? 
_refine.pdbx_average_fsc_free                    ? 
# 
_refine_hist.pdbx_refine_id                   'X-RAY DIFFRACTION' 
_refine_hist.cycle_id                         LAST 
_refine_hist.pdbx_number_atoms_protein        1344 
_refine_hist.pdbx_number_atoms_nucleic_acid   0 
_refine_hist.pdbx_number_atoms_ligand         15 
_refine_hist.number_atoms_solvent             102 
_refine_hist.number_atoms_total               1461 
_refine_hist.d_res_high                       2.350 
_refine_hist.d_res_low                        28.393 
# 
loop_
_refine_ls_restr.pdbx_refine_id 
_refine_ls_restr.criterion 
_refine_ls_restr.dev_ideal 
_refine_ls_restr.dev_ideal_target 
_refine_ls_restr.number 
_refine_ls_restr.rejects 
_refine_ls_restr.type 
_refine_ls_restr.weight 
_refine_ls_restr.pdbx_restraint_function 
'X-RAY DIFFRACTION' ? 0.008  ? 1371 ? f_bond_d           ? ? 
'X-RAY DIFFRACTION' ? 1.028  ? 1847 ? f_angle_d          ? ? 
'X-RAY DIFFRACTION' ? 14.072 ? 516  ? f_dihedral_angle_d ? ? 
'X-RAY DIFFRACTION' ? 0.039  ? 203  ? f_chiral_restr     ? ? 
'X-RAY DIFFRACTION' ? 0.004  ? 239  ? f_plane_restr      ? ? 
# 
loop_
_refine_ls_shell.pdbx_refine_id 
_refine_ls_shell.d_res_high 
_refine_ls_shell.d_res_low 
_refine_ls_shell.number_reflns_all 
_refine_ls_shell.number_reflns_obs 
_refine_ls_shell.number_reflns_R_free 
_refine_ls_shell.number_reflns_R_work 
_refine_ls_shell.percent_reflns_obs 
_refine_ls_shell.percent_reflns_R_free 
_refine_ls_shell.R_factor_all 
_refine_ls_shell.R_factor_obs 
_refine_ls_shell.R_factor_R_free 
_refine_ls_shell.R_factor_R_free_error 
_refine_ls_shell.R_factor_R_work 
_refine_ls_shell.redundancy_reflns_all 
_refine_ls_shell.redundancy_reflns_obs 
_refine_ls_shell.wR_factor_all 
_refine_ls_shell.wR_factor_obs 
_refine_ls_shell.wR_factor_R_free 
_refine_ls_shell.wR_factor_R_work 
_refine_ls_shell.pdbx_total_number_of_bins_used 
_refine_ls_shell.pdbx_phase_error 
_refine_ls_shell.pdbx_fsc_work 
_refine_ls_shell.pdbx_fsc_free 
'X-RAY DIFFRACTION' 2.3500 2.5314  . . 123 3060 98.00  . . . 0.2588 . 0.2020 . . . . . . . . . . 
'X-RAY DIFFRACTION' 2.5314 2.7859  . . 172 3096 100.00 . . . 0.2565 . 0.1912 . . . . . . . . . . 
'X-RAY DIFFRACTION' 2.7859 3.1886  . . 129 3097 100.00 . . . 0.2378 . 0.1824 . . . . . . . . . . 
'X-RAY DIFFRACTION' 3.1886 4.0155  . . 168 3074 100.00 . . . 0.1836 . 0.1566 . . . . . . . . . . 
'X-RAY DIFFRACTION' 4.0155 28.3951 . . 133 3119 100.00 . . . 0.1730 . 0.1604 . . . . . . . . . . 
# 
_struct.entry_id                     5ELU 
_struct.title                        'Isoform-specific inhibition of SUMO-dependent protein-protein interactions' 
_struct.pdbx_model_details           ? 
_struct.pdbx_formula_weight          ? 
_struct.pdbx_formula_weight_method   ? 
_struct.pdbx_model_type_details      ? 
_struct.pdbx_CASP_flag               ? 
# 
_struct_keywords.entry_id        5ELU 
_struct_keywords.text            'Ubiquitin, Sumoylation, signaling protein' 
_struct_keywords.pdbx_keywords   'SIGNALING PROTEIN' 
# 
loop_
_struct_asym.id 
_struct_asym.pdbx_blank_PDB_chainid_flag 
_struct_asym.pdbx_modified 
_struct_asym.entity_id 
_struct_asym.details 
A N N 1 ? 
B N N 2 ? 
C N N 3 ? 
D N N 3 ? 
E N N 3 ? 
F N N 4 ? 
G N N 4 ? 
# 
loop_
_struct_ref.id 
_struct_ref.db_name 
_struct_ref.db_code 
_struct_ref.pdbx_db_accession 
_struct_ref.pdbx_db_isoform 
_struct_ref.entity_id 
_struct_ref.pdbx_seq_one_letter_code 
_struct_ref.pdbx_align_begin 
1 PDB 5ELU        5ELU   ? 1 ?                                                                            1  
2 UNP SUMO2_HUMAN P61956 ? 2 NNDHINLKVAGQDGSVVQFKIKRHTPLSKLMKAYCERQGLSMRQIRFRFDGQPINETDTPAQLEMEDEDTIDVFQQ 14 
# 
loop_
_struct_ref_seq.align_id 
_struct_ref_seq.ref_id 
_struct_ref_seq.pdbx_PDB_id_code 
_struct_ref_seq.pdbx_strand_id 
_struct_ref_seq.seq_align_beg 
_struct_ref_seq.pdbx_seq_align_beg_ins_code 
_struct_ref_seq.seq_align_end 
_struct_ref_seq.pdbx_seq_align_end_ins_code 
_struct_ref_seq.pdbx_db_accession 
_struct_ref_seq.db_align_beg 
_struct_ref_seq.pdbx_db_align_beg_ins_code 
_struct_ref_seq.db_align_end 
_struct_ref_seq.pdbx_db_align_end_ins_code 
_struct_ref_seq.pdbx_auth_seq_align_beg 
_struct_ref_seq.pdbx_auth_seq_align_end 
1 1 5ELU A 1 ? 118 ? 5ELU   18 ? 135 ? 18 135 
2 2 5ELU B 2 ? 77  ? P61956 14 ? 89  ? 14 89  
# 
_struct_ref_seq_dif.align_id                     2 
_struct_ref_seq_dif.pdbx_pdb_id_code             5ELU 
_struct_ref_seq_dif.mon_id                       MET 
_struct_ref_seq_dif.pdbx_pdb_strand_id           B 
_struct_ref_seq_dif.seq_num                      1 
_struct_ref_seq_dif.pdbx_pdb_ins_code            ? 
_struct_ref_seq_dif.pdbx_seq_db_name             UNP 
_struct_ref_seq_dif.pdbx_seq_db_accession_code   P61956 
_struct_ref_seq_dif.db_mon_id                    ? 
_struct_ref_seq_dif.pdbx_seq_db_seq_num          ? 
_struct_ref_seq_dif.details                      'initiating methionine' 
_struct_ref_seq_dif.pdbx_auth_seq_num            13 
_struct_ref_seq_dif.pdbx_ordinal                 1 
# 
_pdbx_struct_assembly.id                   1 
_pdbx_struct_assembly.details              software_defined_assembly 
_pdbx_struct_assembly.method_details       PISA 
_pdbx_struct_assembly.oligomeric_details   dimeric 
_pdbx_struct_assembly.oligomeric_count     2 
# 
loop_
_pdbx_struct_assembly_prop.biol_id 
_pdbx_struct_assembly_prop.type 
_pdbx_struct_assembly_prop.value 
_pdbx_struct_assembly_prop.details 
1 'ABSA (A^2)' 1960 ? 
1 MORE         -33  ? 
1 'SSA (A^2)'  9470 ? 
# 
_pdbx_struct_assembly_gen.assembly_id       1 
_pdbx_struct_assembly_gen.oper_expression   1 
_pdbx_struct_assembly_gen.asym_id_list      A,B,C,D,E,F,G 
# 
_pdbx_struct_oper_list.id                   1 
_pdbx_struct_oper_list.type                 'identity operation' 
_pdbx_struct_oper_list.name                 1_555 
_pdbx_struct_oper_list.symmetry_operation   x,y,z 
_pdbx_struct_oper_list.matrix[1][1]         1.0000000000 
_pdbx_struct_oper_list.matrix[1][2]         0.0000000000 
_pdbx_struct_oper_list.matrix[1][3]         0.0000000000 
_pdbx_struct_oper_list.vector[1]            0.0000000000 
_pdbx_struct_oper_list.matrix[2][1]         0.0000000000 
_pdbx_struct_oper_list.matrix[2][2]         1.0000000000 
_pdbx_struct_oper_list.matrix[2][3]         0.0000000000 
_pdbx_struct_oper_list.vector[2]            0.0000000000 
_pdbx_struct_oper_list.matrix[3][1]         0.0000000000 
_pdbx_struct_oper_list.matrix[3][2]         0.0000000000 
_pdbx_struct_oper_list.matrix[3][3]         1.0000000000 
_pdbx_struct_oper_list.vector[3]            0.0000000000 
# 
loop_
_struct_conf.conf_type_id 
_struct_conf.id 
_struct_conf.pdbx_PDB_helix_id 
_struct_conf.beg_label_comp_id 
_struct_conf.beg_label_asym_id 
_struct_conf.beg_label_seq_id 
_struct_conf.pdbx_beg_PDB_ins_code 
_struct_conf.end_label_comp_id 
_struct_conf.end_label_asym_id 
_struct_conf.end_label_seq_id 
_struct_conf.pdbx_end_PDB_ins_code 
_struct_conf.beg_auth_comp_id 
_struct_conf.beg_auth_asym_id 
_struct_conf.beg_auth_seq_id 
_struct_conf.end_auth_comp_id 
_struct_conf.end_auth_asym_id 
_struct_conf.end_auth_seq_id 
_struct_conf.pdbx_PDB_helix_class 
_struct_conf.details 
_struct_conf.pdbx_PDB_helix_length 
HELX_P HELX_P1 AA1 SER A 17 ? ASN A 36 ? SER A 34  ASN A 53  1 ? 20 
HELX_P HELX_P2 AA2 LEU A 87 ? LEU A 91 ? LEU A 104 LEU A 108 5 ? 5  
HELX_P HELX_P3 AA3 LEU B 28 ? GLY B 40 ? LEU B 40  GLY B 52  1 ? 13 
# 
_struct_conf_type.id          HELX_P 
_struct_conf_type.criteria    ? 
_struct_conf_type.reference   ? 
# 
_struct_mon_prot_cis.pdbx_id                1 
_struct_mon_prot_cis.label_comp_id          PHE 
_struct_mon_prot_cis.label_seq_id           56 
_struct_mon_prot_cis.label_asym_id          A 
_struct_mon_prot_cis.label_alt_id           . 
_struct_mon_prot_cis.pdbx_PDB_ins_code      ? 
_struct_mon_prot_cis.auth_comp_id           PHE 
_struct_mon_prot_cis.auth_seq_id            73 
_struct_mon_prot_cis.auth_asym_id           A 
_struct_mon_prot_cis.pdbx_label_comp_id_2   PRO 
_struct_mon_prot_cis.pdbx_label_seq_id_2    57 
_struct_mon_prot_cis.pdbx_label_asym_id_2   A 
_struct_mon_prot_cis.pdbx_PDB_ins_code_2    ? 
_struct_mon_prot_cis.pdbx_auth_comp_id_2    PRO 
_struct_mon_prot_cis.pdbx_auth_seq_id_2     74 
_struct_mon_prot_cis.pdbx_auth_asym_id_2    A 
_struct_mon_prot_cis.pdbx_PDB_model_num     1 
_struct_mon_prot_cis.pdbx_omega_angle       -5.68 
# 
_struct_sheet.id               AA1 
_struct_sheet.type             ? 
_struct_sheet.number_strands   9 
_struct_sheet.details          ? 
# 
loop_
_struct_sheet_order.sheet_id 
_struct_sheet_order.range_id_1 
_struct_sheet_order.range_id_2 
_struct_sheet_order.offset 
_struct_sheet_order.sense 
AA1 1 2 ? anti-parallel 
AA1 2 3 ? anti-parallel 
AA1 3 4 ? anti-parallel 
AA1 4 5 ? parallel      
AA1 5 6 ? anti-parallel 
AA1 6 7 ? parallel      
AA1 7 8 ? anti-parallel 
AA1 8 9 ? anti-parallel 
# 
loop_
_struct_sheet_range.sheet_id 
_struct_sheet_range.id 
_struct_sheet_range.beg_label_comp_id 
_struct_sheet_range.beg_label_asym_id 
_struct_sheet_range.beg_label_seq_id 
_struct_sheet_range.pdbx_beg_PDB_ins_code 
_struct_sheet_range.end_label_comp_id 
_struct_sheet_range.end_label_asym_id 
_struct_sheet_range.end_label_seq_id 
_struct_sheet_range.pdbx_end_PDB_ins_code 
_struct_sheet_range.beg_auth_comp_id 
_struct_sheet_range.beg_auth_asym_id 
_struct_sheet_range.beg_auth_seq_id 
_struct_sheet_range.end_auth_comp_id 
_struct_sheet_range.end_auth_asym_id 
_struct_sheet_range.end_auth_seq_id 
AA1 1 LYS A 96 ? PRO A 103 ? LYS A 113 PRO A 120 
AA1 2 LYS A 73 ? VAL A 83  ? LYS A 90  VAL A 100 
AA1 3 THR A 59 ? ASP A 70  ? THR A 76  ASP A 87  
AA1 4 GLU A 40 ? ASP A 52  ? GLU A 57  ASP A 69  
AA1 5 VAL B 17 ? LYS B 23  ? VAL B 29  LYS B 35  
AA1 6 HIS B 5  ? GLY B 12  ? HIS B 17  GLY B 24  
AA1 7 THR B 71 ? GLN B 76  ? THR B 83  GLN B 88  
AA1 8 ILE B 46 ? PHE B 50  ? ILE B 58  PHE B 62  
AA1 9 GLN B 53 ? PRO B 54  ? GLN B 65  PRO B 66  
# 
loop_
_pdbx_struct_sheet_hbond.sheet_id 
_pdbx_struct_sheet_hbond.range_id_1 
_pdbx_struct_sheet_hbond.range_id_2 
_pdbx_struct_sheet_hbond.range_1_label_atom_id 
_pdbx_struct_sheet_hbond.range_1_label_comp_id 
_pdbx_struct_sheet_hbond.range_1_label_asym_id 
_pdbx_struct_sheet_hbond.range_1_label_seq_id 
_pdbx_struct_sheet_hbond.range_1_PDB_ins_code 
_pdbx_struct_sheet_hbond.range_1_auth_atom_id 
_pdbx_struct_sheet_hbond.range_1_auth_comp_id 
_pdbx_struct_sheet_hbond.range_1_auth_asym_id 
_pdbx_struct_sheet_hbond.range_1_auth_seq_id 
_pdbx_struct_sheet_hbond.range_2_label_atom_id 
_pdbx_struct_sheet_hbond.range_2_label_comp_id 
_pdbx_struct_sheet_hbond.range_2_label_asym_id 
_pdbx_struct_sheet_hbond.range_2_label_seq_id 
_pdbx_struct_sheet_hbond.range_2_PDB_ins_code 
_pdbx_struct_sheet_hbond.range_2_auth_atom_id 
_pdbx_struct_sheet_hbond.range_2_auth_comp_id 
_pdbx_struct_sheet_hbond.range_2_auth_asym_id 
_pdbx_struct_sheet_hbond.range_2_auth_seq_id 
AA1 1 2 O LYS A 102 ? O LYS A 119 N GLU A 78 ? N GLU A 95 
AA1 2 3 O LYS A 73  ? O LYS A 90  N ASP A 70 ? N ASP A 87 
AA1 3 4 O GLU A 67  ? O GLU A 84  N ARG A 43 ? N ARG A 60 
AA1 4 5 N GLU A 49  ? N GLU A 66  O GLN B 19 ? O GLN B 31 
AA1 5 6 O VAL B 18  ? O VAL B 30  N VAL B 10 ? N VAL B 22 
AA1 6 7 N LYS B 9   ? N LYS B 21  O ILE B 72 ? O ILE B 84 
AA1 7 8 O PHE B 75  ? O PHE B 87  N ARG B 47 ? N ARG B 59 
AA1 8 9 N PHE B 50  ? N PHE B 62  O GLN B 53 ? O GLN B 65 
# 
loop_
_struct_site.id 
_struct_site.pdbx_evidence_code 
_struct_site.pdbx_auth_asym_id 
_struct_site.pdbx_auth_comp_id 
_struct_site.pdbx_auth_seq_id 
_struct_site.pdbx_auth_ins_code 
_struct_site.pdbx_num_residues 
_struct_site.details 
AC1 Software A SO4 201 ? 2 'binding site for residue SO4 A 201' 
AC2 Software B SO4 101 ? 4 'binding site for residue SO4 B 101' 
AC3 Software B SO4 102 ? 2 'binding site for residue SO4 B 102' 
# 
loop_
_struct_site_gen.id 
_struct_site_gen.site_id 
_struct_site_gen.pdbx_num_res 
_struct_site_gen.label_comp_id 
_struct_site_gen.label_asym_id 
_struct_site_gen.label_seq_id 
_struct_site_gen.pdbx_auth_ins_code 
_struct_site_gen.auth_comp_id 
_struct_site_gen.auth_asym_id 
_struct_site_gen.auth_seq_id 
_struct_site_gen.label_atom_id 
_struct_site_gen.label_alt_id 
_struct_site_gen.symmetry 
_struct_site_gen.details 
1 AC1 2 TYR A 63 ? TYR A 80  . ? 1_555 ? 
2 AC1 2 LYS A 80 ? LYS A 97  . ? 1_555 ? 
3 AC2 4 ARG A 55 ? ARG A 72  . ? 1_555 ? 
4 AC2 4 HIS B 5  ? HIS B 17  . ? 1_555 ? 
5 AC2 4 LYS B 21 ? LYS B 33  . ? 1_555 ? 
6 AC2 4 HOH G .  ? HOH B 231 . ? 1_555 ? 
7 AC3 2 ASN A 36 ? ASN A 53  . ? 2_555 ? 
8 AC3 2 ARG B 49 ? ARG B 61  . ? 1_555 ? 
# 
loop_
_pdbx_unobs_or_zero_occ_residues.id 
_pdbx_unobs_or_zero_occ_residues.PDB_model_num 
_pdbx_unobs_or_zero_occ_residues.polymer_flag 
_pdbx_unobs_or_zero_occ_residues.occupancy_flag 
_pdbx_unobs_or_zero_occ_residues.auth_asym_id 
_pdbx_unobs_or_zero_occ_residues.auth_comp_id 
_pdbx_unobs_or_zero_occ_residues.auth_seq_id 
_pdbx_unobs_or_zero_occ_residues.PDB_ins_code 
_pdbx_unobs_or_zero_occ_residues.label_asym_id 
_pdbx_unobs_or_zero_occ_residues.label_comp_id 
_pdbx_unobs_or_zero_occ_residues.label_seq_id 
1  1 Y 1 A MET 18  ? A MET 1   
2  1 Y 1 A ALA 19  ? A ALA 2   
3  1 Y 1 A SER 20  ? A SER 3   
4  1 Y 1 A ALA 21  ? A ALA 4   
5  1 Y 1 A ALA 22  ? A ALA 5   
6  1 Y 1 A THR 23  ? A THR 6   
7  1 Y 1 A GLY 24  ? A GLY 7   
8  1 Y 1 A VAL 25  ? A VAL 8   
9  1 Y 1 A ARG 26  ? A ARG 9   
10 1 Y 1 A ALA 27  ? A ALA 10  
11 1 Y 1 A VAL 28  ? A VAL 11  
12 1 Y 1 A PRO 29  ? A PRO 12  
13 1 Y 1 A GLY 30  ? A GLY 13  
14 1 Y 1 A GLY 122 ? A GLY 105 
15 1 Y 1 A ASP 123 ? A ASP 106 
16 1 Y 1 A ALA 124 ? A ALA 107 
17 1 Y 1 A ALA 125 ? A ALA 108 
18 1 Y 1 A ALA 126 ? A ALA 109 
19 1 Y 1 A ALA 127 ? A ALA 110 
20 1 Y 1 A HIS 128 ? A HIS 111 
21 1 Y 1 A HIS 129 ? A HIS 112 
22 1 Y 1 A HIS 130 ? A HIS 113 
23 1 Y 1 A HIS 131 ? A HIS 114 
24 1 Y 1 A HIS 132 ? A HIS 115 
25 1 Y 1 A HIS 133 ? A HIS 116 
26 1 Y 1 A HIS 134 ? A HIS 117 
27 1 Y 1 A HIS 135 ? A HIS 118 
28 1 Y 1 B MET 13  ? B MET 1   
29 1 Y 1 B ASN 14  ? B ASN 2   
# 
loop_
_chem_comp_atom.comp_id 
_chem_comp_atom.atom_id 
_chem_comp_atom.type_symbol 
_chem_comp_atom.pdbx_aromatic_flag 
_chem_comp_atom.pdbx_stereo_config 
_chem_comp_atom.pdbx_ordinal 
ALA N    N N N 1   
ALA CA   C N S 2   
ALA C    C N N 3   
ALA O    O N N 4   
ALA CB   C N N 5   
ALA OXT  O N N 6   
ALA H    H N N 7   
ALA H2   H N N 8   
ALA HA   H N N 9   
ALA HB1  H N N 10  
ALA HB2  H N N 11  
ALA HB3  H N N 12  
ALA HXT  H N N 13  
ARG N    N N N 14  
ARG CA   C N S 15  
ARG C    C N N 16  
ARG O    O N N 17  
ARG CB   C N N 18  
ARG CG   C N N 19  
ARG CD   C N N 20  
ARG NE   N N N 21  
ARG CZ   C N N 22  
ARG NH1  N N N 23  
ARG NH2  N N N 24  
ARG OXT  O N N 25  
ARG H    H N N 26  
ARG H2   H N N 27  
ARG HA   H N N 28  
ARG HB2  H N N 29  
ARG HB3  H N N 30  
ARG HG2  H N N 31  
ARG HG3  H N N 32  
ARG HD2  H N N 33  
ARG HD3  H N N 34  
ARG HE   H N N 35  
ARG HH11 H N N 36  
ARG HH12 H N N 37  
ARG HH21 H N N 38  
ARG HH22 H N N 39  
ARG HXT  H N N 40  
ASN N    N N N 41  
ASN CA   C N S 42  
ASN C    C N N 43  
ASN O    O N N 44  
ASN CB   C N N 45  
ASN CG   C N N 46  
ASN OD1  O N N 47  
ASN ND2  N N N 48  
ASN OXT  O N N 49  
ASN H    H N N 50  
ASN H2   H N N 51  
ASN HA   H N N 52  
ASN HB2  H N N 53  
ASN HB3  H N N 54  
ASN HD21 H N N 55  
ASN HD22 H N N 56  
ASN HXT  H N N 57  
ASP N    N N N 58  
ASP CA   C N S 59  
ASP C    C N N 60  
ASP O    O N N 61  
ASP CB   C N N 62  
ASP CG   C N N 63  
ASP OD1  O N N 64  
ASP OD2  O N N 65  
ASP OXT  O N N 66  
ASP H    H N N 67  
ASP H2   H N N 68  
ASP HA   H N N 69  
ASP HB2  H N N 70  
ASP HB3  H N N 71  
ASP HD2  H N N 72  
ASP HXT  H N N 73  
CYS N    N N N 74  
CYS CA   C N R 75  
CYS C    C N N 76  
CYS O    O N N 77  
CYS CB   C N N 78  
CYS SG   S N N 79  
CYS OXT  O N N 80  
CYS H    H N N 81  
CYS H2   H N N 82  
CYS HA   H N N 83  
CYS HB2  H N N 84  
CYS HB3  H N N 85  
CYS HG   H N N 86  
CYS HXT  H N N 87  
GLN N    N N N 88  
GLN CA   C N S 89  
GLN C    C N N 90  
GLN O    O N N 91  
GLN CB   C N N 92  
GLN CG   C N N 93  
GLN CD   C N N 94  
GLN OE1  O N N 95  
GLN NE2  N N N 96  
GLN OXT  O N N 97  
GLN H    H N N 98  
GLN H2   H N N 99  
GLN HA   H N N 100 
GLN HB2  H N N 101 
GLN HB3  H N N 102 
GLN HG2  H N N 103 
GLN HG3  H N N 104 
GLN HE21 H N N 105 
GLN HE22 H N N 106 
GLN HXT  H N N 107 
GLU N    N N N 108 
GLU CA   C N S 109 
GLU C    C N N 110 
GLU O    O N N 111 
GLU CB   C N N 112 
GLU CG   C N N 113 
GLU CD   C N N 114 
GLU OE1  O N N 115 
GLU OE2  O N N 116 
GLU OXT  O N N 117 
GLU H    H N N 118 
GLU H2   H N N 119 
GLU HA   H N N 120 
GLU HB2  H N N 121 
GLU HB3  H N N 122 
GLU HG2  H N N 123 
GLU HG3  H N N 124 
GLU HE2  H N N 125 
GLU HXT  H N N 126 
GLY N    N N N 127 
GLY CA   C N N 128 
GLY C    C N N 129 
GLY O    O N N 130 
GLY OXT  O N N 131 
GLY H    H N N 132 
GLY H2   H N N 133 
GLY HA2  H N N 134 
GLY HA3  H N N 135 
GLY HXT  H N N 136 
HIS N    N N N 137 
HIS CA   C N S 138 
HIS C    C N N 139 
HIS O    O N N 140 
HIS CB   C N N 141 
HIS CG   C Y N 142 
HIS ND1  N Y N 143 
HIS CD2  C Y N 144 
HIS CE1  C Y N 145 
HIS NE2  N Y N 146 
HIS OXT  O N N 147 
HIS H    H N N 148 
HIS H2   H N N 149 
HIS HA   H N N 150 
HIS HB2  H N N 151 
HIS HB3  H N N 152 
HIS HD1  H N N 153 
HIS HD2  H N N 154 
HIS HE1  H N N 155 
HIS HE2  H N N 156 
HIS HXT  H N N 157 
HOH O    O N N 158 
HOH H1   H N N 159 
HOH H2   H N N 160 
ILE N    N N N 161 
ILE CA   C N S 162 
ILE C    C N N 163 
ILE O    O N N 164 
ILE CB   C N S 165 
ILE CG1  C N N 166 
ILE CG2  C N N 167 
ILE CD1  C N N 168 
ILE OXT  O N N 169 
ILE H    H N N 170 
ILE H2   H N N 171 
ILE HA   H N N 172 
ILE HB   H N N 173 
ILE HG12 H N N 174 
ILE HG13 H N N 175 
ILE HG21 H N N 176 
ILE HG22 H N N 177 
ILE HG23 H N N 178 
ILE HD11 H N N 179 
ILE HD12 H N N 180 
ILE HD13 H N N 181 
ILE HXT  H N N 182 
LEU N    N N N 183 
LEU CA   C N S 184 
LEU C    C N N 185 
LEU O    O N N 186 
LEU CB   C N N 187 
LEU CG   C N N 188 
LEU CD1  C N N 189 
LEU CD2  C N N 190 
LEU OXT  O N N 191 
LEU H    H N N 192 
LEU H2   H N N 193 
LEU HA   H N N 194 
LEU HB2  H N N 195 
LEU HB3  H N N 196 
LEU HG   H N N 197 
LEU HD11 H N N 198 
LEU HD12 H N N 199 
LEU HD13 H N N 200 
LEU HD21 H N N 201 
LEU HD22 H N N 202 
LEU HD23 H N N 203 
LEU HXT  H N N 204 
LYS N    N N N 205 
LYS CA   C N S 206 
LYS C    C N N 207 
LYS O    O N N 208 
LYS CB   C N N 209 
LYS CG   C N N 210 
LYS CD   C N N 211 
LYS CE   C N N 212 
LYS NZ   N N N 213 
LYS OXT  O N N 214 
LYS H    H N N 215 
LYS H2   H N N 216 
LYS HA   H N N 217 
LYS HB2  H N N 218 
LYS HB3  H N N 219 
LYS HG2  H N N 220 
LYS HG3  H N N 221 
LYS HD2  H N N 222 
LYS HD3  H N N 223 
LYS HE2  H N N 224 
LYS HE3  H N N 225 
LYS HZ1  H N N 226 
LYS HZ2  H N N 227 
LYS HZ3  H N N 228 
LYS HXT  H N N 229 
MET N    N N N 230 
MET CA   C N S 231 
MET C    C N N 232 
MET O    O N N 233 
MET CB   C N N 234 
MET CG   C N N 235 
MET SD   S N N 236 
MET CE   C N N 237 
MET OXT  O N N 238 
MET H    H N N 239 
MET H2   H N N 240 
MET HA   H N N 241 
MET HB2  H N N 242 
MET HB3  H N N 243 
MET HG2  H N N 244 
MET HG3  H N N 245 
MET HE1  H N N 246 
MET HE2  H N N 247 
MET HE3  H N N 248 
MET HXT  H N N 249 
PHE N    N N N 250 
PHE CA   C N S 251 
PHE C    C N N 252 
PHE O    O N N 253 
PHE CB   C N N 254 
PHE CG   C Y N 255 
PHE CD1  C Y N 256 
PHE CD2  C Y N 257 
PHE CE1  C Y N 258 
PHE CE2  C Y N 259 
PHE CZ   C Y N 260 
PHE OXT  O N N 261 
PHE H    H N N 262 
PHE H2   H N N 263 
PHE HA   H N N 264 
PHE HB2  H N N 265 
PHE HB3  H N N 266 
PHE HD1  H N N 267 
PHE HD2  H N N 268 
PHE HE1  H N N 269 
PHE HE2  H N N 270 
PHE HZ   H N N 271 
PHE HXT  H N N 272 
PRO N    N N N 273 
PRO CA   C N S 274 
PRO C    C N N 275 
PRO O    O N N 276 
PRO CB   C N N 277 
PRO CG   C N N 278 
PRO CD   C N N 279 
PRO OXT  O N N 280 
PRO H    H N N 281 
PRO HA   H N N 282 
PRO HB2  H N N 283 
PRO HB3  H N N 284 
PRO HG2  H N N 285 
PRO HG3  H N N 286 
PRO HD2  H N N 287 
PRO HD3  H N N 288 
PRO HXT  H N N 289 
SER N    N N N 290 
SER CA   C N S 291 
SER C    C N N 292 
SER O    O N N 293 
SER CB   C N N 294 
SER OG   O N N 295 
SER OXT  O N N 296 
SER H    H N N 297 
SER H2   H N N 298 
SER HA   H N N 299 
SER HB2  H N N 300 
SER HB3  H N N 301 
SER HG   H N N 302 
SER HXT  H N N 303 
SO4 S    S N N 304 
SO4 O1   O N N 305 
SO4 O2   O N N 306 
SO4 O3   O N N 307 
SO4 O4   O N N 308 
THR N    N N N 309 
THR CA   C N S 310 
THR C    C N N 311 
THR O    O N N 312 
THR CB   C N R 313 
THR OG1  O N N 314 
THR CG2  C N N 315 
THR OXT  O N N 316 
THR H    H N N 317 
THR H2   H N N 318 
THR HA   H N N 319 
THR HB   H N N 320 
THR HG1  H N N 321 
THR HG21 H N N 322 
THR HG22 H N N 323 
THR HG23 H N N 324 
THR HXT  H N N 325 
TRP N    N N N 326 
TRP CA   C N S 327 
TRP C    C N N 328 
TRP O    O N N 329 
TRP CB   C N N 330 
TRP CG   C Y N 331 
TRP CD1  C Y N 332 
TRP CD2  C Y N 333 
TRP NE1  N Y N 334 
TRP CE2  C Y N 335 
TRP CE3  C Y N 336 
TRP CZ2  C Y N 337 
TRP CZ3  C Y N 338 
TRP CH2  C Y N 339 
TRP OXT  O N N 340 
TRP H    H N N 341 
TRP H2   H N N 342 
TRP HA   H N N 343 
TRP HB2  H N N 344 
TRP HB3  H N N 345 
TRP HD1  H N N 346 
TRP HE1  H N N 347 
TRP HE3  H N N 348 
TRP HZ2  H N N 349 
TRP HZ3  H N N 350 
TRP HH2  H N N 351 
TRP HXT  H N N 352 
TYR N    N N N 353 
TYR CA   C N S 354 
TYR C    C N N 355 
TYR O    O N N 356 
TYR CB   C N N 357 
TYR CG   C Y N 358 
TYR CD1  C Y N 359 
TYR CD2  C Y N 360 
TYR CE1  C Y N 361 
TYR CE2  C Y N 362 
TYR CZ   C Y N 363 
TYR OH   O N N 364 
TYR OXT  O N N 365 
TYR H    H N N 366 
TYR H2   H N N 367 
TYR HA   H N N 368 
TYR HB2  H N N 369 
TYR HB3  H N N 370 
TYR HD1  H N N 371 
TYR HD2  H N N 372 
TYR HE1  H N N 373 
TYR HE2  H N N 374 
TYR HH   H N N 375 
TYR HXT  H N N 376 
VAL N    N N N 377 
VAL CA   C N S 378 
VAL C    C N N 379 
VAL O    O N N 380 
VAL CB   C N N 381 
VAL CG1  C N N 382 
VAL CG2  C N N 383 
VAL OXT  O N N 384 
VAL H    H N N 385 
VAL H2   H N N 386 
VAL HA   H N N 387 
VAL HB   H N N 388 
VAL HG11 H N N 389 
VAL HG12 H N N 390 
VAL HG13 H N N 391 
VAL HG21 H N N 392 
VAL HG22 H N N 393 
VAL HG23 H N N 394 
VAL HXT  H N N 395 
# 
loop_
_chem_comp_bond.comp_id 
_chem_comp_bond.atom_id_1 
_chem_comp_bond.atom_id_2 
_chem_comp_bond.value_order 
_chem_comp_bond.pdbx_aromatic_flag 
_chem_comp_bond.pdbx_stereo_config 
_chem_comp_bond.pdbx_ordinal 
ALA N   CA   sing N N 1   
ALA N   H    sing N N 2   
ALA N   H2   sing N N 3   
ALA CA  C    sing N N 4   
ALA CA  CB   sing N N 5   
ALA CA  HA   sing N N 6   
ALA C   O    doub N N 7   
ALA C   OXT  sing N N 8   
ALA CB  HB1  sing N N 9   
ALA CB  HB2  sing N N 10  
ALA CB  HB3  sing N N 11  
ALA OXT HXT  sing N N 12  
ARG N   CA   sing N N 13  
ARG N   H    sing N N 14  
ARG N   H2   sing N N 15  
ARG CA  C    sing N N 16  
ARG CA  CB   sing N N 17  
ARG CA  HA   sing N N 18  
ARG C   O    doub N N 19  
ARG C   OXT  sing N N 20  
ARG CB  CG   sing N N 21  
ARG CB  HB2  sing N N 22  
ARG CB  HB3  sing N N 23  
ARG CG  CD   sing N N 24  
ARG CG  HG2  sing N N 25  
ARG CG  HG3  sing N N 26  
ARG CD  NE   sing N N 27  
ARG CD  HD2  sing N N 28  
ARG CD  HD3  sing N N 29  
ARG NE  CZ   sing N N 30  
ARG NE  HE   sing N N 31  
ARG CZ  NH1  sing N N 32  
ARG CZ  NH2  doub N N 33  
ARG NH1 HH11 sing N N 34  
ARG NH1 HH12 sing N N 35  
ARG NH2 HH21 sing N N 36  
ARG NH2 HH22 sing N N 37  
ARG OXT HXT  sing N N 38  
ASN N   CA   sing N N 39  
ASN N   H    sing N N 40  
ASN N   H2   sing N N 41  
ASN CA  C    sing N N 42  
ASN CA  CB   sing N N 43  
ASN CA  HA   sing N N 44  
ASN C   O    doub N N 45  
ASN C   OXT  sing N N 46  
ASN CB  CG   sing N N 47  
ASN CB  HB2  sing N N 48  
ASN CB  HB3  sing N N 49  
ASN CG  OD1  doub N N 50  
ASN CG  ND2  sing N N 51  
ASN ND2 HD21 sing N N 52  
ASN ND2 HD22 sing N N 53  
ASN OXT HXT  sing N N 54  
ASP N   CA   sing N N 55  
ASP N   H    sing N N 56  
ASP N   H2   sing N N 57  
ASP CA  C    sing N N 58  
ASP CA  CB   sing N N 59  
ASP CA  HA   sing N N 60  
ASP C   O    doub N N 61  
ASP C   OXT  sing N N 62  
ASP CB  CG   sing N N 63  
ASP CB  HB2  sing N N 64  
ASP CB  HB3  sing N N 65  
ASP CG  OD1  doub N N 66  
ASP CG  OD2  sing N N 67  
ASP OD2 HD2  sing N N 68  
ASP OXT HXT  sing N N 69  
CYS N   CA   sing N N 70  
CYS N   H    sing N N 71  
CYS N   H2   sing N N 72  
CYS CA  C    sing N N 73  
CYS CA  CB   sing N N 74  
CYS CA  HA   sing N N 75  
CYS C   O    doub N N 76  
CYS C   OXT  sing N N 77  
CYS CB  SG   sing N N 78  
CYS CB  HB2  sing N N 79  
CYS CB  HB3  sing N N 80  
CYS SG  HG   sing N N 81  
CYS OXT HXT  sing N N 82  
GLN N   CA   sing N N 83  
GLN N   H    sing N N 84  
GLN N   H2   sing N N 85  
GLN CA  C    sing N N 86  
GLN CA  CB   sing N N 87  
GLN CA  HA   sing N N 88  
GLN C   O    doub N N 89  
GLN C   OXT  sing N N 90  
GLN CB  CG   sing N N 91  
GLN CB  HB2  sing N N 92  
GLN CB  HB3  sing N N 93  
GLN CG  CD   sing N N 94  
GLN CG  HG2  sing N N 95  
GLN CG  HG3  sing N N 96  
GLN CD  OE1  doub N N 97  
GLN CD  NE2  sing N N 98  
GLN NE2 HE21 sing N N 99  
GLN NE2 HE22 sing N N 100 
GLN OXT HXT  sing N N 101 
GLU N   CA   sing N N 102 
GLU N   H    sing N N 103 
GLU N   H2   sing N N 104 
GLU CA  C    sing N N 105 
GLU CA  CB   sing N N 106 
GLU CA  HA   sing N N 107 
GLU C   O    doub N N 108 
GLU C   OXT  sing N N 109 
GLU CB  CG   sing N N 110 
GLU CB  HB2  sing N N 111 
GLU CB  HB3  sing N N 112 
GLU CG  CD   sing N N 113 
GLU CG  HG2  sing N N 114 
GLU CG  HG3  sing N N 115 
GLU CD  OE1  doub N N 116 
GLU CD  OE2  sing N N 117 
GLU OE2 HE2  sing N N 118 
GLU OXT HXT  sing N N 119 
GLY N   CA   sing N N 120 
GLY N   H    sing N N 121 
GLY N   H2   sing N N 122 
GLY CA  C    sing N N 123 
GLY CA  HA2  sing N N 124 
GLY CA  HA3  sing N N 125 
GLY C   O    doub N N 126 
GLY C   OXT  sing N N 127 
GLY OXT HXT  sing N N 128 
HIS N   CA   sing N N 129 
HIS N   H    sing N N 130 
HIS N   H2   sing N N 131 
HIS CA  C    sing N N 132 
HIS CA  CB   sing N N 133 
HIS CA  HA   sing N N 134 
HIS C   O    doub N N 135 
HIS C   OXT  sing N N 136 
HIS CB  CG   sing N N 137 
HIS CB  HB2  sing N N 138 
HIS CB  HB3  sing N N 139 
HIS CG  ND1  sing Y N 140 
HIS CG  CD2  doub Y N 141 
HIS ND1 CE1  doub Y N 142 
HIS ND1 HD1  sing N N 143 
HIS CD2 NE2  sing Y N 144 
HIS CD2 HD2  sing N N 145 
HIS CE1 NE2  sing Y N 146 
HIS CE1 HE1  sing N N 147 
HIS NE2 HE2  sing N N 148 
HIS OXT HXT  sing N N 149 
HOH O   H1   sing N N 150 
HOH O   H2   sing N N 151 
ILE N   CA   sing N N 152 
ILE N   H    sing N N 153 
ILE N   H2   sing N N 154 
ILE CA  C    sing N N 155 
ILE CA  CB   sing N N 156 
ILE CA  HA   sing N N 157 
ILE C   O    doub N N 158 
ILE C   OXT  sing N N 159 
ILE CB  CG1  sing N N 160 
ILE CB  CG2  sing N N 161 
ILE CB  HB   sing N N 162 
ILE CG1 CD1  sing N N 163 
ILE CG1 HG12 sing N N 164 
ILE CG1 HG13 sing N N 165 
ILE CG2 HG21 sing N N 166 
ILE CG2 HG22 sing N N 167 
ILE CG2 HG23 sing N N 168 
ILE CD1 HD11 sing N N 169 
ILE CD1 HD12 sing N N 170 
ILE CD1 HD13 sing N N 171 
ILE OXT HXT  sing N N 172 
LEU N   CA   sing N N 173 
LEU N   H    sing N N 174 
LEU N   H2   sing N N 175 
LEU CA  C    sing N N 176 
LEU CA  CB   sing N N 177 
LEU CA  HA   sing N N 178 
LEU C   O    doub N N 179 
LEU C   OXT  sing N N 180 
LEU CB  CG   sing N N 181 
LEU CB  HB2  sing N N 182 
LEU CB  HB3  sing N N 183 
LEU CG  CD1  sing N N 184 
LEU CG  CD2  sing N N 185 
LEU CG  HG   sing N N 186 
LEU CD1 HD11 sing N N 187 
LEU CD1 HD12 sing N N 188 
LEU CD1 HD13 sing N N 189 
LEU CD2 HD21 sing N N 190 
LEU CD2 HD22 sing N N 191 
LEU CD2 HD23 sing N N 192 
LEU OXT HXT  sing N N 193 
LYS N   CA   sing N N 194 
LYS N   H    sing N N 195 
LYS N   H2   sing N N 196 
LYS CA  C    sing N N 197 
LYS CA  CB   sing N N 198 
LYS CA  HA   sing N N 199 
LYS C   O    doub N N 200 
LYS C   OXT  sing N N 201 
LYS CB  CG   sing N N 202 
LYS CB  HB2  sing N N 203 
LYS CB  HB3  sing N N 204 
LYS CG  CD   sing N N 205 
LYS CG  HG2  sing N N 206 
LYS CG  HG3  sing N N 207 
LYS CD  CE   sing N N 208 
LYS CD  HD2  sing N N 209 
LYS CD  HD3  sing N N 210 
LYS CE  NZ   sing N N 211 
LYS CE  HE2  sing N N 212 
LYS CE  HE3  sing N N 213 
LYS NZ  HZ1  sing N N 214 
LYS NZ  HZ2  sing N N 215 
LYS NZ  HZ3  sing N N 216 
LYS OXT HXT  sing N N 217 
MET N   CA   sing N N 218 
MET N   H    sing N N 219 
MET N   H2   sing N N 220 
MET CA  C    sing N N 221 
MET CA  CB   sing N N 222 
MET CA  HA   sing N N 223 
MET C   O    doub N N 224 
MET C   OXT  sing N N 225 
MET CB  CG   sing N N 226 
MET CB  HB2  sing N N 227 
MET CB  HB3  sing N N 228 
MET CG  SD   sing N N 229 
MET CG  HG2  sing N N 230 
MET CG  HG3  sing N N 231 
MET SD  CE   sing N N 232 
MET CE  HE1  sing N N 233 
MET CE  HE2  sing N N 234 
MET CE  HE3  sing N N 235 
MET OXT HXT  sing N N 236 
PHE N   CA   sing N N 237 
PHE N   H    sing N N 238 
PHE N   H2   sing N N 239 
PHE CA  C    sing N N 240 
PHE CA  CB   sing N N 241 
PHE CA  HA   sing N N 242 
PHE C   O    doub N N 243 
PHE C   OXT  sing N N 244 
PHE CB  CG   sing N N 245 
PHE CB  HB2  sing N N 246 
PHE CB  HB3  sing N N 247 
PHE CG  CD1  doub Y N 248 
PHE CG  CD2  sing Y N 249 
PHE CD1 CE1  sing Y N 250 
PHE CD1 HD1  sing N N 251 
PHE CD2 CE2  doub Y N 252 
PHE CD2 HD2  sing N N 253 
PHE CE1 CZ   doub Y N 254 
PHE CE1 HE1  sing N N 255 
PHE CE2 CZ   sing Y N 256 
PHE CE2 HE2  sing N N 257 
PHE CZ  HZ   sing N N 258 
PHE OXT HXT  sing N N 259 
PRO N   CA   sing N N 260 
PRO N   CD   sing N N 261 
PRO N   H    sing N N 262 
PRO CA  C    sing N N 263 
PRO CA  CB   sing N N 264 
PRO CA  HA   sing N N 265 
PRO C   O    doub N N 266 
PRO C   OXT  sing N N 267 
PRO CB  CG   sing N N 268 
PRO CB  HB2  sing N N 269 
PRO CB  HB3  sing N N 270 
PRO CG  CD   sing N N 271 
PRO CG  HG2  sing N N 272 
PRO CG  HG3  sing N N 273 
PRO CD  HD2  sing N N 274 
PRO CD  HD3  sing N N 275 
PRO OXT HXT  sing N N 276 
SER N   CA   sing N N 277 
SER N   H    sing N N 278 
SER N   H2   sing N N 279 
SER CA  C    sing N N 280 
SER CA  CB   sing N N 281 
SER CA  HA   sing N N 282 
SER C   O    doub N N 283 
SER C   OXT  sing N N 284 
SER CB  OG   sing N N 285 
SER CB  HB2  sing N N 286 
SER CB  HB3  sing N N 287 
SER OG  HG   sing N N 288 
SER OXT HXT  sing N N 289 
SO4 S   O1   doub N N 290 
SO4 S   O2   doub N N 291 
SO4 S   O3   sing N N 292 
SO4 S   O4   sing N N 293 
THR N   CA   sing N N 294 
THR N   H    sing N N 295 
THR N   H2   sing N N 296 
THR CA  C    sing N N 297 
THR CA  CB   sing N N 298 
THR CA  HA   sing N N 299 
THR C   O    doub N N 300 
THR C   OXT  sing N N 301 
THR CB  OG1  sing N N 302 
THR CB  CG2  sing N N 303 
THR CB  HB   sing N N 304 
THR OG1 HG1  sing N N 305 
THR CG2 HG21 sing N N 306 
THR CG2 HG22 sing N N 307 
THR CG2 HG23 sing N N 308 
THR OXT HXT  sing N N 309 
TRP N   CA   sing N N 310 
TRP N   H    sing N N 311 
TRP N   H2   sing N N 312 
TRP CA  C    sing N N 313 
TRP CA  CB   sing N N 314 
TRP CA  HA   sing N N 315 
TRP C   O    doub N N 316 
TRP C   OXT  sing N N 317 
TRP CB  CG   sing N N 318 
TRP CB  HB2  sing N N 319 
TRP CB  HB3  sing N N 320 
TRP CG  CD1  doub Y N 321 
TRP CG  CD2  sing Y N 322 
TRP CD1 NE1  sing Y N 323 
TRP CD1 HD1  sing N N 324 
TRP CD2 CE2  doub Y N 325 
TRP CD2 CE3  sing Y N 326 
TRP NE1 CE2  sing Y N 327 
TRP NE1 HE1  sing N N 328 
TRP CE2 CZ2  sing Y N 329 
TRP CE3 CZ3  doub Y N 330 
TRP CE3 HE3  sing N N 331 
TRP CZ2 CH2  doub Y N 332 
TRP CZ2 HZ2  sing N N 333 
TRP CZ3 CH2  sing Y N 334 
TRP CZ3 HZ3  sing N N 335 
TRP CH2 HH2  sing N N 336 
TRP OXT HXT  sing N N 337 
TYR N   CA   sing N N 338 
TYR N   H    sing N N 339 
TYR N   H2   sing N N 340 
TYR CA  C    sing N N 341 
TYR CA  CB   sing N N 342 
TYR CA  HA   sing N N 343 
TYR C   O    doub N N 344 
TYR C   OXT  sing N N 345 
TYR CB  CG   sing N N 346 
TYR CB  HB2  sing N N 347 
TYR CB  HB3  sing N N 348 
TYR CG  CD1  doub Y N 349 
TYR CG  CD2  sing Y N 350 
TYR CD1 CE1  sing Y N 351 
TYR CD1 HD1  sing N N 352 
TYR CD2 CE2  doub Y N 353 
TYR CD2 HD2  sing N N 354 
TYR CE1 CZ   doub Y N 355 
TYR CE1 HE1  sing N N 356 
TYR CE2 CZ   sing Y N 357 
TYR CE2 HE2  sing N N 358 
TYR CZ  OH   sing N N 359 
TYR OH  HH   sing N N 360 
TYR OXT HXT  sing N N 361 
VAL N   CA   sing N N 362 
VAL N   H    sing N N 363 
VAL N   H2   sing N N 364 
VAL CA  C    sing N N 365 
VAL CA  CB   sing N N 366 
VAL CA  HA   sing N N 367 
VAL C   O    doub N N 368 
VAL C   OXT  sing N N 369 
VAL CB  CG1  sing N N 370 
VAL CB  CG2  sing N N 371 
VAL CB  HB   sing N N 372 
VAL CG1 HG11 sing N N 373 
VAL CG1 HG12 sing N N 374 
VAL CG1 HG13 sing N N 375 
VAL CG2 HG21 sing N N 376 
VAL CG2 HG22 sing N N 377 
VAL CG2 HG23 sing N N 378 
VAL OXT HXT  sing N N 379 
# 
loop_
_pdbx_audit_support.funding_organization 
_pdbx_audit_support.country 
_pdbx_audit_support.grant_number 
_pdbx_audit_support.ordinal 
'Wellcome Trust'                                         'United Kingdom' 089330       1 
'Biotechnology and Biological Sciences Research Council' 'United Kingdom' BB/K000306/1 2 
'Biotechnology and Biological Sciences Research Council' 'United Kingdom' BB/M006557/1 3 
# 
loop_
_pdbx_initial_refinement_model.id 
_pdbx_initial_refinement_model.entity_id_list 
_pdbx_initial_refinement_model.type 
_pdbx_initial_refinement_model.source_name 
_pdbx_initial_refinement_model.accession_code 
_pdbx_initial_refinement_model.details 
1 ? 'experimental model' PDB 1WM3 'PDB ENTRIES 1WM3 and 5ELJ' 
2 ? 'experimental model' PDB 5ELJ 'PDB ENTRIES 1WM3 and 5ELJ' 
# 
_atom_sites.entry_id                    5ELU 
_atom_sites.fract_transf_matrix[1][1]   -0.01730197 
_atom_sites.fract_transf_matrix[1][2]   -0.00038481 
_atom_sites.fract_transf_matrix[1][3]   0.01637305 
_atom_sites.fract_transf_matrix[2][1]   0.00430329 
_atom_sites.fract_transf_matrix[2][2]   0.02270479 
_atom_sites.fract_transf_matrix[2][3]   0.00508105 
_atom_sites.fract_transf_matrix[3][1]   -0.00583723 
_atom_sites.fract_transf_matrix[3][2]   0.00247374 
_atom_sites.fract_transf_matrix[3][3]   -0.00611027 
_atom_sites.fract_transf_vector[1]      0.187867 
_atom_sites.fract_transf_vector[2]      -0.038574 
_atom_sites.fract_transf_vector[3]      -0.001553 
# 
loop_
_atom_type.symbol 
C 
N 
O 
S 
# 
loop_
_atom_site.group_PDB 
_atom_site.id 
_atom_site.type_symbol 
_atom_site.label_atom_id 
_atom_site.label_alt_id 
_atom_site.label_comp_id 
_atom_site.label_asym_id 
_atom_site.label_entity_id 
_atom_site.label_seq_id 
_atom_site.pdbx_PDB_ins_code 
_atom_site.Cartn_x 
_atom_site.Cartn_y 
_atom_site.Cartn_z 
_atom_site.occupancy 
_atom_site.B_iso_or_equiv 
_atom_site.pdbx_formal_charge 
_atom_site.auth_seq_id 
_atom_site.auth_comp_id 
_atom_site.auth_asym_id 
_atom_site.auth_atom_id 
_atom_site.pdbx_PDB_model_num 
ATOM   1    N N   . ASN A 1 14  ? -6.976  0.272   7.869   1.00 21.42 ?  31  ASN A N   1 
ATOM   2    C CA  . ASN A 1 14  ? -5.760  -0.148  7.163   1.00 29.15 ?  31  ASN A CA  1 
ATOM   3    C C   . ASN A 1 14  ? -4.697  -0.722  8.105   1.00 30.29 ?  31  ASN A C   1 
ATOM   4    O O   . ASN A 1 14  ? -4.202  -1.835  7.924   1.00 23.69 ?  31  ASN A O   1 
ATOM   5    C CB  . ASN A 1 14  ? -5.167  1.028   6.397   1.00 38.24 ?  31  ASN A CB  1 
ATOM   6    C CG  . ASN A 1 14  ? -4.824  0.687   4.944   1.00 40.70 ?  31  ASN A CG  1 
ATOM   7    O OD1 . ASN A 1 14  ? -5.468  -0.172  4.322   1.00 36.93 ?  31  ASN A OD1 1 
ATOM   8    N ND2 . ASN A 1 14  ? -3.812  1.381   4.390   1.00 26.49 ?  31  ASN A ND2 1 
ATOM   9    N N   . GLU A 1 15  ? -4.355  0.042   9.134   1.00 29.55 ?  32  GLU A N   1 
ATOM   10   C CA  . GLU A 1 15  ? -3.268  -0.345  10.026  1.00 26.16 ?  32  GLU A CA  1 
ATOM   11   C C   . GLU A 1 15  ? -3.600  -1.535  10.928  1.00 27.47 ?  32  GLU A C   1 
ATOM   12   O O   . GLU A 1 15  ? -2.718  -2.049  11.600  1.00 27.96 ?  32  GLU A O   1 
ATOM   13   C CB  . GLU A 1 15  ? -2.853  0.843   10.895  1.00 28.01 ?  32  GLU A CB  1 
ATOM   14   C CG  . GLU A 1 15  ? -3.913  1.277   11.903  1.00 31.38 ?  32  GLU A CG  1 
ATOM   15   C CD  . GLU A 1 15  ? -5.066  2.026   11.256  1.00 36.39 ?  32  GLU A CD  1 
ATOM   16   O OE1 . GLU A 1 15  ? -4.931  2.419   10.070  1.00 32.76 ?  32  GLU A OE1 1 
ATOM   17   O OE2 . GLU A 1 15  ? -6.104  2.213   11.932  1.00 39.40 ?  32  GLU A OE2 1 
ATOM   18   N N   . ASN A 1 16  ? -4.847  -1.987  10.958  1.00 21.94 ?  33  ASN A N   1 
ATOM   19   C CA  . ASN A 1 16  ? -5.145  -3.127  11.815  1.00 25.51 ?  33  ASN A CA  1 
ATOM   20   C C   . ASN A 1 16  ? -5.433  -4.418  11.043  1.00 25.63 ?  33  ASN A C   1 
ATOM   21   O O   . ASN A 1 16  ? -5.802  -5.437  11.636  1.00 22.76 ?  33  ASN A O   1 
ATOM   22   C CB  . ASN A 1 16  ? -6.312  -2.790  12.753  1.00 25.94 ?  33  ASN A CB  1 
ATOM   23   C CG  . ASN A 1 16  ? -7.591  -2.532  12.014  1.00 27.68 ?  33  ASN A CG  1 
ATOM   24   O OD1 . ASN A 1 16  ? -7.596  -2.399  10.786  1.00 34.35 ?  33  ASN A OD1 1 
ATOM   25   N ND2 . ASN A 1 16  ? -8.695  -2.456  12.750  1.00 28.40 ?  33  ASN A ND2 1 
ATOM   26   N N   . SER A 1 17  ? -5.260  -4.384  9.725   1.00 19.69 ?  34  SER A N   1 
ATOM   27   C CA  . SER A 1 17  ? -5.365  -5.603  8.939   1.00 18.27 ?  34  SER A CA  1 
ATOM   28   C C   . SER A 1 17  ? -4.277  -6.602  9.345   1.00 18.42 ?  34  SER A C   1 
ATOM   29   O O   . SER A 1 17  ? -3.194  -6.213  9.792   1.00 17.03 ?  34  SER A O   1 
ATOM   30   C CB  . SER A 1 17  ? -5.250  -5.296  7.452   1.00 18.65 ?  34  SER A CB  1 
ATOM   31   O OG  . SER A 1 17  ? -3.897  -5.146  7.105   1.00 21.46 ?  34  SER A OG  1 
ATOM   32   N N   . LEU A 1 18  ? -4.558  -7.888  9.185   1.00 18.63 ?  35  LEU A N   1 
ATOM   33   C CA  . LEU A 1 18  ? -3.607  -8.905  9.608   1.00 15.89 ?  35  LEU A CA  1 
ATOM   34   C C   . LEU A 1 18  ? -2.410  -9.024  8.659   1.00 15.94 ?  35  LEU A C   1 
ATOM   35   O O   . LEU A 1 18  ? -1.380  -9.547  9.054   1.00 17.53 ?  35  LEU A O   1 
ATOM   36   C CB  . LEU A 1 18  ? -4.301  -10.267 9.749   1.00 16.46 ?  35  LEU A CB  1 
ATOM   37   C CG  . LEU A 1 18  ? -5.222  -10.456 10.961  1.00 20.79 ?  35  LEU A CG  1 
ATOM   38   C CD1 . LEU A 1 18  ? -5.790  -11.867 10.997  1.00 18.49 ?  35  LEU A CD1 1 
ATOM   39   C CD2 . LEU A 1 18  ? -4.503  -10.136 12.270  1.00 16.84 ?  35  LEU A CD2 1 
ATOM   40   N N   . GLU A 1 19  ? -2.515  -8.540  7.411   1.00 17.82 ?  36  GLU A N   1 
ATOM   41   C CA  . GLU A 1 19  ? -1.332  -8.615  6.546   1.00 19.24 ?  36  GLU A CA  1 
ATOM   42   C C   . GLU A 1 19  ? -0.364  -7.508  6.932   1.00 13.56 ?  36  GLU A C   1 
ATOM   43   O O   . GLU A 1 19  ? 0.832   -7.692  6.865   1.00 13.38 ?  36  GLU A O   1 
ATOM   44   C CB  . GLU A 1 19  ? -1.683  -8.548  5.049   1.00 18.14 ?  36  GLU A CB  1 
ATOM   45   C CG  . GLU A 1 19  ? -2.314  -7.257  4.561   1.00 19.76 ?  36  GLU A CG  1 
ATOM   46   C CD  . GLU A 1 19  ? -3.821  -7.289  4.637   1.00 25.45 ?  36  GLU A CD  1 
ATOM   47   O OE1 . GLU A 1 19  ? -4.364  -8.170  5.350   1.00 23.89 ?  36  GLU A OE1 1 
ATOM   48   O OE2 . GLU A 1 19  ? -4.457  -6.437  3.982   1.00 24.43 ?  36  GLU A OE2 1 
ATOM   49   N N   . ILE A 1 20  ? -0.895  -6.381  7.364   1.00 17.02 ?  37  ILE A N   1 
ATOM   50   C CA  . ILE A 1 20  ? -0.059  -5.301  7.874   1.00 15.07 ?  37  ILE A CA  1 
ATOM   51   C C   . ILE A 1 20  ? 0.627   -5.735  9.172   1.00 14.80 ?  37  ILE A C   1 
ATOM   52   O O   . ILE A 1 20  ? 1.798   -5.457  9.372   1.00 16.39 ?  37  ILE A O   1 
ATOM   53   C CB  . ILE A 1 20  ? -0.874  -3.998  8.111   1.00 16.34 ?  37  ILE A CB  1 
ATOM   54   C CG1 . ILE A 1 20  ? -1.227  -3.349  6.775   1.00 15.06 ?  37  ILE A CG1 1 
ATOM   55   C CG2 . ILE A 1 20  ? -0.090  -3.003  8.955   1.00 12.07 ?  37  ILE A CG2 1 
ATOM   56   C CD1 . ILE A 1 20  ? -0.048  -3.221  5.859   1.00 11.30 ?  37  ILE A CD1 1 
ATOM   57   N N   . GLU A 1 21  ? -0.100  -6.422  10.048  1.00 15.12 ?  38  GLU A N   1 
ATOM   58   C CA  . GLU A 1 21  ? 0.497   -6.906  11.280  1.00 16.50 ?  38  GLU A CA  1 
ATOM   59   C C   . GLU A 1 21  ? 1.630   -7.868  10.957  1.00 18.34 ?  38  GLU A C   1 
ATOM   60   O O   . GLU A 1 21  ? 2.681   -7.843  11.601  1.00 17.81 ?  38  GLU A O   1 
ATOM   61   C CB  . GLU A 1 21  ? -0.528  -7.608  12.170  1.00 17.69 ?  38  GLU A CB  1 
ATOM   62   C CG  . GLU A 1 21  ? 0.104   -8.153  13.440  1.00 21.13 ?  38  GLU A CG  1 
ATOM   63   C CD  . GLU A 1 21  ? -0.894  -8.773  14.405  1.00 32.34 ?  38  GLU A CD  1 
ATOM   64   O OE1 . GLU A 1 21  ? -0.446  -9.297  15.451  1.00 35.31 ?  38  GLU A OE1 1 
ATOM   65   O OE2 . GLU A 1 21  ? -2.117  -8.738  14.126  1.00 34.06 ?  38  GLU A OE2 1 
ATOM   66   N N   . GLU A 1 22  ? 1.412   -8.714  9.952   1.00 15.36 ?  39  GLU A N   1 
ATOM   67   C CA  . GLU A 1 22  ? 2.438   -9.667  9.571   1.00 18.78 ?  39  GLU A CA  1 
ATOM   68   C C   . GLU A 1 22  ? 3.711   -8.959  9.099   1.00 15.15 ?  39  GLU A C   1 
ATOM   69   O O   . GLU A 1 22  ? 4.813   -9.358  9.465   1.00 18.86 ?  39  GLU A O   1 
ATOM   70   C CB  . GLU A 1 22  ? 1.928   -10.619 8.491   1.00 18.06 ?  39  GLU A CB  1 
ATOM   71   C CG  . GLU A 1 22  ? 3.010   -11.586 8.034   1.00 20.66 ?  39  GLU A CG  1 
ATOM   72   C CD  . GLU A 1 22  ? 2.503   -12.678 7.123   1.00 27.43 ?  39  GLU A CD  1 
ATOM   73   O OE1 . GLU A 1 22  ? 1.515   -13.361 7.477   1.00 33.17 ?  39  GLU A OE1 1 
ATOM   74   O OE2 . GLU A 1 22  ? 3.104   -12.869 6.050   1.00 29.21 ?  39  GLU A OE2 1 
ATOM   75   N N   . LEU A 1 23  ? 3.563   -7.906  8.310   1.00 14.16 ?  40  LEU A N   1 
ATOM   76   C CA  . LEU A 1 23  ? 4.733   -7.212  7.790   1.00 15.30 ?  40  LEU A CA  1 
ATOM   77   C C   . LEU A 1 23  ? 5.416   -6.429  8.899   1.00 14.88 ?  40  LEU A C   1 
ATOM   78   O O   . LEU A 1 23  ? 6.637   -6.299  8.906   1.00 15.84 ?  40  LEU A O   1 
ATOM   79   C CB  . LEU A 1 23  ? 4.356   -6.286  6.628   1.00 14.21 ?  40  LEU A CB  1 
ATOM   80   C CG  . LEU A 1 23  ? 3.870   -7.001  5.362   1.00 14.90 ?  40  LEU A CG  1 
ATOM   81   C CD1 . LEU A 1 23  ? 3.023   -6.070  4.492   1.00 11.69 ?  40  LEU A CD1 1 
ATOM   82   C CD2 . LEU A 1 23  ? 5.027   -7.574  4.566   1.00 13.87 ?  40  LEU A CD2 1 
ATOM   83   N N   . ALA A 1 24  ? 4.621   -5.915  9.834   1.00 12.99 ?  41  ALA A N   1 
ATOM   84   C CA  . ALA A 1 24  ? 5.152   -5.211  10.987  1.00 14.20 ?  41  ALA A CA  1 
ATOM   85   C C   . ALA A 1 24  ? 6.024   -6.136  11.854  1.00 15.32 ?  41  ALA A C   1 
ATOM   86   O O   . ALA A 1 24  ? 7.110   -5.753  12.278  1.00 15.59 ?  41  ALA A O   1 
ATOM   87   C CB  . ALA A 1 24  ? 4.029   -4.632  11.804  1.00 11.81 ?  41  ALA A CB  1 
ATOM   88   N N   . ARG A 1 25  ? 5.537   -7.344  12.116  1.00 15.16 ?  42  ARG A N   1 
ATOM   89   C CA  . ARG A 1 25  ? 6.302   -8.322  12.870  1.00 19.28 ?  42  ARG A CA  1 
ATOM   90   C C   . ARG A 1 25  ? 7.577   -8.687  12.124  1.00 17.79 ?  42  ARG A C   1 
ATOM   91   O O   . ARG A 1 25  ? 8.637   -8.841  12.727  1.00 16.73 ?  42  ARG A O   1 
ATOM   92   C CB  . ARG A 1 25  ? 5.471   -9.572  13.140  1.00 20.42 ?  42  ARG A CB  1 
ATOM   93   C CG  . ARG A 1 25  ? 4.354   -9.333  14.121  1.00 19.84 ?  42  ARG A CG  1 
ATOM   94   C CD  . ARG A 1 25  ? 3.623   -10.612 14.442  1.00 22.97 ?  42  ARG A CD  1 
ATOM   95   N NE  . ARG A 1 25  ? 2.453   -10.318 15.254  1.00 27.24 ?  42  ARG A NE  1 
ATOM   96   C CZ  . ARG A 1 25  ? 2.472   -10.248 16.577  1.00 30.56 ?  42  ARG A CZ  1 
ATOM   97   N NH1 . ARG A 1 25  ? 3.603   -10.471 17.240  1.00 22.94 ?  42  ARG A NH1 1 
ATOM   98   N NH2 . ARG A 1 25  ? 1.360   -9.962  17.232  1.00 28.27 ?  42  ARG A NH2 1 
ATOM   99   N N   . PHE A 1 26  ? 7.453   -8.821  10.808  1.00 18.55 ?  43  PHE A N   1 
ATOM   100  C CA  . PHE A 1 26  ? 8.590   -9.105  9.945   1.00 15.64 ?  43  PHE A CA  1 
ATOM   101  C C   . PHE A 1 26  ? 9.633   -8.010  10.108  1.00 15.73 ?  43  PHE A C   1 
ATOM   102  O O   . PHE A 1 26  ? 10.796  -8.292  10.363  1.00 16.78 ?  43  PHE A O   1 
ATOM   103  C CB  . PHE A 1 26  ? 8.126   -9.232  8.487   1.00 14.09 ?  43  PHE A CB  1 
ATOM   104  C CG  . PHE A 1 26  ? 9.244   -9.243  7.484   1.00 14.72 ?  43  PHE A CG  1 
ATOM   105  C CD1 . PHE A 1 26  ? 9.934   -10.406 7.210   1.00 14.06 ?  43  PHE A CD1 1 
ATOM   106  C CD2 . PHE A 1 26  ? 9.595   -8.087  6.805   1.00 14.08 ?  43  PHE A CD2 1 
ATOM   107  C CE1 . PHE A 1 26  ? 10.966  -10.415 6.275   1.00 16.20 ?  43  PHE A CE1 1 
ATOM   108  C CE2 . PHE A 1 26  ? 10.628  -8.088  5.877   1.00 14.24 ?  43  PHE A CE2 1 
ATOM   109  C CZ  . PHE A 1 26  ? 11.314  -9.252  5.613   1.00 15.53 ?  43  PHE A CZ  1 
ATOM   110  N N   . ALA A 1 27  ? 9.203   -6.757  9.988   1.00 15.92 ?  44  ALA A N   1 
ATOM   111  C CA  . ALA A 1 27  ? 10.116  -5.632  10.135  1.00 14.15 ?  44  ALA A CA  1 
ATOM   112  C C   . ALA A 1 27  ? 10.823  -5.675  11.484  1.00 17.10 ?  44  ALA A C   1 
ATOM   113  O O   . ALA A 1 27  ? 12.040  -5.471  11.543  1.00 16.35 ?  44  ALA A O   1 
ATOM   114  C CB  . ALA A 1 27  ? 9.386   -4.328  9.972   1.00 11.99 ?  44  ALA A CB  1 
ATOM   115  N N   . VAL A 1 28  ? 10.066  -5.926  12.558  1.00 13.48 ?  45  VAL A N   1 
ATOM   116  C CA  . VAL A 1 28  ? 10.654  -5.993  13.893  1.00 15.00 ?  45  VAL A CA  1 
ATOM   117  C C   . VAL A 1 28  ? 11.631  -7.173  14.020  1.00 16.76 ?  45  VAL A C   1 
ATOM   118  O O   . VAL A 1 28  ? 12.719  -7.020  14.574  1.00 16.18 ?  45  VAL A O   1 
ATOM   119  C CB  . VAL A 1 28  ? 9.581   -6.111  14.995  1.00 16.90 ?  45  VAL A CB  1 
ATOM   120  C CG1 . VAL A 1 28  ? 10.245  -6.352  16.347  1.00 16.81 ?  45  VAL A CG1 1 
ATOM   121  C CG2 . VAL A 1 28  ? 8.721   -4.859  15.036  1.00 13.96 ?  45  VAL A CG2 1 
ATOM   122  N N   . ASP A 1 29  ? 11.241  -8.334  13.505  1.00 14.00 ?  46  ASP A N   1 
ATOM   123  C CA  . ASP A 1 29  ? 12.111  -9.504  13.537  1.00 16.53 ?  46  ASP A CA  1 
ATOM   124  C C   . ASP A 1 29  ? 13.405  -9.272  12.771  1.00 17.87 ?  46  ASP A C   1 
ATOM   125  O O   . ASP A 1 29  ? 14.471  -9.619  13.244  1.00 21.43 ?  46  ASP A O   1 
ATOM   126  C CB  . ASP A 1 29  ? 11.414  -10.724 12.957  1.00 20.10 ?  46  ASP A CB  1 
ATOM   127  C CG  . ASP A 1 29  ? 10.399  -11.307 13.888  1.00 21.37 ?  46  ASP A CG  1 
ATOM   128  O OD1 . ASP A 1 29  ? 10.463  -11.018 15.101  1.00 29.16 ?  46  ASP A OD1 1 
ATOM   129  O OD2 . ASP A 1 29  ? 9.539   -12.068 13.404  1.00 23.01 ?  46  ASP A OD2 1 
ATOM   130  N N   . GLU A 1 30  ? 13.309  -8.678  11.591  1.00 17.34 ?  47  GLU A N   1 
ATOM   131  C CA  . GLU A 1 30  ? 14.490  -8.440  10.785  1.00 16.79 ?  47  GLU A CA  1 
ATOM   132  C C   . GLU A 1 30  ? 15.380  -7.411  11.448  1.00 20.87 ?  47  GLU A C   1 
ATOM   133  O O   . GLU A 1 30  ? 16.601  -7.570  11.469  1.00 20.93 ?  47  GLU A O   1 
ATOM   134  C CB  . GLU A 1 30  ? 14.110  -7.989  9.385   1.00 15.54 ?  47  GLU A CB  1 
ATOM   135  C CG  . GLU A 1 30  ? 13.396  -9.061  8.592   1.00 21.11 ?  47  GLU A CG  1 
ATOM   136  C CD  . GLU A 1 30  ? 14.292  -10.248 8.251   1.00 22.92 ?  47  GLU A CD  1 
ATOM   137  O OE1 . GLU A 1 30  ? 14.032  -11.363 8.750   1.00 30.66 ?  47  GLU A OE1 1 
ATOM   138  O OE2 . GLU A 1 30  ? 15.247  -10.069 7.474   1.00 24.29 ?  47  GLU A OE2 1 
ATOM   139  N N   . HIS A 1 31  ? 14.772  -6.364  11.998  1.00 16.84 ?  48  HIS A N   1 
ATOM   140  C CA  . HIS A 1 31  ? 15.545  -5.354  12.691  1.00 17.77 ?  48  HIS A CA  1 
ATOM   141  C C   . HIS A 1 31  ? 16.311  -5.962  13.867  1.00 16.32 ?  48  HIS A C   1 
ATOM   142  O O   . HIS A 1 31  ? 17.471  -5.632  14.100  1.00 20.77 ?  48  HIS A O   1 
ATOM   143  C CB  . HIS A 1 31  ? 14.663  -4.214  13.192  1.00 18.53 ?  48  HIS A CB  1 
ATOM   144  C CG  . HIS A 1 31  ? 15.377  -3.285  14.117  1.00 17.55 ?  48  HIS A CG  1 
ATOM   145  N ND1 . HIS A 1 31  ? 16.180  -2.257  13.667  1.00 19.12 ?  48  HIS A ND1 1 
ATOM   146  C CD2 . HIS A 1 31  ? 15.454  -3.257  15.469  1.00 17.62 ?  48  HIS A CD2 1 
ATOM   147  C CE1 . HIS A 1 31  ? 16.698  -1.622  14.700  1.00 20.77 ?  48  HIS A CE1 1 
ATOM   148  N NE2 . HIS A 1 31  ? 16.277  -2.210  15.808  1.00 23.52 ?  48  HIS A NE2 1 
ATOM   149  N N   . ASN A 1 32  ? 15.662  -6.850  14.600  1.00 15.95 ?  49  ASN A N   1 
ATOM   150  C CA  . ASN A 1 32  ? 16.302  -7.505  15.734  1.00 18.96 ?  49  ASN A CA  1 
ATOM   151  C C   . ASN A 1 32  ? 17.495  -8.393  15.314  1.00 21.75 ?  49  ASN A C   1 
ATOM   152  O O   . ASN A 1 32  ? 18.499  -8.447  16.008  1.00 23.25 ?  49  ASN A O   1 
ATOM   153  C CB  . ASN A 1 32  ? 15.276  -8.324  16.512  1.00 14.40 ?  49  ASN A CB  1 
ATOM   154  C CG  . ASN A 1 32  ? 14.409  -7.467  17.421  1.00 18.60 ?  49  ASN A CG  1 
ATOM   155  O OD1 . ASN A 1 32  ? 14.740  -6.319  17.723  1.00 16.50 ?  49  ASN A OD1 1 
ATOM   156  N ND2 . ASN A 1 32  ? 13.295  -8.029  17.873  1.00 16.38 ?  49  ASN A ND2 1 
ATOM   157  N N   . LYS A 1 33  ? 17.389  -9.085  14.183  1.00 21.93 ?  50  LYS A N   1 
ATOM   158  C CA  . LYS A 1 33  ? 18.504  -9.892  13.705  1.00 21.73 ?  50  LYS A CA  1 
ATOM   159  C C   . LYS A 1 33  ? 19.643  -8.989  13.231  1.00 22.86 ?  50  LYS A C   1 
ATOM   160  O O   . LYS A 1 33  ? 20.770  -9.151  13.680  1.00 27.09 ?  50  LYS A O   1 
ATOM   161  C CB  . LYS A 1 33  ? 18.067  -10.849 12.587  1.00 18.85 ?  50  LYS A CB  1 
ATOM   162  N N   . LYS A 1 34  ? 19.351  -8.023  12.361  1.00 21.44 ?  51  LYS A N   1 
ATOM   163  C CA  . LYS A 1 34  ? 20.389  -7.154  11.812  1.00 21.36 ?  51  LYS A CA  1 
ATOM   164  C C   . LYS A 1 34  ? 21.125  -6.333  12.873  1.00 25.76 ?  51  LYS A C   1 
ATOM   165  O O   . LYS A 1 34  ? 22.300  -6.022  12.707  1.00 29.91 ?  51  LYS A O   1 
ATOM   166  C CB  . LYS A 1 34  ? 19.811  -6.200  10.763  1.00 19.93 ?  51  LYS A CB  1 
ATOM   167  N N   . GLU A 1 35  ? 20.454  -5.972  13.958  1.00 23.34 ?  52  GLU A N   1 
ATOM   168  C CA  . GLU A 1 35  ? 21.071  -5.064  14.909  1.00 23.73 ?  52  GLU A CA  1 
ATOM   169  C C   . GLU A 1 35  ? 21.374  -5.745  16.224  1.00 22.34 ?  52  GLU A C   1 
ATOM   170  O O   . GLU A 1 35  ? 21.813  -5.092  17.161  1.00 24.73 ?  52  GLU A O   1 
ATOM   171  C CB  . GLU A 1 35  ? 20.173  -3.848  15.169  1.00 23.56 ?  52  GLU A CB  1 
ATOM   172  C CG  . GLU A 1 35  ? 19.724  -3.085  13.925  1.00 26.87 ?  52  GLU A CG  1 
ATOM   173  C CD  . GLU A 1 35  ? 20.872  -2.505  13.123  1.00 35.22 ?  52  GLU A CD  1 
ATOM   174  O OE1 . GLU A 1 35  ? 21.979  -2.324  13.685  1.00 35.09 ?  52  GLU A OE1 1 
ATOM   175  O OE2 . GLU A 1 35  ? 20.663  -2.231  11.919  1.00 41.83 ?  52  GLU A OE2 1 
ATOM   176  N N   . ASN A 1 36  ? 21.140  -7.052  16.285  1.00 22.38 ?  53  ASN A N   1 
ATOM   177  C CA  . ASN A 1 36  ? 21.190  -7.784  17.542  1.00 23.50 ?  53  ASN A CA  1 
ATOM   178  C C   . ASN A 1 36  ? 20.414  -7.058  18.637  1.00 24.23 ?  53  ASN A C   1 
ATOM   179  O O   . ASN A 1 36  ? 20.960  -6.746  19.689  1.00 23.54 ?  53  ASN A O   1 
ATOM   180  C CB  . ASN A 1 36  ? 22.639  -8.006  17.988  1.00 27.03 ?  53  ASN A CB  1 
ATOM   181  C CG  . ASN A 1 36  ? 22.762  -9.088  19.051  1.00 30.12 ?  53  ASN A CG  1 
ATOM   182  O OD1 . ASN A 1 36  ? 21.846  -9.900  19.240  1.00 27.49 ?  53  ASN A OD1 1 
ATOM   183  N ND2 . ASN A 1 36  ? 23.896  -9.113  19.744  1.00 32.34 ?  53  ASN A ND2 1 
ATOM   184  N N   . ALA A 1 37  ? 19.147  -6.760  18.378  1.00 20.10 ?  54  ALA A N   1 
ATOM   185  C CA  . ALA A 1 37  ? 18.348  -6.044  19.354  1.00 20.18 ?  54  ALA A CA  1 
ATOM   186  C C   . ALA A 1 37  ? 17.192  -6.907  19.834  1.00 22.59 ?  54  ALA A C   1 
ATOM   187  O O   . ALA A 1 37  ? 16.994  -8.025  19.345  1.00 20.93 ?  54  ALA A O   1 
ATOM   188  C CB  . ALA A 1 37  ? 17.846  -4.751  18.776  1.00 19.55 ?  54  ALA A CB  1 
ATOM   189  N N   . LEU A 1 38  ? 16.423  -6.387  20.785  1.00 23.58 ?  55  LEU A N   1 
ATOM   190  C CA  . LEU A 1 38  ? 15.333  -7.165  21.349  1.00 25.56 ?  55  LEU A CA  1 
ATOM   191  C C   . LEU A 1 38  ? 14.014  -6.389  21.449  1.00 26.18 ?  55  LEU A C   1 
ATOM   192  O O   . LEU A 1 38  ? 13.260  -6.554  22.415  1.00 27.15 ?  55  LEU A O   1 
ATOM   193  C CB  . LEU A 1 38  ? 15.747  -7.700  22.726  1.00 33.04 ?  55  LEU A CB  1 
ATOM   194  C CG  . LEU A 1 38  ? 16.866  -8.758  22.674  1.00 26.84 ?  55  LEU A CG  1 
ATOM   195  C CD1 . LEU A 1 38  ? 17.184  -9.308  24.041  1.00 32.22 ?  55  LEU A CD1 1 
ATOM   196  C CD2 . LEU A 1 38  ? 16.477  -9.891  21.754  1.00 38.84 ?  55  LEU A CD2 1 
ATOM   197  N N   . LEU A 1 39  ? 13.727  -5.560  20.447  1.00 23.86 ?  56  LEU A N   1 
ATOM   198  C CA  . LEU A 1 39  ? 12.436  -4.880  20.390  1.00 23.59 ?  56  LEU A CA  1 
ATOM   199  C C   . LEU A 1 39  ? 11.300  -5.889  20.349  1.00 22.21 ?  56  LEU A C   1 
ATOM   200  O O   . LEU A 1 39  ? 11.397  -6.919  19.680  1.00 20.71 ?  56  LEU A O   1 
ATOM   201  C CB  . LEU A 1 39  ? 12.342  -3.958  19.180  1.00 20.63 ?  56  LEU A CB  1 
ATOM   202  C CG  . LEU A 1 39  ? 13.390  -2.860  19.082  1.00 21.56 ?  56  LEU A CG  1 
ATOM   203  C CD1 . LEU A 1 39  ? 12.978  -1.894  17.976  1.00 23.64 ?  56  LEU A CD1 1 
ATOM   204  C CD2 . LEU A 1 39  ? 13.595  -2.129  20.406  1.00 24.62 ?  56  LEU A CD2 1 
ATOM   205  N N   . GLU A 1 40  ? 10.236  -5.593  21.090  1.00 21.84 ?  57  GLU A N   1 
ATOM   206  C CA  . GLU A 1 40  ? 9.071   -6.460  21.145  1.00 22.59 ?  57  GLU A CA  1 
ATOM   207  C C   . GLU A 1 40  ? 7.847   -5.760  20.553  1.00 23.06 ?  57  GLU A C   1 
ATOM   208  O O   . GLU A 1 40  ? 7.412   -4.726  21.048  1.00 21.92 ?  57  GLU A O   1 
ATOM   209  C CB  . GLU A 1 40  ? 8.793   -6.892  22.584  1.00 26.76 ?  57  GLU A CB  1 
ATOM   210  C CG  . GLU A 1 40  ? 7.448   -7.573  22.762  1.00 34.80 ?  57  GLU A CG  1 
ATOM   211  C CD  . GLU A 1 40  ? 6.966   -7.540  24.199  1.00 44.73 ?  57  GLU A CD  1 
ATOM   212  O OE1 . GLU A 1 40  ? 7.791   -7.213  25.085  1.00 46.72 ?  57  GLU A OE1 1 
ATOM   213  O OE2 . GLU A 1 40  ? 5.770   -7.834  24.437  1.00 39.78 ?  57  GLU A OE2 1 
ATOM   214  N N   . PHE A 1 41  ? 7.303   -6.345  19.490  1.00 22.74 ?  58  PHE A N   1 
ATOM   215  C CA  . PHE A 1 41  ? 6.176   -5.768  18.764  1.00 20.41 ?  58  PHE A CA  1 
ATOM   216  C C   . PHE A 1 41  ? 4.939   -5.610  19.618  1.00 20.15 ?  58  PHE A C   1 
ATOM   217  O O   . PHE A 1 41  ? 4.572   -6.513  20.367  1.00 23.42 ?  58  PHE A O   1 
ATOM   218  C CB  . PHE A 1 41  ? 5.823   -6.627  17.551  1.00 18.91 ?  58  PHE A CB  1 
ATOM   219  C CG  . PHE A 1 41  ? 4.599   -6.153  16.821  1.00 20.25 ?  58  PHE A CG  1 
ATOM   220  C CD1 . PHE A 1 41  ? 4.659   -5.055  15.992  1.00 15.75 ?  58  PHE A CD1 1 
ATOM   221  C CD2 . PHE A 1 41  ? 3.388   -6.803  16.971  1.00 19.21 ?  58  PHE A CD2 1 
ATOM   222  C CE1 . PHE A 1 41  ? 3.527   -4.616  15.330  1.00 20.94 ?  58  PHE A CE1 1 
ATOM   223  C CE2 . PHE A 1 41  ? 2.256   -6.368  16.300  1.00 20.35 ?  58  PHE A CE2 1 
ATOM   224  C CZ  . PHE A 1 41  ? 2.323   -5.281  15.482  1.00 16.79 ?  58  PHE A CZ  1 
ATOM   225  N N   . VAL A 1 42  ? 4.277   -4.469  19.485  1.00 20.41 ?  59  VAL A N   1 
ATOM   226  C CA  . VAL A 1 42  ? 3.037   -4.244  20.212  1.00 19.32 ?  59  VAL A CA  1 
ATOM   227  C C   . VAL A 1 42  ? 1.886   -4.033  19.243  1.00 19.26 ?  59  VAL A C   1 
ATOM   228  O O   . VAL A 1 42  ? 0.947   -4.811  19.219  1.00 23.64 ?  59  VAL A O   1 
ATOM   229  C CB  . VAL A 1 42  ? 3.141   -3.040  21.178  1.00 22.53 ?  59  VAL A CB  1 
ATOM   230  C CG1 . VAL A 1 42  ? 1.801   -2.757  21.813  1.00 23.04 ?  59  VAL A CG1 1 
ATOM   231  C CG2 . VAL A 1 42  ? 4.173   -3.311  22.253  1.00 22.06 ?  59  VAL A CG2 1 
ATOM   232  N N   . ARG A 1 43  ? 1.946   -2.982  18.441  1.00 23.40 ?  60  ARG A N   1 
ATOM   233  C CA  . ARG A 1 43  ? 0.859   -2.718  17.505  1.00 21.98 ?  60  ARG A CA  1 
ATOM   234  C C   . ARG A 1 43  ? 1.326   -1.819  16.380  1.00 19.61 ?  60  ARG A C   1 
ATOM   235  O O   . ARG A 1 43  ? 2.359   -1.152  16.491  1.00 19.88 ?  60  ARG A O   1 
ATOM   236  C CB  . ARG A 1 43  ? -0.341  -2.075  18.217  1.00 21.14 ?  60  ARG A CB  1 
ATOM   237  C CG  . ARG A 1 43  ? -0.069  -0.659  18.712  1.00 24.35 ?  60  ARG A CG  1 
ATOM   238  C CD  . ARG A 1 43  ? -1.215  -0.086  19.556  1.00 33.20 ?  60  ARG A CD  1 
ATOM   239  N NE  . ARG A 1 43  ? -0.982  1.329   19.847  1.00 38.14 ?  60  ARG A NE  1 
ATOM   240  C CZ  . ARG A 1 43  ? -1.583  2.338   19.219  1.00 40.46 ?  60  ARG A CZ  1 
ATOM   241  N NH1 . ARG A 1 43  ? -2.487  2.100   18.270  1.00 35.21 ?  60  ARG A NH1 1 
ATOM   242  N NH2 . ARG A 1 43  ? -1.284  3.591   19.546  1.00 44.83 ?  60  ARG A NH2 1 
ATOM   243  N N   . VAL A 1 44  ? 0.555   -1.818  15.299  1.00 16.23 ?  61  VAL A N   1 
ATOM   244  C CA  . VAL A 1 44  ? 0.758   -0.902  14.199  1.00 19.65 ?  61  VAL A CA  1 
ATOM   245  C C   . VAL A 1 44  ? -0.113  0.314   14.425  1.00 22.45 ?  61  VAL A C   1 
ATOM   246  O O   . VAL A 1 44  ? -1.309  0.170   14.661  1.00 22.89 ?  61  VAL A O   1 
ATOM   247  C CB  . VAL A 1 44  ? 0.388   -1.535  12.850  1.00 19.60 ?  61  VAL A CB  1 
ATOM   248  C CG1 . VAL A 1 44  ? 0.721   -0.586  11.721  1.00 17.51 ?  61  VAL A CG1 1 
ATOM   249  C CG2 . VAL A 1 44  ? 1.086   -2.874  12.679  1.00 19.50 ?  61  VAL A CG2 1 
ATOM   250  N N   . VAL A 1 45  ? 0.458   1.510   14.342  1.00 23.95 ?  62  VAL A N   1 
ATOM   251  C CA  . VAL A 1 45  ? -0.369  2.700   14.507  1.00 22.54 ?  62  VAL A CA  1 
ATOM   252  C C   . VAL A 1 45  ? -0.764  3.295   13.146  1.00 25.82 ?  62  VAL A C   1 
ATOM   253  O O   . VAL A 1 45  ? -1.854  3.852   13.018  1.00 25.01 ?  62  VAL A O   1 
ATOM   254  C CB  . VAL A 1 45  ? 0.325   3.756   15.421  1.00 21.21 ?  62  VAL A CB  1 
ATOM   255  C CG1 . VAL A 1 45  ? 0.916   3.084   16.658  1.00 24.56 ?  62  VAL A CG1 1 
ATOM   256  C CG2 . VAL A 1 45  ? 1.370   4.549   14.693  1.00 24.47 ?  62  VAL A CG2 1 
ATOM   257  N N   . LYS A 1 46  ? 0.078   3.142   12.125  1.00 22.07 ?  63  LYS A N   1 
ATOM   258  C CA  . LYS A 1 46  ? -0.245  3.680   10.804  1.00 21.29 ?  63  LYS A CA  1 
ATOM   259  C C   . LYS A 1 46  ? 0.472   2.896   9.687   1.00 20.17 ?  63  LYS A C   1 
ATOM   260  O O   . LYS A 1 46  ? 1.539   2.341   9.911   1.00 22.16 ?  63  LYS A O   1 
ATOM   261  C CB  . LYS A 1 46  ? 0.114   5.169   10.765  1.00 23.26 ?  63  LYS A CB  1 
ATOM   262  C CG  . LYS A 1 46  ? 0.007   5.831   9.405   1.00 31.21 ?  63  LYS A CG  1 
ATOM   263  C CD  . LYS A 1 46  ? 0.397   7.293   9.459   1.00 37.29 ?  63  LYS A CD  1 
ATOM   264  C CE  . LYS A 1 46  ? 0.652   7.831   8.060   1.00 40.25 ?  63  LYS A CE  1 
ATOM   265  N NZ  . LYS A 1 46  ? 1.166   9.228   8.114   1.00 46.12 ?  63  LYS A NZ  1 
ATOM   266  N N   . ALA A 1 47  ? -0.124  2.845   8.498   1.00 20.42 ?  64  ALA A N   1 
ATOM   267  C CA  . ALA A 1 47  ? 0.422   2.071   7.388   1.00 17.91 ?  64  ALA A CA  1 
ATOM   268  C C   . ALA A 1 47  ? -0.003  2.617   6.033   1.00 19.06 ?  64  ALA A C   1 
ATOM   269  O O   . ALA A 1 47  ? -1.180  2.602   5.690   1.00 24.62 ?  64  ALA A O   1 
ATOM   270  C CB  . ALA A 1 47  ? -0.003  0.628   7.499   1.00 18.55 ?  64  ALA A CB  1 
ATOM   271  N N   . LYS A 1 48  ? 0.969   3.078   5.261   1.00 16.80 ?  65  LYS A N   1 
ATOM   272  C CA  . LYS A 1 48  ? 0.743   3.495   3.891   1.00 16.36 ?  65  LYS A CA  1 
ATOM   273  C C   . LYS A 1 48  ? 1.216   2.377   2.961   1.00 16.59 ?  65  LYS A C   1 
ATOM   274  O O   . LYS A 1 48  ? 2.312   1.849   3.140   1.00 17.02 ?  65  LYS A O   1 
ATOM   275  C CB  . LYS A 1 48  ? 1.480   4.804   3.611   1.00 17.17 ?  65  LYS A CB  1 
ATOM   276  C CG  . LYS A 1 48  ? 1.534   5.169   2.139   1.00 27.19 ?  65  LYS A CG  1 
ATOM   277  C CD  . LYS A 1 48  ? 2.735   6.068   1.786   1.00 30.41 ?  65  LYS A CD  1 
ATOM   278  C CE  . LYS A 1 48  ? 2.701   7.407   2.511   1.00 35.53 ?  65  LYS A CE  1 
ATOM   279  N NZ  . LYS A 1 48  ? 3.713   8.343   1.931   1.00 41.44 ?  65  LYS A NZ  1 
ATOM   280  N N   . GLU A 1 49  ? 0.387   1.997   1.997   1.00 11.46 ?  66  GLU A N   1 
ATOM   281  C CA  . GLU A 1 49  ? 0.742   0.935   1.055   1.00 13.14 ?  66  GLU A CA  1 
ATOM   282  C C   . GLU A 1 49  ? 0.828   1.511   -0.362  1.00 15.68 ?  66  GLU A C   1 
ATOM   283  O O   . GLU A 1 49  ? -0.135  2.083   -0.882  1.00 14.52 ?  66  GLU A O   1 
ATOM   284  C CB  . GLU A 1 49  ? -0.267  -0.219  1.114   1.00 12.50 ?  66  GLU A CB  1 
ATOM   285  C CG  . GLU A 1 49  ? -0.656  -0.585  2.551   1.00 18.06 ?  66  GLU A CG  1 
ATOM   286  C CD  . GLU A 1 49  ? -1.857  -1.506  2.663   1.00 19.85 ?  66  GLU A CD  1 
ATOM   287  O OE1 . GLU A 1 49  ? -2.409  -1.597  3.773   1.00 27.52 ?  66  GLU A OE1 1 
ATOM   288  O OE2 . GLU A 1 49  ? -2.256  -2.143  1.668   1.00 23.25 ?  66  GLU A OE2 1 
ATOM   289  N N   . GLN A 1 50  ? 1.993   1.379   -0.977  1.00 11.80 ?  67  GLN A N   1 
ATOM   290  C CA  . GLN A 1 50  ? 2.198   1.984   -2.274  1.00 11.61 ?  67  GLN A CA  1 
ATOM   291  C C   . GLN A 1 50  ? 2.665   0.967   -3.311  1.00 10.88 ?  67  GLN A C   1 
ATOM   292  O O   . GLN A 1 50  ? 3.765   0.416   -3.215  1.00 13.56 ?  67  GLN A O   1 
ATOM   293  C CB  . GLN A 1 50  ? 3.186   3.131   -2.147  1.00 15.34 ?  67  GLN A CB  1 
ATOM   294  C CG  . GLN A 1 50  ? 3.158   4.098   -3.311  1.00 23.85 ?  67  GLN A CG  1 
ATOM   295  C CD  . GLN A 1 50  ? 4.029   5.313   -3.044  1.00 31.26 ?  67  GLN A CD  1 
ATOM   296  O OE1 . GLN A 1 50  ? 4.866   5.303   -2.132  1.00 30.06 ?  67  GLN A OE1 1 
ATOM   297  N NE2 . GLN A 1 50  ? 3.820   6.373   -3.817  1.00 29.27 ?  67  GLN A NE2 1 
ATOM   298  N N   . VAL A 1 51  ? 1.787   0.701   -4.270  1.00 10.65 ?  68  VAL A N   1 
ATOM   299  C CA  . VAL A 1 51  ? 2.050   -0.190  -5.394  1.00 12.35 ?  68  VAL A CA  1 
ATOM   300  C C   . VAL A 1 51  ? 2.601   0.609   -6.563  1.00 12.91 ?  68  VAL A C   1 
ATOM   301  O O   . VAL A 1 51  ? 2.018   1.614   -6.945  1.00 11.25 ?  68  VAL A O   1 
ATOM   302  C CB  . VAL A 1 51  ? 0.774   -0.912  -5.854  1.00 10.70 ?  68  VAL A CB  1 
ATOM   303  C CG1 . VAL A 1 51  ? 1.073   -1.821  -7.029  1.00 10.66 ?  68  VAL A CG1 1 
ATOM   304  C CG2 . VAL A 1 51  ? 0.146   -1.684  -4.708  1.00 10.87 ?  68  VAL A CG2 1 
ATOM   305  N N   . ASP A 1 52  ? 3.721   0.172   -7.122  1.00 14.04 ?  69  ASP A N   1 
ATOM   306  C CA  . ASP A 1 52  ? 4.348   0.873   -8.249  1.00 14.78 ?  69  ASP A CA  1 
ATOM   307  C C   . ASP A 1 52  ? 4.075   0.147   -9.554  1.00 14.05 ?  69  ASP A C   1 
ATOM   308  O O   . ASP A 1 52  ? 4.735   -0.850  -9.849  1.00 14.29 ?  69  ASP A O   1 
ATOM   309  C CB  . ASP A 1 52  ? 5.866   1.015   -8.043  1.00 15.46 ?  69  ASP A CB  1 
ATOM   310  C CG  . ASP A 1 52  ? 6.530   1.900   -9.112  1.00 24.13 ?  69  ASP A CG  1 
ATOM   311  O OD1 . ASP A 1 52  ? 5.865   2.224   -10.122 1.00 20.17 ?  69  ASP A OD1 1 
ATOM   312  O OD2 . ASP A 1 52  ? 7.716   2.275   -8.950  1.00 25.13 ?  69  ASP A OD2 1 
ATOM   313  N N   . LEU A 1 53  ? 3.125   0.664   -10.334 1.00 13.06 ?  70  LEU A N   1 
ATOM   314  C CA  . LEU A 1 53  ? 2.729   0.030   -11.584 1.00 15.82 ?  70  LEU A CA  1 
ATOM   315  C C   . LEU A 1 53  ? 3.571   0.482   -12.779 1.00 16.91 ?  70  LEU A C   1 
ATOM   316  O O   . LEU A 1 53  ? 3.360   -0.003  -13.888 1.00 18.38 ?  70  LEU A O   1 
ATOM   317  C CB  . LEU A 1 53  ? 1.249   0.301   -11.883 1.00 14.41 ?  70  LEU A CB  1 
ATOM   318  C CG  . LEU A 1 53  ? 0.194   -0.488  -11.099 1.00 17.79 ?  70  LEU A CG  1 
ATOM   319  C CD1 . LEU A 1 53  ? -1.213  -0.156  -11.571 1.00 14.56 ?  70  LEU A CD1 1 
ATOM   320  C CD2 . LEU A 1 53  ? 0.435   -1.974  -11.215 1.00 18.93 ?  70  LEU A CD2 1 
ATOM   321  N N   . THR A 1 54  ? 4.506   1.407   -12.570 1.00 14.44 ?  71  THR A N   1 
ATOM   322  C CA  . THR A 1 54  ? 5.226   2.000   -13.705 1.00 20.78 ?  71  THR A CA  1 
ATOM   323  C C   . THR A 1 54  ? 6.451   1.199   -14.147 1.00 22.51 ?  71  THR A C   1 
ATOM   324  O O   . THR A 1 54  ? 7.019   1.466   -15.208 1.00 26.48 ?  71  THR A O   1 
ATOM   325  C CB  . THR A 1 54  ? 5.708   3.436   -13.402 1.00 20.61 ?  71  THR A CB  1 
ATOM   326  O OG1 . THR A 1 54  ? 6.762   3.393   -12.429 1.00 20.04 ?  71  THR A OG1 1 
ATOM   327  C CG2 . THR A 1 54  ? 4.550   4.331   -12.920 1.00 16.88 ?  71  THR A CG2 1 
ATOM   328  N N   . ARG A 1 55  ? 6.850   0.229   -13.329 1.00 20.27 ?  72  ARG A N   1 
ATOM   329  C CA  . ARG A 1 55  ? 8.045   -0.566  -13.566 1.00 19.63 ?  72  ARG A CA  1 
ATOM   330  C C   . ARG A 1 55  ? 7.760   -2.052  -13.426 1.00 19.29 ?  72  ARG A C   1 
ATOM   331  O O   . ARG A 1 55  ? 6.765   -2.455  -12.811 1.00 19.34 ?  72  ARG A O   1 
ATOM   332  C CB  . ARG A 1 55  ? 9.162   -0.190  -12.577 1.00 19.61 ?  72  ARG A CB  1 
ATOM   333  C CG  . ARG A 1 55  ? 9.588   1.258   -12.617 1.00 21.93 ?  72  ARG A CG  1 
ATOM   334  C CD  . ARG A 1 55  ? 10.542  1.567   -11.471 1.00 22.99 ?  72  ARG A CD  1 
ATOM   335  N NE  . ARG A 1 55  ? 11.036  2.939   -11.538 1.00 32.84 ?  72  ARG A NE  1 
ATOM   336  C CZ  . ARG A 1 55  ? 10.510  3.972   -10.880 1.00 41.86 ?  72  ARG A CZ  1 
ATOM   337  N NH1 . ARG A 1 55  ? 9.455   3.809   -10.080 1.00 32.49 ?  72  ARG A NH1 1 
ATOM   338  N NH2 . ARG A 1 55  ? 11.045  5.179   -11.025 1.00 43.76 ?  72  ARG A NH2 1 
ATOM   339  N N   . PHE A 1 56  ? 8.654   -2.857  -13.987 1.00 15.42 ?  73  PHE A N   1 
ATOM   340  C CA  . PHE A 1 56  ? 8.681   -4.278  -13.723 1.00 15.04 ?  73  PHE A CA  1 
ATOM   341  C C   . PHE A 1 56  ? 9.983   -4.560  -12.978 1.00 16.47 ?  73  PHE A C   1 
ATOM   342  O O   . PHE A 1 56  ? 10.986  -3.904  -13.229 1.00 17.42 ?  73  PHE A O   1 
ATOM   343  C CB  . PHE A 1 56  ? 8.582   -5.096  -15.016 1.00 19.28 ?  73  PHE A CB  1 
ATOM   344  C CG  . PHE A 1 56  ? 7.255   -4.960  -15.737 1.00 17.93 ?  73  PHE A CG  1 
ATOM   345  C CD1 . PHE A 1 56  ? 6.068   -4.891  -15.033 1.00 20.87 ?  73  PHE A CD1 1 
ATOM   346  C CD2 . PHE A 1 56  ? 7.204   -4.916  -17.119 1.00 20.03 ?  73  PHE A CD2 1 
ATOM   347  C CE1 . PHE A 1 56  ? 4.848   -4.778  -15.693 1.00 18.36 ?  73  PHE A CE1 1 
ATOM   348  C CE2 . PHE A 1 56  ? 5.992   -4.804  -17.786 1.00 21.63 ?  73  PHE A CE2 1 
ATOM   349  C CZ  . PHE A 1 56  ? 4.816   -4.736  -17.072 1.00 19.03 ?  73  PHE A CZ  1 
ATOM   350  N N   . PRO A 1 57  ? 9.961   -5.494  -12.019 1.00 15.29 ?  74  PRO A N   1 
ATOM   351  C CA  . PRO A 1 57  ? 8.762   -6.193  -11.540 1.00 14.99 ?  74  PRO A CA  1 
ATOM   352  C C   . PRO A 1 57  ? 7.872   -5.256  -10.718 1.00 15.72 ?  74  PRO A C   1 
ATOM   353  O O   . PRO A 1 57  ? 8.389   -4.299  -10.141 1.00 14.02 ?  74  PRO A O   1 
ATOM   354  C CB  . PRO A 1 57  ? 9.334   -7.319  -10.674 1.00 17.19 ?  74  PRO A CB  1 
ATOM   355  C CG  . PRO A 1 57  ? 10.626  -6.766  -10.166 1.00 15.01 ?  74  PRO A CG  1 
ATOM   356  C CD  . PRO A 1 57  ? 11.177  -5.938  -11.317 1.00 15.65 ?  74  PRO A CD  1 
ATOM   357  N N   . VAL A 1 58  ? 6.563   -5.495  -10.717 1.00 14.34 ?  75  VAL A N   1 
ATOM   358  C CA  . VAL A 1 58  ? 5.654   -4.697  -9.901  1.00 15.67 ?  75  VAL A CA  1 
ATOM   359  C C   . VAL A 1 58  ? 5.996   -4.949  -8.441  1.00 15.67 ?  75  VAL A C   1 
ATOM   360  O O   . VAL A 1 58  ? 6.173   -6.093  -8.025  1.00 19.15 ?  75  VAL A O   1 
ATOM   361  C CB  . VAL A 1 58  ? 4.176   -5.017  -10.188 1.00 15.54 ?  75  VAL A CB  1 
ATOM   362  C CG1 . VAL A 1 58  ? 3.258   -4.132  -9.350  1.00 13.98 ?  75  VAL A CG1 1 
ATOM   363  C CG2 . VAL A 1 58  ? 3.882   -4.807  -11.660 1.00 10.64 ?  75  VAL A CG2 1 
ATOM   364  N N   . THR A 1 59  ? 6.152   -3.870  -7.686  1.00 13.20 ?  76  THR A N   1 
ATOM   365  C CA  . THR A 1 59  ? 6.554   -3.959  -6.295  1.00 11.99 ?  76  THR A CA  1 
ATOM   366  C C   . THR A 1 59  ? 5.629   -3.112  -5.443  1.00 14.44 ?  76  THR A C   1 
ATOM   367  O O   . THR A 1 59  ? 4.990   -2.185  -5.942  1.00 12.13 ?  76  THR A O   1 
ATOM   368  C CB  . THR A 1 59  ? 8.015   -3.494  -6.080  1.00 14.48 ?  76  THR A CB  1 
ATOM   369  O OG1 . THR A 1 59  ? 8.180   -2.150  -6.553  1.00 13.44 ?  76  THR A OG1 1 
ATOM   370  C CG2 . THR A 1 59  ? 8.984   -4.398  -6.823  1.00 14.84 ?  76  THR A CG2 1 
ATOM   371  N N   . THR A 1 60  ? 5.559   -3.443  -4.157  1.00 13.33 ?  77  THR A N   1 
ATOM   372  C CA  . THR A 1 60  ? 4.832   -2.630  -3.190  1.00 12.78 ?  77  THR A CA  1 
ATOM   373  C C   . THR A 1 60  ? 5.764   -2.119  -2.105  1.00 11.31 ?  77  THR A C   1 
ATOM   374  O O   . THR A 1 60  ? 6.560   -2.873  -1.603  1.00 10.26 ?  77  THR A O   1 
ATOM   375  C CB  . THR A 1 60  ? 3.708   -3.423  -2.524  1.00 12.14 ?  77  THR A CB  1 
ATOM   376  O OG1 . THR A 1 60  ? 2.968   -4.113  -3.532  1.00 11.10 ?  77  THR A OG1 1 
ATOM   377  C CG2 . THR A 1 60  ? 2.786   -2.485  -1.693  1.00 9.34  ?  77  THR A CG2 1 
ATOM   378  N N   . MET A 1 61  ? 5.670   -0.841  -1.755  1.00 12.30 ?  78  MET A N   1 
ATOM   379  C CA  . MET A 1 61  ? 6.386   -0.341  -0.582  1.00 12.73 ?  78  MET A CA  1 
ATOM   380  C C   . MET A 1 61  ? 5.413   -0.134  0.555   1.00 14.56 ?  78  MET A C   1 
ATOM   381  O O   . MET A 1 61  ? 4.368   0.517   0.386   1.00 13.46 ?  78  MET A O   1 
ATOM   382  C CB  . MET A 1 61  ? 7.106   0.977   -0.857  1.00 18.36 ?  78  MET A CB  1 
ATOM   383  C CG  . MET A 1 61  ? 8.519   0.848   -1.436  1.00 28.25 ?  78  MET A CG  1 
ATOM   384  S SD  . MET A 1 61  ? 9.748   0.097   -0.334  1.00 26.01 ?  78  MET A SD  1 
ATOM   385  C CE  . MET A 1 61  ? 9.182   0.658   1.247   1.00 17.21 ?  78  MET A CE  1 
ATOM   386  N N   . TYR A 1 62  ? 5.741   -0.695  1.712   1.00 12.81 ?  79  TYR A N   1 
ATOM   387  C CA  . TYR A 1 62  ? 4.932   -0.472  2.900   1.00 11.82 ?  79  TYR A CA  1 
ATOM   388  C C   . TYR A 1 62  ? 5.675   0.460   3.846   1.00 15.03 ?  79  TYR A C   1 
ATOM   389  O O   . TYR A 1 62  ? 6.831   0.212   4.199   1.00 15.07 ?  79  TYR A O   1 
ATOM   390  C CB  . TYR A 1 62  ? 4.606   -1.790  3.582   1.00 10.81 ?  79  TYR A CB  1 
ATOM   391  C CG  . TYR A 1 62  ? 3.722   -2.706  2.774   1.00 9.62  ?  79  TYR A CG  1 
ATOM   392  C CD1 . TYR A 1 62  ? 4.262   -3.595  1.842   1.00 10.94 ?  79  TYR A CD1 1 
ATOM   393  C CD2 . TYR A 1 62  ? 2.351   -2.705  2.955   1.00 11.36 ?  79  TYR A CD2 1 
ATOM   394  C CE1 . TYR A 1 62  ? 3.447   -4.454  1.108   1.00 8.54  ?  79  TYR A CE1 1 
ATOM   395  C CE2 . TYR A 1 62  ? 1.530   -3.550  2.229   1.00 13.55 ?  79  TYR A CE2 1 
ATOM   396  C CZ  . TYR A 1 62  ? 2.081   -4.425  1.308   1.00 11.62 ?  79  TYR A CZ  1 
ATOM   397  O OH  . TYR A 1 62  ? 1.248   -5.249  0.597   1.00 12.15 ?  79  TYR A OH  1 
ATOM   398  N N   . TYR A 1 63  ? 5.025   1.550   4.230   1.00 15.81 ?  80  TYR A N   1 
ATOM   399  C CA  . TYR A 1 63  ? 5.601   2.466   5.206   1.00 17.18 ?  80  TYR A CA  1 
ATOM   400  C C   . TYR A 1 63  ? 4.827   2.284   6.489   1.00 17.12 ?  80  TYR A C   1 
ATOM   401  O O   . TYR A 1 63  ? 3.676   2.717   6.603   1.00 15.44 ?  80  TYR A O   1 
ATOM   402  C CB  . TYR A 1 63  ? 5.550   3.929   4.741   1.00 17.96 ?  80  TYR A CB  1 
ATOM   403  C CG  . TYR A 1 63  ? 6.189   4.165   3.405   1.00 17.04 ?  80  TYR A CG  1 
ATOM   404  C CD1 . TYR A 1 63  ? 5.516   3.841   2.240   1.00 20.46 ?  80  TYR A CD1 1 
ATOM   405  C CD2 . TYR A 1 63  ? 7.459   4.707   3.298   1.00 24.79 ?  80  TYR A CD2 1 
ATOM   406  C CE1 . TYR A 1 63  ? 6.086   4.036   1.006   1.00 20.53 ?  80  TYR A CE1 1 
ATOM   407  C CE2 . TYR A 1 63  ? 8.048   4.914   2.043   1.00 23.71 ?  80  TYR A CE2 1 
ATOM   408  C CZ  . TYR A 1 63  ? 7.341   4.573   0.903   1.00 20.50 ?  80  TYR A CZ  1 
ATOM   409  O OH  . TYR A 1 63  ? 7.865   4.754   -0.358  1.00 22.94 ?  80  TYR A OH  1 
ATOM   410  N N   . LEU A 1 64  ? 5.458   1.612   7.442   1.00 15.56 ?  81  LEU A N   1 
ATOM   411  C CA  . LEU A 1 64  ? 4.798   1.230   8.672   1.00 15.36 ?  81  LEU A CA  1 
ATOM   412  C C   . LEU A 1 64  ? 5.224   2.097   9.849   1.00 16.09 ?  81  LEU A C   1 
ATOM   413  O O   . LEU A 1 64  ? 6.402   2.282   10.098  1.00 18.99 ?  81  LEU A O   1 
ATOM   414  C CB  . LEU A 1 64  ? 5.094   -0.234  8.978   1.00 16.34 ?  81  LEU A CB  1 
ATOM   415  C CG  . LEU A 1 64  ? 4.890   -1.215  7.827   1.00 16.17 ?  81  LEU A CG  1 
ATOM   416  C CD1 . LEU A 1 64  ? 5.275   -2.623  8.282   1.00 17.34 ?  81  LEU A CD1 1 
ATOM   417  C CD2 . LEU A 1 64  ? 3.457   -1.186  7.343   1.00 12.74 ?  81  LEU A CD2 1 
ATOM   418  N N   . THR A 1 65  ? 4.260   2.637   10.571  1.00 19.54 ?  82  THR A N   1 
ATOM   419  C CA  . THR A 1 65  ? 4.548   3.230   11.862  1.00 18.36 ?  82  THR A CA  1 
ATOM   420  C C   . THR A 1 65  ? 4.049   2.257   12.915  1.00 20.56 ?  82  THR A C   1 
ATOM   421  O O   . THR A 1 65  ? 2.842   1.989   13.005  1.00 21.38 ?  82  THR A O   1 
ATOM   422  C CB  . THR A 1 65  ? 3.888   4.603   12.033  1.00 18.51 ?  82  THR A CB  1 
ATOM   423  O OG1 . THR A 1 65  ? 4.301   5.458   10.964  1.00 18.28 ?  82  THR A OG1 1 
ATOM   424  C CG2 . THR A 1 65  ? 4.311   5.231   13.324  1.00 18.68 ?  82  THR A CG2 1 
ATOM   425  N N   . LEU A 1 66  ? 4.977   1.699   13.688  1.00 20.54 ?  83  LEU A N   1 
ATOM   426  C CA  . LEU A 1 66  ? 4.619   0.661   14.643  1.00 19.47 ?  83  LEU A CA  1 
ATOM   427  C C   . LEU A 1 66  ? 5.108   0.985   16.049  1.00 18.42 ?  83  LEU A C   1 
ATOM   428  O O   . LEU A 1 66  ? 6.022   1.779   16.245  1.00 20.13 ?  83  LEU A O   1 
ATOM   429  C CB  . LEU A 1 66  ? 5.163   -0.691  14.178  1.00 18.50 ?  83  LEU A CB  1 
ATOM   430  C CG  . LEU A 1 66  ? 6.687   -0.887  14.076  1.00 19.04 ?  83  LEU A CG  1 
ATOM   431  C CD1 . LEU A 1 66  ? 7.250   -1.443  15.360  1.00 20.32 ?  83  LEU A CD1 1 
ATOM   432  C CD2 . LEU A 1 66  ? 7.059   -1.798  12.901  1.00 11.41 ?  83  LEU A CD2 1 
ATOM   433  N N   . GLU A 1 67  ? 4.487   0.353   17.030  1.00 21.63 ?  84  GLU A N   1 
ATOM   434  C CA  . GLU A 1 67  ? 4.870   0.549   18.415  1.00 23.00 ?  84  GLU A CA  1 
ATOM   435  C C   . GLU A 1 67  ? 5.551   -0.710  18.919  1.00 20.46 ?  84  GLU A C   1 
ATOM   436  O O   . GLU A 1 67  ? 5.045   -1.813  18.723  1.00 20.82 ?  84  GLU A O   1 
ATOM   437  C CB  . GLU A 1 67  ? 3.644   0.882   19.262  1.00 22.20 ?  84  GLU A CB  1 
ATOM   438  C CG  . GLU A 1 67  ? 3.951   1.451   20.629  1.00 28.30 ?  84  GLU A CG  1 
ATOM   439  C CD  . GLU A 1 67  ? 2.722   2.092   21.278  1.00 42.85 ?  84  GLU A CD  1 
ATOM   440  O OE1 . GLU A 1 67  ? 1.581   1.824   20.815  1.00 37.83 ?  84  GLU A OE1 1 
ATOM   441  O OE2 . GLU A 1 67  ? 2.905   2.876   22.240  1.00 43.81 ?  84  GLU A OE2 1 
ATOM   442  N N   . ALA A 1 68  ? 6.696   -0.549  19.567  1.00 20.53 ?  85  ALA A N   1 
ATOM   443  C CA  . ALA A 1 68  ? 7.433   -1.698  20.076  1.00 22.51 ?  85  ALA A CA  1 
ATOM   444  C C   . ALA A 1 68  ? 8.039   -1.410  21.441  1.00 21.92 ?  85  ALA A C   1 
ATOM   445  O O   . ALA A 1 68  ? 8.456   -0.291  21.716  1.00 24.08 ?  85  ALA A O   1 
ATOM   446  C CB  . ALA A 1 68  ? 8.523   -2.111  19.082  1.00 22.08 ?  85  ALA A CB  1 
ATOM   447  N N   . LYS A 1 69  ? 8.079   -2.423  22.297  1.00 22.74 ?  86  LYS A N   1 
ATOM   448  C CA  . LYS A 1 69  ? 8.691   -2.268  23.611  1.00 25.32 ?  86  LYS A CA  1 
ATOM   449  C C   . LYS A 1 69  ? 10.203  -2.383  23.522  1.00 28.74 ?  86  LYS A C   1 
ATOM   450  O O   . LYS A 1 69  ? 10.723  -3.394  23.045  1.00 29.23 ?  86  LYS A O   1 
ATOM   451  C CB  . LYS A 1 69  ? 8.155   -3.308  24.588  1.00 26.14 ?  86  LYS A CB  1 
ATOM   452  C CG  . LYS A 1 69  ? 6.759   -3.018  25.096  1.00 35.04 ?  86  LYS A CG  1 
ATOM   453  C CD  . LYS A 1 69  ? 6.269   -4.121  26.012  1.00 39.35 ?  86  LYS A CD  1 
ATOM   454  C CE  . LYS A 1 69  ? 5.111   -3.649  26.875  1.00 45.16 ?  86  LYS A CE  1 
ATOM   455  N NZ  . LYS A 1 69  ? 4.603   -4.742  27.754  1.00 47.62 ?  86  LYS A NZ  1 
ATOM   456  N N   . ASP A 1 70  ? 10.896  -1.331  23.956  1.00 29.18 ?  87  ASP A N   1 
ATOM   457  C CA  . ASP A 1 70  ? 12.345  -1.353  24.149  1.00 35.31 ?  87  ASP A CA  1 
ATOM   458  C C   . ASP A 1 70  ? 12.677  -1.416  25.648  1.00 39.15 ?  87  ASP A C   1 
ATOM   459  O O   . ASP A 1 70  ? 12.849  -0.383  26.294  1.00 37.49 ?  87  ASP A O   1 
ATOM   460  C CB  . ASP A 1 70  ? 13.004  -0.119  23.516  1.00 33.87 ?  87  ASP A CB  1 
ATOM   461  C CG  . ASP A 1 70  ? 14.534  -0.210  23.498  1.00 38.64 ?  87  ASP A CG  1 
ATOM   462  O OD1 . ASP A 1 70  ? 15.074  -1.288  23.842  1.00 41.66 ?  87  ASP A OD1 1 
ATOM   463  O OD2 . ASP A 1 70  ? 15.197  0.788   23.123  1.00 33.83 ?  87  ASP A OD2 1 
ATOM   464  N N   . GLY A 1 71  ? 12.763  -2.626  26.193  1.00 37.19 ?  88  GLY A N   1 
ATOM   465  C CA  . GLY A 1 71  ? 13.027  -2.797  27.612  1.00 39.10 ?  88  GLY A CA  1 
ATOM   466  C C   . GLY A 1 71  ? 11.961  -2.174  28.502  1.00 38.89 ?  88  GLY A C   1 
ATOM   467  O O   . GLY A 1 71  ? 12.267  -1.359  29.380  1.00 34.53 ?  88  GLY A O   1 
ATOM   468  N N   . GLY A 1 72  ? 10.707  -2.547  28.268  1.00 37.47 ?  89  GLY A N   1 
ATOM   469  C CA  . GLY A 1 72  ? 9.597   -2.027  29.050  1.00 38.05 ?  89  GLY A CA  1 
ATOM   470  C C   . GLY A 1 72  ? 9.081   -0.655  28.642  1.00 36.13 ?  89  GLY A C   1 
ATOM   471  O O   . GLY A 1 72  ? 7.987   -0.267  29.028  1.00 40.10 ?  89  GLY A O   1 
ATOM   472  N N   . LYS A 1 73  ? 9.866   0.098   27.880  1.00 35.11 ?  90  LYS A N   1 
ATOM   473  C CA  . LYS A 1 73  ? 9.412   1.384   27.367  1.00 31.51 ?  90  LYS A CA  1 
ATOM   474  C C   . LYS A 1 73  ? 8.773   1.194   26.003  1.00 27.09 ?  90  LYS A C   1 
ATOM   475  O O   . LYS A 1 73  ? 9.391   0.634   25.117  1.00 32.29 ?  90  LYS A O   1 
ATOM   476  C CB  . LYS A 1 73  ? 10.574  2.373   27.247  1.00 36.01 ?  90  LYS A CB  1 
ATOM   477  C CG  . LYS A 1 73  ? 11.210  2.801   28.551  1.00 37.90 ?  90  LYS A CG  1 
ATOM   478  C CD  . LYS A 1 73  ? 12.400  3.726   28.288  1.00 41.17 ?  90  LYS A CD  1 
ATOM   479  C CE  . LYS A 1 73  ? 13.156  4.077   29.571  1.00 54.33 ?  90  LYS A CE  1 
ATOM   480  N NZ  . LYS A 1 73  ? 12.326  4.813   30.584  1.00 53.92 ?  90  LYS A NZ  1 
ATOM   481  N N   . LYS A 1 74  ? 7.544   1.659   25.826  1.00 31.22 ?  91  LYS A N   1 
ATOM   482  C CA  . LYS A 1 74  ? 6.900   1.631   24.514  1.00 28.05 ?  91  LYS A CA  1 
ATOM   483  C C   . LYS A 1 74  ? 7.373   2.772   23.607  1.00 25.65 ?  91  LYS A C   1 
ATOM   484  O O   . LYS A 1 74  ? 7.210   3.938   23.938  1.00 24.21 ?  91  LYS A O   1 
ATOM   485  C CB  . LYS A 1 74  ? 5.386   1.704   24.667  1.00 28.93 ?  91  LYS A CB  1 
ATOM   486  C CG  . LYS A 1 74  ? 4.708   0.380   24.888  1.00 36.34 ?  91  LYS A CG  1 
ATOM   487  C CD  . LYS A 1 74  ? 3.200   0.567   24.993  1.00 41.63 ?  91  LYS A CD  1 
ATOM   488  C CE  . LYS A 1 74  ? 2.682   0.062   26.333  1.00 54.59 ?  91  LYS A CE  1 
ATOM   489  N NZ  . LYS A 1 74  ? 2.495   -1.425  26.320  1.00 60.00 ?  91  LYS A NZ  1 
ATOM   490  N N   . LYS A 1 75  ? 7.946   2.440   22.456  1.00 23.17 ?  92  LYS A N   1 
ATOM   491  C CA  . LYS A 1 75  ? 8.405   3.478   21.539  1.00 24.91 ?  92  LYS A CA  1 
ATOM   492  C C   . LYS A 1 75  ? 7.831   3.345   20.121  1.00 22.64 ?  92  LYS A C   1 
ATOM   493  O O   . LYS A 1 75  ? 7.362   2.288   19.712  1.00 19.71 ?  92  LYS A O   1 
ATOM   494  C CB  . LYS A 1 75  ? 9.929   3.488   21.471  1.00 24.92 ?  92  LYS A CB  1 
ATOM   495  C CG  . LYS A 1 75  ? 10.598  3.817   22.788  1.00 28.40 ?  92  LYS A CG  1 
ATOM   496  C CD  . LYS A 1 75  ? 12.091  4.045   22.619  1.00 25.21 ?  92  LYS A CD  1 
ATOM   497  C CE  . LYS A 1 75  ? 12.796  4.130   23.978  1.00 32.11 ?  92  LYS A CE  1 
ATOM   498  N NZ  . LYS A 1 75  ? 14.169  4.712   23.864  1.00 31.87 ?  92  LYS A NZ  1 
ATOM   499  N N   . LEU A 1 76  ? 7.881   4.445   19.383  1.00 22.12 ?  93  LEU A N   1 
ATOM   500  C CA  . LEU A 1 76  ? 7.377   4.494   18.013  1.00 23.39 ?  93  LEU A CA  1 
ATOM   501  C C   . LEU A 1 76  ? 8.480   4.311   16.993  1.00 21.73 ?  93  LEU A C   1 
ATOM   502  O O   . LEU A 1 76  ? 9.527   4.956   17.077  1.00 21.31 ?  93  LEU A O   1 
ATOM   503  C CB  . LEU A 1 76  ? 6.679   5.821   17.735  1.00 21.99 ?  93  LEU A CB  1 
ATOM   504  C CG  . LEU A 1 76  ? 5.172   5.842   17.915  1.00 27.13 ?  93  LEU A CG  1 
ATOM   505  C CD1 . LEU A 1 76  ? 4.616   7.038   17.164  1.00 27.63 ?  93  LEU A CD1 1 
ATOM   506  C CD2 . LEU A 1 76  ? 4.577   4.543   17.404  1.00 25.18 ?  93  LEU A CD2 1 
ATOM   507  N N   . TYR A 1 77  ? 8.235   3.458   16.008  1.00 19.12 ?  94  TYR A N   1 
ATOM   508  C CA  . TYR A 1 77  ? 9.222   3.252   14.956  1.00 20.51 ?  94  TYR A CA  1 
ATOM   509  C C   . TYR A 1 77  ? 8.621   3.371   13.555  1.00 19.46 ?  94  TYR A C   1 
ATOM   510  O O   . TYR A 1 77  ? 7.464   3.022   13.328  1.00 17.26 ?  94  TYR A O   1 
ATOM   511  C CB  . TYR A 1 77  ? 9.888   1.882   15.121  1.00 19.76 ?  94  TYR A CB  1 
ATOM   512  C CG  . TYR A 1 77  ? 10.609  1.704   16.432  1.00 19.15 ?  94  TYR A CG  1 
ATOM   513  C CD1 . TYR A 1 77  ? 9.936   1.246   17.559  1.00 20.69 ?  94  TYR A CD1 1 
ATOM   514  C CD2 . TYR A 1 77  ? 11.962  1.989   16.546  1.00 20.32 ?  94  TYR A CD2 1 
ATOM   515  C CE1 . TYR A 1 77  ? 10.588  1.087   18.762  1.00 22.51 ?  94  TYR A CE1 1 
ATOM   516  C CE2 . TYR A 1 77  ? 12.630  1.825   17.758  1.00 18.41 ?  94  TYR A CE2 1 
ATOM   517  C CZ  . TYR A 1 77  ? 11.934  1.368   18.853  1.00 19.56 ?  94  TYR A CZ  1 
ATOM   518  O OH  . TYR A 1 77  ? 12.578  1.198   20.046  1.00 25.26 ?  94  TYR A OH  1 
ATOM   519  N N   . GLU A 1 78  ? 9.427   3.869   12.626  1.00 21.50 ?  95  GLU A N   1 
ATOM   520  C CA  . GLU A 1 78  ? 9.087   3.864   11.213  1.00 18.33 ?  95  GLU A CA  1 
ATOM   521  C C   . GLU A 1 78  ? 9.911   2.786   10.502  1.00 20.71 ?  95  GLU A C   1 
ATOM   522  O O   . GLU A 1 78  ? 11.147  2.738   10.636  1.00 19.82 ?  95  GLU A O   1 
ATOM   523  C CB  . GLU A 1 78  ? 9.342   5.238   10.590  1.00 19.16 ?  95  GLU A CB  1 
ATOM   524  N N   . ALA A 1 79  ? 9.219   1.917   9.768   1.00 16.68 ?  96  ALA A N   1 
ATOM   525  C CA  . ALA A 1 79  ? 9.866   0.885   8.954   1.00 15.80 ?  96  ALA A CA  1 
ATOM   526  C C   . ALA A 1 79  ? 9.452   0.997   7.480   1.00 15.57 ?  96  ALA A C   1 
ATOM   527  O O   . ALA A 1 79  ? 8.314   1.334   7.182   1.00 19.46 ?  96  ALA A O   1 
ATOM   528  C CB  . ALA A 1 79  ? 9.533   -0.498  9.488   1.00 12.65 ?  96  ALA A CB  1 
ATOM   529  N N   . LYS A 1 80  ? 10.376  0.745   6.567   1.00 15.17 ?  97  LYS A N   1 
ATOM   530  C CA  . LYS A 1 80  ? 10.037  0.575   5.151   1.00 15.63 ?  97  LYS A CA  1 
ATOM   531  C C   . LYS A 1 80  ? 10.199  -0.895  4.788   1.00 14.81 ?  97  LYS A C   1 
ATOM   532  O O   . LYS A 1 80  ? 11.293  -1.456  4.919   1.00 14.67 ?  97  LYS A O   1 
ATOM   533  C CB  . LYS A 1 80  ? 10.921  1.418   4.236   1.00 15.00 ?  97  LYS A CB  1 
ATOM   534  C CG  . LYS A 1 80  ? 10.862  2.906   4.476   1.00 24.32 ?  97  LYS A CG  1 
ATOM   535  C CD  . LYS A 1 80  ? 11.610  3.665   3.378   1.00 28.88 ?  97  LYS A CD  1 
ATOM   536  C CE  . LYS A 1 80  ? 11.726  5.157   3.713   1.00 33.11 ?  97  LYS A CE  1 
ATOM   537  N NZ  . LYS A 1 80  ? 12.156  5.967   2.528   1.00 39.73 ?  97  LYS A NZ  1 
ATOM   538  N N   . VAL A 1 81  ? 9.116   -1.529  4.350   1.00 13.10 ?  98  VAL A N   1 
ATOM   539  C CA  . VAL A 1 81  ? 9.210   -2.895  3.871   1.00 12.81 ?  98  VAL A CA  1 
ATOM   540  C C   . VAL A 1 81  ? 8.876   -2.962  2.387   1.00 14.83 ?  98  VAL A C   1 
ATOM   541  O O   . VAL A 1 81  ? 7.797   -2.546  1.957   1.00 12.92 ?  98  VAL A O   1 
ATOM   542  C CB  . VAL A 1 81  ? 8.298   -3.841  4.639   1.00 12.06 ?  98  VAL A CB  1 
ATOM   543  C CG1 . VAL A 1 81  ? 8.431   -5.250  4.082   1.00 11.14 ?  98  VAL A CG1 1 
ATOM   544  C CG2 . VAL A 1 81  ? 8.638   -3.810  6.128   1.00 11.69 ?  98  VAL A CG2 1 
ATOM   545  N N   . TRP A 1 82  ? 9.823   -3.486  1.617   1.00 12.25 ?  99  TRP A N   1 
ATOM   546  C CA  . TRP A 1 82  ? 9.675   -3.653  0.181   1.00 13.67 ?  99  TRP A CA  1 
ATOM   547  C C   . TRP A 1 82  ? 9.226   -5.072  -0.135  1.00 12.72 ?  99  TRP A C   1 
ATOM   548  O O   . TRP A 1 82  ? 9.696   -6.021  0.483   1.00 12.93 ?  99  TRP A O   1 
ATOM   549  C CB  . TRP A 1 82  ? 11.006  -3.326  -0.496  1.00 13.86 ?  99  TRP A CB  1 
ATOM   550  C CG  . TRP A 1 82  ? 11.109  -3.581  -1.949  1.00 13.06 ?  99  TRP A CG  1 
ATOM   551  C CD1 . TRP A 1 82  ? 10.865  -2.692  -2.950  1.00 16.53 ?  99  TRP A CD1 1 
ATOM   552  C CD2 . TRP A 1 82  ? 11.542  -4.786  -2.582  1.00 12.96 ?  99  TRP A CD2 1 
ATOM   553  N NE1 . TRP A 1 82  ? 11.091  -3.271  -4.169  1.00 15.45 ?  99  TRP A NE1 1 
ATOM   554  C CE2 . TRP A 1 82  ? 11.514  -4.557  -3.971  1.00 14.56 ?  99  TRP A CE2 1 
ATOM   555  C CE3 . TRP A 1 82  ? 11.929  -6.042  -2.113  1.00 15.50 ?  99  TRP A CE3 1 
ATOM   556  C CZ2 . TRP A 1 82  ? 11.865  -5.538  -4.892  1.00 11.32 ?  99  TRP A CZ2 1 
ATOM   557  C CZ3 . TRP A 1 82  ? 12.278  -7.012  -3.037  1.00 13.05 ?  99  TRP A CZ3 1 
ATOM   558  C CH2 . TRP A 1 82  ? 12.248  -6.751  -4.402  1.00 12.13 ?  99  TRP A CH2 1 
ATOM   559  N N   . VAL A 1 83  ? 8.313   -5.213  -1.088  1.00 12.06 ?  100 VAL A N   1 
ATOM   560  C CA  . VAL A 1 83  ? 7.778   -6.516  -1.474  1.00 10.63 ?  100 VAL A CA  1 
ATOM   561  C C   . VAL A 1 83  ? 7.749   -6.695  -2.988  1.00 14.57 ?  100 VAL A C   1 
ATOM   562  O O   . VAL A 1 83  ? 7.197   -5.849  -3.698  1.00 13.75 ?  100 VAL A O   1 
ATOM   563  C CB  . VAL A 1 83  ? 6.338   -6.721  -0.960  1.00 12.95 ?  100 VAL A CB  1 
ATOM   564  C CG1 . VAL A 1 83  ? 5.791   -8.065  -1.443  1.00 12.57 ?  100 VAL A CG1 1 
ATOM   565  C CG2 . VAL A 1 83  ? 6.270   -6.611  0.554   1.00 12.40 ?  100 VAL A CG2 1 
ATOM   566  N N   . LYS A 1 84  ? 8.326   -7.793  -3.479  1.00 14.46 ?  101 LYS A N   1 
ATOM   567  C CA  . LYS A 1 84  ? 8.307   -8.092  -4.907  1.00 12.77 ?  101 LYS A CA  1 
ATOM   568  C C   . LYS A 1 84  ? 7.017   -8.770  -5.339  1.00 12.18 ?  101 LYS A C   1 
ATOM   569  O O   . LYS A 1 84  ? 6.994   -9.963  -5.607  1.00 11.03 ?  101 LYS A O   1 
ATOM   570  C CB  . LYS A 1 84  ? 9.484   -8.975  -5.285  1.00 12.60 ?  101 LYS A CB  1 
ATOM   571  C CG  . LYS A 1 84  ? 9.689   -9.080  -6.797  1.00 17.01 ?  101 LYS A CG  1 
ATOM   572  C CD  . LYS A 1 84  ? 10.370  -10.390 -7.177  1.00 17.14 ?  101 LYS A CD  1 
ATOM   573  C CE  . LYS A 1 84  ? 10.197  -10.647 -8.661  1.00 25.45 ?  101 LYS A CE  1 
ATOM   574  N NZ  . LYS A 1 84  ? 8.748   -10.844 -9.000  1.00 24.74 ?  101 LYS A NZ  1 
ATOM   575  N N   . GLY A 1 85  ? 5.950   -7.986  -5.419  1.00 12.94 ?  102 GLY A N   1 
ATOM   576  C CA  . GLY A 1 85  ? 4.607   -8.488  -5.655  1.00 10.77 ?  102 GLY A CA  1 
ATOM   577  C C   . GLY A 1 85  ? 3.609   -7.378  -5.352  1.00 13.71 ?  102 GLY A C   1 
ATOM   578  O O   . GLY A 1 85  ? 3.970   -6.370  -4.735  1.00 13.49 ?  102 GLY A O   1 
ATOM   579  N N   . TYR A 1 86  ? 2.364   -7.534  -5.796  1.00 13.68 ?  103 TYR A N   1 
ATOM   580  C CA  . TYR A 1 86  ? 1.314   -6.583  -5.417  1.00 15.95 ?  103 TYR A CA  1 
ATOM   581  C C   . TYR A 1 86  ? -0.013  -7.284  -5.075  1.00 13.91 ?  103 TYR A C   1 
ATOM   582  O O   . TYR A 1 86  ? -0.913  -6.660  -4.517  1.00 13.85 ?  103 TYR A O   1 
ATOM   583  C CB  . TYR A 1 86  ? 1.088   -5.533  -6.524  1.00 12.75 ?  103 TYR A CB  1 
ATOM   584  C CG  . TYR A 1 86  ? 0.258   -6.027  -7.677  1.00 12.42 ?  103 TYR A CG  1 
ATOM   585  C CD1 . TYR A 1 86  ? 0.809   -6.862  -8.644  1.00 13.14 ?  103 TYR A CD1 1 
ATOM   586  C CD2 . TYR A 1 86  ? -1.083  -5.670  -7.799  1.00 14.55 ?  103 TYR A CD2 1 
ATOM   587  C CE1 . TYR A 1 86  ? 0.052   -7.328  -9.710  1.00 14.55 ?  103 TYR A CE1 1 
ATOM   588  C CE2 . TYR A 1 86  ? -1.858  -6.137  -8.856  1.00 14.31 ?  103 TYR A CE2 1 
ATOM   589  C CZ  . TYR A 1 86  ? -1.284  -6.965  -9.811  1.00 16.19 ?  103 TYR A CZ  1 
ATOM   590  O OH  . TYR A 1 86  ? -2.037  -7.438  -10.861 1.00 17.03 ?  103 TYR A OH  1 
ATOM   591  N N   . LEU A 1 87  ? -0.137  -8.567  -5.405  1.00 12.98 ?  104 LEU A N   1 
ATOM   592  C CA  . LEU A 1 87  ? -1.341  -9.318  -5.028  1.00 16.20 ?  104 LEU A CA  1 
ATOM   593  C C   . LEU A 1 87  ? -1.276  -9.730  -3.552  1.00 14.16 ?  104 LEU A C   1 
ATOM   594  O O   . LEU A 1 87  ? -0.293  -10.326 -3.098  1.00 13.39 ?  104 LEU A O   1 
ATOM   595  C CB  . LEU A 1 87  ? -1.528  -10.557 -5.917  1.00 16.71 ?  104 LEU A CB  1 
ATOM   596  C CG  . LEU A 1 87  ? -1.663  -10.373 -7.439  1.00 18.71 ?  104 LEU A CG  1 
ATOM   597  C CD1 . LEU A 1 87  ? -1.574  -11.704 -8.170  1.00 18.69 ?  104 LEU A CD1 1 
ATOM   598  C CD2 . LEU A 1 87  ? -2.955  -9.658  -7.797  1.00 16.41 ?  104 LEU A CD2 1 
ATOM   599  N N   . LEU A 1 88  ? -2.318  -9.391  -2.803  1.00 14.43 ?  105 LEU A N   1 
ATOM   600  C CA  . LEU A 1 88  ? -2.387  -9.774  -1.404  1.00 13.71 ?  105 LEU A CA  1 
ATOM   601  C C   . LEU A 1 88  ? -2.320  -11.280 -1.251  1.00 14.69 ?  105 LEU A C   1 
ATOM   602  O O   . LEU A 1 88  ? -1.710  -11.767 -0.312  1.00 16.33 ?  105 LEU A O   1 
ATOM   603  C CB  . LEU A 1 88  ? -3.657  -9.241  -0.743  1.00 15.80 ?  105 LEU A CB  1 
ATOM   604  C CG  . LEU A 1 88  ? -3.671  -7.738  -0.438  1.00 18.36 ?  105 LEU A CG  1 
ATOM   605  C CD1 . LEU A 1 88  ? -4.983  -7.295  0.217   1.00 15.16 ?  105 LEU A CD1 1 
ATOM   606  C CD2 . LEU A 1 88  ? -2.468  -7.374  0.419   1.00 16.89 ?  105 LEU A CD2 1 
ATOM   607  N N   . GLU A 1 89  ? -2.925  -12.016 -2.179  1.00 14.40 ?  106 GLU A N   1 
ATOM   608  C CA  . GLU A 1 89  ? -2.913  -13.481 -2.131  1.00 15.48 ?  106 GLU A CA  1 
ATOM   609  C C   . GLU A 1 89  ? -1.492  -14.099 -2.272  1.00 18.74 ?  106 GLU A C   1 
ATOM   610  O O   . GLU A 1 89  ? -1.286  -15.265 -1.973  1.00 18.93 ?  106 GLU A O   1 
ATOM   611  C CB  . GLU A 1 89  ? -3.852  -14.048 -3.210  1.00 17.27 ?  106 GLU A CB  1 
ATOM   612  C CG  . GLU A 1 89  ? -3.277  -14.019 -4.622  1.00 28.12 ?  106 GLU A CG  1 
ATOM   613  C CD  . GLU A 1 89  ? -4.348  -14.048 -5.726  1.00 37.72 ?  106 GLU A CD  1 
ATOM   614  O OE1 . GLU A 1 89  ? -5.522  -13.737 -5.436  1.00 48.43 ?  106 GLU A OE1 1 
ATOM   615  O OE2 . GLU A 1 89  ? -4.014  -14.372 -6.890  1.00 36.06 ?  106 GLU A OE2 1 
ATOM   616  N N   . GLU A 1 90  ? -0.515  -13.314 -2.709  1.00 17.61 ?  107 GLU A N   1 
ATOM   617  C CA  . GLU A 1 90  ? 0.849   -13.799 -2.878  1.00 18.49 ?  107 GLU A CA  1 
ATOM   618  C C   . GLU A 1 90  ? 1.753   -13.313 -1.749  1.00 18.42 ?  107 GLU A C   1 
ATOM   619  O O   . GLU A 1 90  ? 2.913   -13.708 -1.655  1.00 17.44 ?  107 GLU A O   1 
ATOM   620  C CB  . GLU A 1 90  ? 1.432   -13.333 -4.226  1.00 16.32 ?  107 GLU A CB  1 
ATOM   621  C CG  . GLU A 1 90  ? 1.125   -14.220 -5.426  1.00 18.40 ?  107 GLU A CG  1 
ATOM   622  C CD  . GLU A 1 90  ? 1.836   -13.743 -6.708  1.00 32.84 ?  107 GLU A CD  1 
ATOM   623  O OE1 . GLU A 1 90  ? 2.608   -12.744 -6.646  1.00 32.68 ?  107 GLU A OE1 1 
ATOM   624  O OE2 . GLU A 1 90  ? 1.627   -14.368 -7.776  1.00 32.05 ?  107 GLU A OE2 1 
ATOM   625  N N   . LEU A 1 91  ? 1.217   -12.442 -0.905  1.00 17.46 ?  108 LEU A N   1 
ATOM   626  C CA  . LEU A 1 91  ? 2.035   -11.697 0.041   1.00 17.60 ?  108 LEU A CA  1 
ATOM   627  C C   . LEU A 1 91  ? 2.788   -12.593 1.018   1.00 17.26 ?  108 LEU A C   1 
ATOM   628  O O   . LEU A 1 91  ? 3.951   -12.349 1.297   1.00 20.10 ?  108 LEU A O   1 
ATOM   629  C CB  . LEU A 1 91  ? 1.171   -10.701 0.804   1.00 18.40 ?  108 LEU A CB  1 
ATOM   630  C CG  . LEU A 1 91  ? 1.824   -9.832  1.870   1.00 18.87 ?  108 LEU A CG  1 
ATOM   631  C CD1 . LEU A 1 91  ? 3.019   -9.099  1.321   1.00 15.64 ?  108 LEU A CD1 1 
ATOM   632  C CD2 . LEU A 1 91  ? 0.782   -8.847  2.347   1.00 17.28 ?  108 LEU A CD2 1 
ATOM   633  N N   . LYS A 1 92  ? 2.145   -13.640 1.511   1.00 16.81 ?  109 LYS A N   1 
ATOM   634  C CA  . LYS A 1 92  ? 2.817   -14.547 2.423   1.00 16.91 ?  109 LYS A CA  1 
ATOM   635  C C   . LYS A 1 92  ? 4.124   -15.101 1.817   1.00 22.15 ?  109 LYS A C   1 
ATOM   636  O O   . LYS A 1 92  ? 5.171   -15.056 2.468   1.00 18.29 ?  109 LYS A O   1 
ATOM   637  C CB  . LYS A 1 92  ? 1.871   -15.675 2.839   1.00 19.83 ?  109 LYS A CB  1 
ATOM   638  C CG  . LYS A 1 92  ? 0.909   -15.251 3.953   1.00 20.91 ?  109 LYS A CG  1 
ATOM   639  C CD  . LYS A 1 92  ? -0.177  -16.275 4.217   1.00 23.50 ?  109 LYS A CD  1 
ATOM   640  C CE  . LYS A 1 92  ? -1.166  -15.779 5.276   1.00 21.13 ?  109 LYS A CE  1 
ATOM   641  N NZ  . LYS A 1 92  ? -0.490  -15.507 6.583   1.00 25.14 ?  109 LYS A NZ  1 
ATOM   642  N N   . HIS A 1 93  ? 4.096   -15.545 0.559   1.00 18.75 ?  110 HIS A N   1 
ATOM   643  C CA  . HIS A 1 93  ? 5.295   -16.137 -0.039  1.00 20.06 ?  110 HIS A CA  1 
ATOM   644  C C   . HIS A 1 93  ? 6.194   -15.200 -0.864  1.00 18.92 ?  110 HIS A C   1 
ATOM   645  O O   . HIS A 1 93  ? 7.265   -15.621 -1.311  1.00 16.98 ?  110 HIS A O   1 
ATOM   646  C CB  . HIS A 1 93  ? 4.889   -17.337 -0.889  1.00 18.70 ?  110 HIS A CB  1 
ATOM   647  C CG  . HIS A 1 93  ? 4.266   -18.431 -0.085  1.00 23.21 ?  110 HIS A CG  1 
ATOM   648  N ND1 . HIS A 1 93  ? 4.904   -18.999 0.995   1.00 29.08 ?  110 HIS A ND1 1 
ATOM   649  C CD2 . HIS A 1 93  ? 3.056   -19.023 -0.163  1.00 29.45 ?  110 HIS A CD2 1 
ATOM   650  C CE1 . HIS A 1 93  ? 4.114   -19.910 1.543   1.00 27.95 ?  110 HIS A CE1 1 
ATOM   651  N NE2 . HIS A 1 93  ? 2.986   -19.941 0.858   1.00 26.59 ?  110 HIS A NE2 1 
ATOM   652  N N   . ASN A 1 94  ? 5.796   -13.955 -1.062  1.00 14.41 ?  111 ASN A N   1 
ATOM   653  C CA  . ASN A 1 94  ? 6.633   -13.000 -1.781  1.00 14.39 ?  111 ASN A CA  1 
ATOM   654  C C   . ASN A 1 94  ? 7.995   -12.781 -1.138  1.00 14.89 ?  111 ASN A C   1 
ATOM   655  O O   . ASN A 1 94  ? 8.122   -12.826 0.082   1.00 15.66 ?  111 ASN A O   1 
ATOM   656  C CB  . ASN A 1 94  ? 5.950   -11.638 -1.891  1.00 14.65 ?  111 ASN A CB  1 
ATOM   657  C CG  . ASN A 1 94  ? 4.900   -11.578 -2.991  1.00 16.78 ?  111 ASN A CG  1 
ATOM   658  O OD1 . ASN A 1 94  ? 3.880   -10.894 -2.845  1.00 16.48 ?  111 ASN A OD1 1 
ATOM   659  N ND2 . ASN A 1 94  ? 5.134   -12.295 -4.088  1.00 14.37 ?  111 ASN A ND2 1 
ATOM   660  N N   . PHE A 1 95  ? 8.993   -12.510 -1.958  1.00 13.71 ?  112 PHE A N   1 
ATOM   661  C CA  . PHE A 1 95  ? 10.249  -11.956 -1.453  1.00 14.00 ?  112 PHE A CA  1 
ATOM   662  C C   . PHE A 1 95  ? 9.990   -10.573 -0.862  1.00 14.08 ?  112 PHE A C   1 
ATOM   663  O O   . PHE A 1 95  ? 9.261   -9.773  -1.445  1.00 12.29 ?  112 PHE A O   1 
ATOM   664  C CB  . PHE A 1 95  ? 11.295  -11.844 -2.556  1.00 11.14 ?  112 PHE A CB  1 
ATOM   665  C CG  . PHE A 1 95  ? 11.736  -13.158 -3.121  1.00 14.17 ?  112 PHE A CG  1 
ATOM   666  C CD1 . PHE A 1 95  ? 12.733  -13.891 -2.505  1.00 18.66 ?  112 PHE A CD1 1 
ATOM   667  C CD2 . PHE A 1 95  ? 11.185  -13.640 -4.300  1.00 13.69 ?  112 PHE A CD2 1 
ATOM   668  C CE1 . PHE A 1 95  ? 13.159  -15.098 -3.038  1.00 19.77 ?  112 PHE A CE1 1 
ATOM   669  C CE2 . PHE A 1 95  ? 11.598  -14.838 -4.832  1.00 15.26 ?  112 PHE A CE2 1 
ATOM   670  C CZ  . PHE A 1 95  ? 12.586  -15.571 -4.206  1.00 18.46 ?  112 PHE A CZ  1 
ATOM   671  N N   . LYS A 1 96  ? 10.645  -10.294 0.264   1.00 14.21 ?  113 LYS A N   1 
ATOM   672  C CA  . LYS A 1 96  ? 10.458  -9.047  1.001   1.00 14.37 ?  113 LYS A CA  1 
ATOM   673  C C   . LYS A 1 96  ? 11.788  -8.594  1.524   1.00 15.77 ?  113 LYS A C   1 
ATOM   674  O O   . LYS A 1 96  ? 12.634  -9.431  1.842   1.00 16.50 ?  113 LYS A O   1 
ATOM   675  C CB  . LYS A 1 96  ? 9.520   -9.222  2.209   1.00 13.71 ?  113 LYS A CB  1 
ATOM   676  C CG  . LYS A 1 96  ? 8.162   -9.723  1.902   1.00 15.46 ?  113 LYS A CG  1 
ATOM   677  C CD  . LYS A 1 96  ? 7.417   -10.003 3.175   1.00 16.56 ?  113 LYS A CD  1 
ATOM   678  C CE  . LYS A 1 96  ? 6.090   -10.681 2.857   1.00 24.70 ?  113 LYS A CE  1 
ATOM   679  N NZ  . LYS A 1 96  ? 6.248   -12.047 2.218   1.00 22.99 ?  113 LYS A NZ  1 
ATOM   680  N N   . GLU A 1 97  ? 11.908  -7.291  1.703   1.00 12.66 ?  114 GLU A N   1 
ATOM   681  C CA  . GLU A 1 97  ? 13.098  -6.745  2.355   1.00 16.24 ?  114 GLU A CA  1 
ATOM   682  C C   . GLU A 1 97  ? 12.747  -5.622  3.313   1.00 16.21 ?  114 GLU A C   1 
ATOM   683  O O   . GLU A 1 97  ? 12.003  -4.695  2.959   1.00 14.72 ?  114 GLU A O   1 
ATOM   684  C CB  . GLU A 1 97  ? 14.098  -6.209  1.331   1.00 19.87 ?  114 GLU A CB  1 
ATOM   685  C CG  . GLU A 1 97  ? 14.639  -7.228  0.339   1.00 25.79 ?  114 GLU A CG  1 
ATOM   686  C CD  . GLU A 1 97  ? 15.381  -6.568  -0.821  1.00 24.12 ?  114 GLU A CD  1 
ATOM   687  O OE1 . GLU A 1 97  ? 15.582  -7.249  -1.855  1.00 24.14 ?  114 GLU A OE1 1 
ATOM   688  O OE2 . GLU A 1 97  ? 15.759  -5.379  -0.696  1.00 19.67 ?  114 GLU A OE2 1 
ATOM   689  N N   . LEU A 1 98  ? 13.294  -5.698  4.522   1.00 15.11 ?  115 LEU A N   1 
ATOM   690  C CA  . LEU A 1 98  ? 13.291  -4.541  5.396   1.00 15.92 ?  115 LEU A CA  1 
ATOM   691  C C   . LEU A 1 98  ? 14.339  -3.577  4.873   1.00 16.51 ?  115 LEU A C   1 
ATOM   692  O O   . LEU A 1 98  ? 15.508  -3.918  4.836   1.00 19.62 ?  115 LEU A O   1 
ATOM   693  C CB  . LEU A 1 98  ? 13.591  -4.929  6.837   1.00 11.99 ?  115 LEU A CB  1 
ATOM   694  C CG  . LEU A 1 98  ? 13.616  -3.736  7.795   1.00 14.45 ?  115 LEU A CG  1 
ATOM   695  C CD1 . LEU A 1 98  ? 12.212  -3.177  7.978   1.00 12.40 ?  115 LEU A CD1 1 
ATOM   696  C CD2 . LEU A 1 98  ? 14.252  -4.088  9.151   1.00 16.07 ?  115 LEU A CD2 1 
ATOM   697  N N   . GLN A 1 99  ? 13.939  -2.380  4.463   1.00 15.26 ?  116 GLN A N   1 
ATOM   698  C CA  . GLN A 1 99  ? 14.902  -1.469  3.849   1.00 16.50 ?  116 GLN A CA  1 
ATOM   699  C C   . GLN A 1 99  ? 15.242  -0.283  4.759   1.00 17.40 ?  116 GLN A C   1 
ATOM   700  O O   . GLN A 1 99  ? 16.231  0.411   4.548   1.00 19.87 ?  116 GLN A O   1 
ATOM   701  C CB  . GLN A 1 99  ? 14.385  -0.986  2.479   1.00 14.36 ?  116 GLN A CB  1 
ATOM   702  C CG  . GLN A 1 99  ? 14.314  -2.133  1.448   1.00 15.46 ?  116 GLN A CG  1 
ATOM   703  C CD  . GLN A 1 99  ? 13.960  -1.682  0.040   1.00 19.30 ?  116 GLN A CD  1 
ATOM   704  O OE1 . GLN A 1 99  ? 13.522  -0.554  -0.176  1.00 20.83 ?  116 GLN A OE1 1 
ATOM   705  N NE2 . GLN A 1 99  ? 14.155  -2.571  -0.930  1.00 19.49 ?  116 GLN A NE2 1 
ATOM   706  N N   . GLU A 1 100 ? 14.435  -0.073  5.789   1.00 16.27 ?  117 GLU A N   1 
ATOM   707  C CA  . GLU A 1 100 ? 14.669  1.003   6.739   1.00 19.15 ?  117 GLU A CA  1 
ATOM   708  C C   . GLU A 1 100 ? 13.892  0.737   8.022   1.00 19.62 ?  117 GLU A C   1 
ATOM   709  O O   . GLU A 1 100 ? 12.722  0.378   7.973   1.00 16.50 ?  117 GLU A O   1 
ATOM   710  C CB  . GLU A 1 100 ? 14.259  2.352   6.151   1.00 19.19 ?  117 GLU A CB  1 
ATOM   711  C CG  . GLU A 1 100 ? 14.613  3.519   7.038   1.00 25.28 ?  117 GLU A CG  1 
ATOM   712  C CD  . GLU A 1 100 ? 14.455  4.863   6.347   1.00 37.11 ?  117 GLU A CD  1 
ATOM   713  O OE1 . GLU A 1 100 ? 15.097  5.088   5.294   1.00 42.07 ?  117 GLU A OE1 1 
ATOM   714  O OE2 . GLU A 1 100 ? 13.688  5.704   6.864   1.00 41.59 ?  117 GLU A OE2 1 
ATOM   715  N N   . PHE A 1 101 ? 14.556  0.912   9.162   1.00 20.65 ?  118 PHE A N   1 
ATOM   716  C CA  . PHE A 1 101 ? 13.930  0.796   10.470  1.00 18.99 ?  118 PHE A CA  1 
ATOM   717  C C   . PHE A 1 101 ? 14.548  1.842   11.388  1.00 24.51 ?  118 PHE A C   1 
ATOM   718  O O   . PHE A 1 101 ? 15.760  1.866   11.574  1.00 22.97 ?  118 PHE A O   1 
ATOM   719  C CB  . PHE A 1 101 ? 14.119  -0.611  11.029  1.00 17.78 ?  118 PHE A CB  1 
ATOM   720  C CG  . PHE A 1 101 ? 13.188  -0.965  12.161  1.00 17.82 ?  118 PHE A CG  1 
ATOM   721  C CD1 . PHE A 1 101 ? 13.454  -0.542  13.463  1.00 18.98 ?  118 PHE A CD1 1 
ATOM   722  C CD2 . PHE A 1 101 ? 12.073  -1.760  11.936  1.00 14.25 ?  118 PHE A CD2 1 
ATOM   723  C CE1 . PHE A 1 101 ? 12.615  -0.887  14.516  1.00 15.57 ?  118 PHE A CE1 1 
ATOM   724  C CE2 . PHE A 1 101 ? 11.226  -2.117  12.988  1.00 14.50 ?  118 PHE A CE2 1 
ATOM   725  C CZ  . PHE A 1 101 ? 11.496  -1.683  14.276  1.00 14.71 ?  118 PHE A CZ  1 
ATOM   726  N N   . LYS A 1 102 ? 13.720  2.724   11.941  1.00 24.15 ?  119 LYS A N   1 
ATOM   727  C CA  . LYS A 1 102 ? 14.217  3.827   12.748  1.00 21.16 ?  119 LYS A CA  1 
ATOM   728  C C   . LYS A 1 102 ? 13.112  4.397   13.622  1.00 20.45 ?  119 LYS A C   1 
ATOM   729  O O   . LYS A 1 102 ? 11.938  4.288   13.270  1.00 22.67 ?  119 LYS A O   1 
ATOM   730  C CB  . LYS A 1 102 ? 14.810  4.918   11.851  1.00 20.71 ?  119 LYS A CB  1 
ATOM   731  C CG  . LYS A 1 102 ? 13.796  5.701   11.040  1.00 32.36 ?  119 LYS A CG  1 
ATOM   732  C CD  . LYS A 1 102 ? 14.454  6.863   10.295  1.00 38.82 ?  119 LYS A CD  1 
ATOM   733  C CE  . LYS A 1 102 ? 13.431  7.926   9.867   1.00 46.70 ?  119 LYS A CE  1 
ATOM   734  N NZ  . LYS A 1 102 ? 12.860  7.685   8.508   1.00 41.60 ?  119 LYS A NZ  1 
ATOM   735  N N   . PRO A 1 103 ? 13.480  4.998   14.774  1.00 24.10 ?  120 PRO A N   1 
ATOM   736  C CA  . PRO A 1 103 ? 12.510  5.695   15.642  1.00 23.51 ?  120 PRO A CA  1 
ATOM   737  C C   . PRO A 1 103 ? 11.923  6.904   14.923  1.00 24.56 ?  120 PRO A C   1 
ATOM   738  O O   . PRO A 1 103 ? 12.664  7.569   14.204  1.00 25.13 ?  120 PRO A O   1 
ATOM   739  C CB  . PRO A 1 103 ? 13.354  6.129   16.849  1.00 25.47 ?  120 PRO A CB  1 
ATOM   740  C CG  . PRO A 1 103 ? 14.630  5.321   16.766  1.00 25.70 ?  120 PRO A CG  1 
ATOM   741  C CD  . PRO A 1 103 ? 14.854  5.112   15.298  1.00 23.83 ?  120 PRO A CD  1 
ATOM   742  N N   . VAL A 1 104 ? 10.633  7.180   15.091  1.00 24.27 ?  121 VAL A N   1 
ATOM   743  C CA  . VAL A 1 104 ? 9.994   8.219   14.286  1.00 28.17 ?  121 VAL A CA  1 
ATOM   744  C C   . VAL A 1 104 ? 10.429  9.614   14.714  1.00 29.50 ?  121 VAL A C   1 
ATOM   745  O O   . VAL A 1 104 ? 11.079  9.779   15.745  1.00 31.02 ?  121 VAL A O   1 
ATOM   746  C CB  . VAL A 1 104 ? 8.454   8.140   14.349  1.00 23.91 ?  121 VAL A CB  1 
ATOM   747  C CG1 . VAL A 1 104 ? 7.997   6.712   14.259  1.00 19.55 ?  121 VAL A CG1 1 
ATOM   748  C CG2 . VAL A 1 104 ? 7.953   8.777   15.609  1.00 30.25 ?  121 VAL A CG2 1 
ATOM   749  N N   . ASN B 2 3   ? 8.986   11.994  -15.437 1.00 40.31 ?  15  ASN B N   1 
ATOM   750  C CA  . ASN B 2 3   ? 8.043   12.963  -14.872 1.00 29.60 ?  15  ASN B CA  1 
ATOM   751  C C   . ASN B 2 3   ? 6.604   12.656  -15.243 1.00 27.73 ?  15  ASN B C   1 
ATOM   752  O O   . ASN B 2 3   ? 5.695   13.326  -14.756 1.00 33.29 ?  15  ASN B O   1 
ATOM   753  C CB  . ASN B 2 3   ? 8.379   14.389  -15.323 1.00 25.29 ?  15  ASN B CB  1 
ATOM   754  N N   . ASP B 2 4   ? 6.388   11.652  -16.095 1.00 21.52 ?  16  ASP B N   1 
ATOM   755  C CA  . ASP B 2 4   ? 5.027   11.303  -16.514 1.00 26.80 ?  16  ASP B CA  1 
ATOM   756  C C   . ASP B 2 4   ? 4.346   10.375  -15.495 1.00 23.81 ?  16  ASP B C   1 
ATOM   757  O O   . ASP B 2 4   ? 3.349   9.727   -15.801 1.00 22.51 ?  16  ASP B O   1 
ATOM   758  C CB  . ASP B 2 4   ? 5.031   10.653  -17.906 1.00 26.68 ?  16  ASP B CB  1 
ATOM   759  C CG  . ASP B 2 4   ? 3.654   10.676  -18.566 1.00 29.69 ?  16  ASP B CG  1 
ATOM   760  O OD1 . ASP B 2 4   ? 2.910   11.654  -18.337 1.00 26.73 ?  16  ASP B OD1 1 
ATOM   761  O OD2 . ASP B 2 4   ? 3.304   9.712   -19.293 1.00 31.44 ?  16  ASP B OD2 1 
ATOM   762  N N   . HIS B 2 5   ? 4.890   10.332  -14.280 1.00 20.14 ?  17  HIS B N   1 
ATOM   763  C CA  . HIS B 2 5   ? 4.376   9.483   -13.213 1.00 20.55 ?  17  HIS B CA  1 
ATOM   764  C C   . HIS B 2 5   ? 3.479   10.275  -12.273 1.00 22.35 ?  17  HIS B C   1 
ATOM   765  O O   . HIS B 2 5   ? 3.686   11.476  -12.062 1.00 20.79 ?  17  HIS B O   1 
ATOM   766  C CB  . HIS B 2 5   ? 5.525   8.850   -12.422 1.00 23.05 ?  17  HIS B CB  1 
ATOM   767  C CG  . HIS B 2 5   ? 6.339   7.885   -13.229 1.00 30.02 ?  17  HIS B CG  1 
ATOM   768  N ND1 . HIS B 2 5   ? 7.354   7.125   -12.684 1.00 30.17 ?  17  HIS B ND1 1 
ATOM   769  C CD2 . HIS B 2 5   ? 6.284   7.551   -14.538 1.00 26.81 ?  17  HIS B CD2 1 
ATOM   770  C CE1 . HIS B 2 5   ? 7.882   6.365   -13.621 1.00 30.04 ?  17  HIS B CE1 1 
ATOM   771  N NE2 . HIS B 2 5   ? 7.249   6.604   -14.763 1.00 23.86 ?  17  HIS B NE2 1 
ATOM   772  N N   . ILE B 2 6   ? 2.485   9.592   -11.715 1.00 18.32 ?  18  ILE B N   1 
ATOM   773  C CA  . ILE B 2 6   ? 1.582   10.198  -10.753 1.00 19.03 ?  18  ILE B CA  1 
ATOM   774  C C   . ILE B 2 6   ? 1.235   9.189   -9.653  1.00 17.38 ?  18  ILE B C   1 
ATOM   775  O O   . ILE B 2 6   ? 1.149   8.000   -9.892  1.00 18.91 ?  18  ILE B O   1 
ATOM   776  C CB  . ILE B 2 6   ? 0.305   10.726  -11.448 1.00 20.55 ?  18  ILE B CB  1 
ATOM   777  C CG1 . ILE B 2 6   ? -0.521  11.590  -10.501 1.00 21.20 ?  18  ILE B CG1 1 
ATOM   778  C CG2 . ILE B 2 6   ? -0.528  9.592   -12.030 1.00 20.72 ?  18  ILE B CG2 1 
ATOM   779  C CD1 . ILE B 2 6   ? -1.853  11.982  -11.078 1.00 19.82 ?  18  ILE B CD1 1 
ATOM   780  N N   . ASN B 2 7   ? 1.089   9.674   -8.433  1.00 19.47 ?  19  ASN B N   1 
ATOM   781  C CA  . ASN B 2 7   ? 0.689   8.844   -7.318  1.00 19.21 ?  19  ASN B CA  1 
ATOM   782  C C   . ASN B 2 7   ? -0.773  9.093   -6.942  1.00 19.53 ?  19  ASN B C   1 
ATOM   783  O O   . ASN B 2 7   ? -1.134  10.210  -6.581  1.00 22.36 ?  19  ASN B O   1 
ATOM   784  C CB  . ASN B 2 7   ? 1.604   9.114   -6.122  1.00 22.72 ?  19  ASN B CB  1 
ATOM   785  C CG  . ASN B 2 7   ? 1.369   8.147   -4.985  1.00 25.69 ?  19  ASN B CG  1 
ATOM   786  O OD1 . ASN B 2 7   ? 1.448   6.939   -5.179  1.00 27.39 ?  19  ASN B OD1 1 
ATOM   787  N ND2 . ASN B 2 7   ? 1.081   8.667   -3.788  1.00 27.77 ?  19  ASN B ND2 1 
ATOM   788  N N   . LEU B 2 8   ? -1.613  8.067   -7.035  1.00 17.32 ?  20  LEU B N   1 
ATOM   789  C CA  . LEU B 2 8   ? -3.035  8.210   -6.701  1.00 15.86 ?  20  LEU B CA  1 
ATOM   790  C C   . LEU B 2 8   ? -3.418  7.373   -5.488  1.00 18.02 ?  20  LEU B C   1 
ATOM   791  O O   . LEU B 2 8   ? -2.967  6.235   -5.366  1.00 18.29 ?  20  LEU B O   1 
ATOM   792  C CB  . LEU B 2 8   ? -3.906  7.805   -7.887  1.00 13.46 ?  20  LEU B CB  1 
ATOM   793  C CG  . LEU B 2 8   ? -3.758  8.694   -9.117  1.00 19.63 ?  20  LEU B CG  1 
ATOM   794  C CD1 . LEU B 2 8   ? -4.397  8.048   -10.313 1.00 18.86 ?  20  LEU B CD1 1 
ATOM   795  C CD2 . LEU B 2 8   ? -4.381  10.054  -8.876  1.00 18.46 ?  20  LEU B CD2 1 
ATOM   796  N N   . LYS B 2 9   ? -4.236  7.929   -4.595  1.00 14.10 ?  21  LYS B N   1 
ATOM   797  C CA  . LYS B 2 9   ? -4.795  7.151   -3.493  1.00 13.75 ?  21  LYS B CA  1 
ATOM   798  C C   . LYS B 2 9   ? -6.095  6.505   -3.929  1.00 14.84 ?  21  LYS B C   1 
ATOM   799  O O   . LYS B 2 9   ? -6.989  7.182   -4.402  1.00 15.93 ?  21  LYS B O   1 
ATOM   800  C CB  . LYS B 2 9   ? -5.072  8.022   -2.273  1.00 15.54 ?  21  LYS B CB  1 
ATOM   801  C CG  . LYS B 2 9   ? -3.919  8.844   -1.740  1.00 23.01 ?  21  LYS B CG  1 
ATOM   802  C CD  . LYS B 2 9   ? -4.441  9.735   -0.625  1.00 26.17 ?  21  LYS B CD  1 
ATOM   803  C CE  . LYS B 2 9   ? -3.342  10.401  0.168   1.00 27.76 ?  21  LYS B CE  1 
ATOM   804  N NZ  . LYS B 2 9   ? -2.674  11.440  -0.641  1.00 38.22 ?  21  LYS B NZ  1 
ATOM   805  N N   . VAL B 2 10  ? -6.220  5.201   -3.770  1.00 13.34 ?  22  VAL B N   1 
ATOM   806  C CA  . VAL B 2 10  ? -7.509  4.576   -4.006  1.00 12.81 ?  22  VAL B CA  1 
ATOM   807  C C   . VAL B 2 10  ? -8.145  4.250   -2.653  1.00 13.54 ?  22  VAL B C   1 
ATOM   808  O O   . VAL B 2 10  ? -7.665  3.396   -1.919  1.00 13.50 ?  22  VAL B O   1 
ATOM   809  C CB  . VAL B 2 10  ? -7.387  3.308   -4.879  1.00 13.93 ?  22  VAL B CB  1 
ATOM   810  C CG1 . VAL B 2 10  ? -8.761  2.775   -5.220  1.00 13.28 ?  22  VAL B CG1 1 
ATOM   811  C CG2 . VAL B 2 10  ? -6.599  3.616   -6.156  1.00 12.56 ?  22  VAL B CG2 1 
ATOM   812  N N   . ALA B 2 11  ? -9.221  4.962   -2.337  1.00 14.02 ?  23  ALA B N   1 
ATOM   813  C CA  . ALA B 2 11  ? -9.897  4.868   -1.051  1.00 14.41 ?  23  ALA B CA  1 
ATOM   814  C C   . ALA B 2 11  ? -11.181 4.038   -1.149  1.00 15.59 ?  23  ALA B C   1 
ATOM   815  O O   . ALA B 2 11  ? -12.107 4.384   -1.893  1.00 17.21 ?  23  ALA B O   1 
ATOM   816  C CB  . ALA B 2 11  ? -10.205 6.260   -0.535  1.00 13.62 ?  23  ALA B CB  1 
ATOM   817  N N   . GLY B 2 12  ? -11.236 2.940   -0.407  1.00 14.10 ?  24  GLY B N   1 
ATOM   818  C CA  . GLY B 2 12  ? -12.400 2.072   -0.437  1.00 15.21 ?  24  GLY B CA  1 
ATOM   819  C C   . GLY B 2 12  ? -13.437 2.409   0.626   1.00 19.26 ?  24  GLY B C   1 
ATOM   820  O O   . GLY B 2 12  ? -13.120 3.071   1.624   1.00 18.80 ?  24  GLY B O   1 
ATOM   821  N N   . GLN B 2 13  ? -14.668 1.935   0.428   1.00 17.04 ?  25  GLN B N   1 
ATOM   822  C CA  . GLN B 2 13  ? -15.744 2.145   1.402   1.00 16.49 ?  25  GLN B CA  1 
ATOM   823  C C   . GLN B 2 13  ? -15.436 1.527   2.769   1.00 17.37 ?  25  GLN B C   1 
ATOM   824  O O   . GLN B 2 13  ? -16.025 1.901   3.778   1.00 20.82 ?  25  GLN B O   1 
ATOM   825  C CB  . GLN B 2 13  ? -17.066 1.580   0.870   1.00 18.39 ?  25  GLN B CB  1 
ATOM   826  C CG  . GLN B 2 13  ? -17.081 0.063   0.695   1.00 19.64 ?  25  GLN B CG  1 
ATOM   827  C CD  . GLN B 2 13  ? -18.401 -0.467  0.162   1.00 21.63 ?  25  GLN B CD  1 
ATOM   828  O OE1 . GLN B 2 13  ? -18.999 0.118   -0.743  1.00 26.02 ?  25  GLN B OE1 1 
ATOM   829  N NE2 . GLN B 2 13  ? -18.854 -1.586  0.710   1.00 18.98 ?  25  GLN B NE2 1 
ATOM   830  N N   . ASP B 2 14  ? -14.516 0.576   2.803   1.00 16.11 ?  26  ASP B N   1 
ATOM   831  C CA  . ASP B 2 14  ? -14.166 -0.094  4.054   1.00 17.78 ?  26  ASP B CA  1 
ATOM   832  C C   . ASP B 2 14  ? -13.122 0.681   4.843   1.00 17.92 ?  26  ASP B C   1 
ATOM   833  O O   . ASP B 2 14  ? -12.586 0.189   5.821   1.00 19.12 ?  26  ASP B O   1 
ATOM   834  C CB  . ASP B 2 14  ? -13.655 -1.509  3.773   1.00 15.17 ?  26  ASP B CB  1 
ATOM   835  C CG  . ASP B 2 14  ? -12.564 -1.542  2.712   1.00 15.43 ?  26  ASP B CG  1 
ATOM   836  O OD1 . ASP B 2 14  ? -12.056 -0.472  2.306   1.00 16.22 -1 26  ASP B OD1 1 
ATOM   837  O OD2 . ASP B 2 14  ? -12.196 -2.653  2.293   1.00 18.88 ?  26  ASP B OD2 1 
ATOM   838  N N   . GLY B 2 15  ? -12.812 1.889   4.393   1.00 19.06 ?  27  GLY B N   1 
ATOM   839  C CA  . GLY B 2 15  ? -11.810 2.689   5.062   1.00 17.25 ?  27  GLY B CA  1 
ATOM   840  C C   . GLY B 2 15  ? -10.370 2.401   4.676   1.00 17.82 ?  27  GLY B C   1 
ATOM   841  O O   . GLY B 2 15  ? -9.464  3.073   5.137   1.00 19.08 ?  27  GLY B O   1 
ATOM   842  N N   . SER B 2 16  ? -10.148 1.406   3.832   1.00 19.73 ?  28  SER B N   1 
ATOM   843  C CA  . SER B 2 16  ? -8.799  1.111   3.367   1.00 15.61 ?  28  SER B CA  1 
ATOM   844  C C   . SER B 2 16  ? -8.336  2.143   2.345   1.00 15.76 ?  28  SER B C   1 
ATOM   845  O O   . SER B 2 16  ? -9.151  2.766   1.671   1.00 16.52 ?  28  SER B O   1 
ATOM   846  C CB  . SER B 2 16  ? -8.731  -0.280  2.763   1.00 14.10 ?  28  SER B CB  1 
ATOM   847  O OG  . SER B 2 16  ? -9.428  -0.313  1.538   1.00 18.91 ?  28  SER B OG  1 
ATOM   848  N N   . VAL B 2 17  ? -7.026  2.350   2.270   1.00 16.97 ?  29  VAL B N   1 
ATOM   849  C CA  . VAL B 2 17  ? -6.431  3.199   1.250   1.00 15.38 ?  29  VAL B CA  1 
ATOM   850  C C   . VAL B 2 17  ? -5.191  2.535   0.639   1.00 16.65 ?  29  VAL B C   1 
ATOM   851  O O   . VAL B 2 17  ? -4.269  2.143   1.360   1.00 17.32 ?  29  VAL B O   1 
ATOM   852  C CB  . VAL B 2 17  ? -6.040  4.586   1.799   1.00 18.04 ?  29  VAL B CB  1 
ATOM   853  C CG1 . VAL B 2 17  ? -5.315  5.398   0.708   1.00 13.27 ?  29  VAL B CG1 1 
ATOM   854  C CG2 . VAL B 2 17  ? -7.287  5.343   2.292   1.00 15.30 ?  29  VAL B CG2 1 
ATOM   855  N N   . VAL B 2 18  ? -5.180  2.405   -0.687  1.00 11.83 ?  30  VAL B N   1 
ATOM   856  C CA  . VAL B 2 18  ? -4.027  1.864   -1.395  1.00 15.27 ?  30  VAL B CA  1 
ATOM   857  C C   . VAL B 2 18  ? -3.536  2.868   -2.410  1.00 12.92 ?  30  VAL B C   1 
ATOM   858  O O   . VAL B 2 18  ? -4.305  3.342   -3.241  1.00 14.13 ?  30  VAL B O   1 
ATOM   859  C CB  . VAL B 2 18  ? -4.336  0.530   -2.128  1.00 19.78 ?  30  VAL B CB  1 
ATOM   860  C CG1 . VAL B 2 18  ? -3.042  -0.085  -2.653  1.00 15.70 ?  30  VAL B CG1 1 
ATOM   861  C CG2 . VAL B 2 18  ? -5.036  -0.456  -1.196  1.00 18.39 ?  30  VAL B CG2 1 
ATOM   862  N N   . GLN B 2 19  ? -2.254  3.198   -2.344  1.00 12.10 ?  31  GLN B N   1 
ATOM   863  C CA  . GLN B 2 19  ? -1.685  4.145   -3.280  1.00 12.93 ?  31  GLN B CA  1 
ATOM   864  C C   . GLN B 2 19  ? -1.068  3.443   -4.494  1.00 14.26 ?  31  GLN B C   1 
ATOM   865  O O   . GLN B 2 19  ? -0.496  2.352   -4.381  1.00 11.38 ?  31  GLN B O   1 
ATOM   866  C CB  . GLN B 2 19  ? -0.660  5.022   -2.575  1.00 14.41 ?  31  GLN B CB  1 
ATOM   867  C CG  . GLN B 2 19  ? -1.273  5.798   -1.429  1.00 19.25 ?  31  GLN B CG  1 
ATOM   868  C CD  . GLN B 2 19  ? -0.342  6.853   -0.845  1.00 23.05 ?  31  GLN B CD  1 
ATOM   869  O OE1 . GLN B 2 19  ? 0.598   7.302   -1.501  1.00 26.18 ?  31  GLN B OE1 1 
ATOM   870  N NE2 . GLN B 2 19  ? -0.610  7.258   0.389   1.00 24.68 ?  31  GLN B NE2 1 
ATOM   871  N N   . PHE B 2 20  ? -1.212  4.077   -5.653  1.00 13.73 ?  32  PHE B N   1 
ATOM   872  C CA  . PHE B 2 20  ? -0.702  3.542   -6.913  1.00 14.36 ?  32  PHE B CA  1 
ATOM   873  C C   . PHE B 2 20  ? 0.116   4.566   -7.660  1.00 13.86 ?  32  PHE B C   1 
ATOM   874  O O   . PHE B 2 20  ? -0.308  5.697   -7.830  1.00 18.88 ?  32  PHE B O   1 
ATOM   875  C CB  . PHE B 2 20  ? -1.839  3.063   -7.822  1.00 11.14 ?  32  PHE B CB  1 
ATOM   876  C CG  . PHE B 2 20  ? -2.438  1.763   -7.406  1.00 14.88 ?  32  PHE B CG  1 
ATOM   877  C CD1 . PHE B 2 20  ? -3.506  1.730   -6.515  1.00 17.12 ?  32  PHE B CD1 1 
ATOM   878  C CD2 . PHE B 2 20  ? -1.944  0.567   -7.900  1.00 12.37 ?  32  PHE B CD2 1 
ATOM   879  C CE1 . PHE B 2 20  ? -4.064  0.524   -6.118  1.00 15.06 ?  32  PHE B CE1 1 
ATOM   880  C CE2 . PHE B 2 20  ? -2.491  -0.643  -7.503  1.00 15.09 ?  32  PHE B CE2 1 
ATOM   881  C CZ  . PHE B 2 20  ? -3.557  -0.662  -6.608  1.00 15.67 ?  32  PHE B CZ  1 
ATOM   882  N N   . LYS B 2 21  ? 1.287   4.144   -8.116  1.00 16.44 ?  33  LYS B N   1 
ATOM   883  C CA  . LYS B 2 21  ? 2.099   4.905   -9.045  1.00 14.93 ?  33  LYS B CA  1 
ATOM   884  C C   . LYS B 2 21  ? 1.805   4.429   -10.462 1.00 16.15 ?  33  LYS B C   1 
ATOM   885  O O   . LYS B 2 21  ? 2.002   3.250   -10.787 1.00 17.36 ?  33  LYS B O   1 
ATOM   886  C CB  . LYS B 2 21  ? 3.583   4.730   -8.748  1.00 16.46 ?  33  LYS B CB  1 
ATOM   887  C CG  . LYS B 2 21  ? 4.097   5.364   -7.480  1.00 25.26 ?  33  LYS B CG  1 
ATOM   888  C CD  . LYS B 2 21  ? 5.615   5.241   -7.469  1.00 33.34 ?  33  LYS B CD  1 
ATOM   889  C CE  . LYS B 2 21  ? 6.265   5.934   -6.290  1.00 42.90 ?  33  LYS B CE  1 
ATOM   890  N NZ  . LYS B 2 21  ? 7.708   5.548   -6.164  1.00 41.23 ?  33  LYS B NZ  1 
ATOM   891  N N   . ILE B 2 22  ? 1.334   5.333   -11.304 1.00 14.04 ?  34  ILE B N   1 
ATOM   892  C CA  . ILE B 2 22  ? 0.998   4.990   -12.684 1.00 17.66 ?  34  ILE B CA  1 
ATOM   893  C C   . ILE B 2 22  ? 1.458   6.099   -13.603 1.00 17.29 ?  34  ILE B C   1 
ATOM   894  O O   . ILE B 2 22  ? 1.751   7.199   -13.158 1.00 18.41 ?  34  ILE B O   1 
ATOM   895  C CB  . ILE B 2 22  ? -0.505  4.795   -12.892 1.00 16.48 ?  34  ILE B CB  1 
ATOM   896  C CG1 . ILE B 2 22  ? -1.232  6.118   -12.654 1.00 16.36 ?  34  ILE B CG1 1 
ATOM   897  C CG2 . ILE B 2 22  ? -1.045  3.719   -11.947 1.00 21.27 ?  34  ILE B CG2 1 
ATOM   898  C CD1 . ILE B 2 22  ? -2.739  6.029   -12.814 1.00 19.12 ?  34  ILE B CD1 1 
ATOM   899  N N   . LYS B 2 23  ? 1.523   5.802   -14.890 1.00 20.98 ?  35  LYS B N   1 
ATOM   900  C CA  . LYS B 2 23  ? 1.849   6.812   -15.879 1.00 18.75 ?  35  LYS B CA  1 
ATOM   901  C C   . LYS B 2 23  ? 0.603   7.642   -16.156 1.00 16.68 ?  35  LYS B C   1 
ATOM   902  O O   . LYS B 2 23  ? -0.495  7.135   -16.104 1.00 17.86 ?  35  LYS B O   1 
ATOM   903  C CB  . LYS B 2 23  ? 2.384   6.154   -17.148 1.00 21.70 ?  35  LYS B CB  1 
ATOM   904  C CG  . LYS B 2 23  ? 3.595   5.273   -16.882 1.00 24.29 ?  35  LYS B CG  1 
ATOM   905  C CD  . LYS B 2 23  ? 3.982   4.409   -18.081 1.00 32.45 ?  35  LYS B CD  1 
ATOM   906  C CE  . LYS B 2 23  ? 4.888   3.257   -17.618 1.00 39.64 ?  35  LYS B CE  1 
ATOM   907  N NZ  . LYS B 2 23  ? 5.726   2.656   -18.709 1.00 49.76 ?  35  LYS B NZ  1 
ATOM   908  N N   . ARG B 2 24  ? 0.780   8.923   -16.433 1.00 18.87 ?  36  ARG B N   1 
ATOM   909  C CA  . ARG B 2 24  ? -0.341  9.827   -16.630 1.00 17.35 ?  36  ARG B CA  1 
ATOM   910  C C   . ARG B 2 24  ? -1.159  9.600   -17.910 1.00 20.85 ?  36  ARG B C   1 
ATOM   911  O O   . ARG B 2 24  ? -2.289  10.075  -18.018 1.00 22.49 ?  36  ARG B O   1 
ATOM   912  C CB  . ARG B 2 24  ? 0.178   11.258  -16.635 1.00 19.52 ?  36  ARG B CB  1 
ATOM   913  C CG  . ARG B 2 24  ? 0.729   11.693  -15.279 1.00 20.15 ?  36  ARG B CG  1 
ATOM   914  C CD  . ARG B 2 24  ? 1.275   13.113  -15.296 1.00 23.32 ?  36  ARG B CD  1 
ATOM   915  N NE  . ARG B 2 24  ? 0.248   14.080  -15.673 1.00 26.23 ?  36  ARG B NE  1 
ATOM   916  C CZ  . ARG B 2 24  ? 0.101   14.559  -16.903 1.00 25.98 ?  36  ARG B CZ  1 
ATOM   917  N NH1 . ARG B 2 24  ? 0.931   14.168  -17.863 1.00 22.07 ?  36  ARG B NH1 1 
ATOM   918  N NH2 . ARG B 2 24  ? -0.867  15.430  -17.170 1.00 21.14 ?  36  ARG B NH2 1 
ATOM   919  N N   . HIS B 2 25  ? -0.600  8.878   -18.872 1.00 21.45 ?  37  HIS B N   1 
ATOM   920  C CA  . HIS B 2 25  ? -1.308  8.604   -20.115 1.00 21.09 ?  37  HIS B CA  1 
ATOM   921  C C   . HIS B 2 25  ? -1.652  7.122   -20.230 1.00 22.11 ?  37  HIS B C   1 
ATOM   922  O O   . HIS B 2 25  ? -2.022  6.646   -21.295 1.00 22.60 ?  37  HIS B O   1 
ATOM   923  C CB  . HIS B 2 25  ? -0.483  9.058   -21.332 1.00 24.02 ?  37  HIS B CB  1 
ATOM   924  C CG  . HIS B 2 25  ? -0.216  10.532  -21.354 1.00 22.44 ?  37  HIS B CG  1 
ATOM   925  N ND1 . HIS B 2 25  ? 0.921   11.092  -20.806 1.00 20.79 ?  37  HIS B ND1 1 
ATOM   926  C CD2 . HIS B 2 25  ? -0.950  11.563  -21.832 1.00 23.90 ?  37  HIS B CD2 1 
ATOM   927  C CE1 . HIS B 2 25  ? 0.871   12.402  -20.941 1.00 20.56 ?  37  HIS B CE1 1 
ATOM   928  N NE2 . HIS B 2 25  ? -0.253  12.717  -21.564 1.00 22.97 ?  37  HIS B NE2 1 
ATOM   929  N N   . THR B 2 26  ? -1.536  6.390   -19.130 1.00 19.50 ?  38  THR B N   1 
ATOM   930  C CA  . THR B 2 26  ? -2.020  5.023   -19.111 1.00 21.28 ?  38  THR B CA  1 
ATOM   931  C C   . THR B 2 26  ? -3.530  5.015   -18.839 1.00 22.25 ?  38  THR B C   1 
ATOM   932  O O   . THR B 2 26  ? -4.005  5.730   -17.959 1.00 21.65 ?  38  THR B O   1 
ATOM   933  C CB  . THR B 2 26  ? -1.288  4.195   -18.053 1.00 23.57 ?  38  THR B CB  1 
ATOM   934  O OG1 . THR B 2 26  ? 0.103   4.155   -18.382 1.00 26.66 ?  38  THR B OG1 1 
ATOM   935  C CG2 . THR B 2 26  ? -1.831  2.760   -18.004 1.00 22.28 ?  38  THR B CG2 1 
ATOM   936  N N   . PRO B 2 27  ? -4.292  4.232   -19.614 1.00 21.56 ?  39  PRO B N   1 
ATOM   937  C CA  . PRO B 2 27  ? -5.723  4.156   -19.318 1.00 20.39 ?  39  PRO B CA  1 
ATOM   938  C C   . PRO B 2 27  ? -5.963  3.631   -17.904 1.00 20.26 ?  39  PRO B C   1 
ATOM   939  O O   . PRO B 2 27  ? -5.306  2.685   -17.487 1.00 20.43 ?  39  PRO B O   1 
ATOM   940  C CB  . PRO B 2 27  ? -6.263  3.182   -20.378 1.00 18.72 ?  39  PRO B CB  1 
ATOM   941  C CG  . PRO B 2 27  ? -5.082  2.492   -20.931 1.00 18.18 ?  39  PRO B CG  1 
ATOM   942  C CD  . PRO B 2 27  ? -3.925  3.431   -20.792 1.00 20.62 ?  39  PRO B CD  1 
ATOM   943  N N   . LEU B 2 28  ? -6.905  4.238   -17.196 1.00 18.36 ?  40  LEU B N   1 
ATOM   944  C CA  . LEU B 2 28  ? -7.098  3.962   -15.781 1.00 21.99 ?  40  LEU B CA  1 
ATOM   945  C C   . LEU B 2 28  ? -7.652  2.571   -15.527 1.00 22.23 ?  40  LEU B C   1 
ATOM   946  O O   . LEU B 2 28  ? -7.731  2.144   -14.374 1.00 22.09 ?  40  LEU B O   1 
ATOM   947  C CB  . LEU B 2 28  ? -8.045  5.020   -15.206 1.00 20.45 ?  40  LEU B CB  1 
ATOM   948  C CG  . LEU B 2 28  ? -7.244  6.288   -14.928 1.00 19.77 ?  40  LEU B CG  1 
ATOM   949  C CD1 . LEU B 2 28  ? -8.137  7.498   -14.794 1.00 21.43 ?  40  LEU B CD1 1 
ATOM   950  C CD2 . LEU B 2 28  ? -6.408  6.094   -13.672 1.00 15.87 ?  40  LEU B CD2 1 
ATOM   951  N N   . SER B 2 29  ? -7.988  1.856   -16.594 1.00 22.21 ?  41  SER B N   1 
ATOM   952  C CA  . SER B 2 29  ? -8.438  0.472   -16.470 1.00 21.02 ?  41  SER B CA  1 
ATOM   953  C C   . SER B 2 29  ? -7.399  -0.431  -15.859 1.00 18.36 ?  41  SER B C   1 
ATOM   954  O O   . SER B 2 29  ? -7.744  -1.420  -15.224 1.00 16.77 ?  41  SER B O   1 
ATOM   955  C CB  . SER B 2 29  ? -8.837  -0.066  -17.851 1.00 22.48 ?  41  SER B CB  1 
ATOM   956  O OG  . SER B 2 29  ? -7.681  -0.210  -18.653 1.00 22.35 ?  41  SER B OG  1 
ATOM   957  N N   . LYS B 2 30  ? -6.123  -0.097  -16.067 1.00 18.52 ?  42  LYS B N   1 
ATOM   958  C CA  . LYS B 2 30  ? -5.009  -0.865  -15.524 1.00 16.56 ?  42  LYS B CA  1 
ATOM   959  C C   . LYS B 2 30  ? -4.985  -0.738  -14.015 1.00 18.76 ?  42  LYS B C   1 
ATOM   960  O O   . LYS B 2 30  ? -4.834  -1.723  -13.303 1.00 18.69 ?  42  LYS B O   1 
ATOM   961  C CB  . LYS B 2 30  ? -3.692  -0.336  -16.082 1.00 19.92 ?  42  LYS B CB  1 
ATOM   962  C CG  . LYS B 2 30  ? -2.467  -0.959  -15.421 1.00 36.83 ?  42  LYS B CG  1 
ATOM   963  C CD  . LYS B 2 30  ? -1.162  -0.285  -15.865 1.00 28.09 ?  42  LYS B CD  1 
ATOM   964  C CE  . LYS B 2 30  ? -0.021  -1.277  -15.849 1.00 22.06 ?  42  LYS B CE  1 
ATOM   965  N NZ  . LYS B 2 30  ? 1.112   -0.846  -16.738 1.00 41.03 ?  42  LYS B NZ  1 
ATOM   966  N N   . LEU B 2 31  ? -5.122  0.492   -13.541 1.00 17.60 ?  43  LEU B N   1 
ATOM   967  C CA  . LEU B 2 31  ? -5.243  0.752   -12.122 1.00 19.24 ?  43  LEU B CA  1 
ATOM   968  C C   . LEU B 2 31  ? -6.452  0.021   -11.543 1.00 18.01 ?  43  LEU B C   1 
ATOM   969  O O   . LEU B 2 31  ? -6.356  -0.619  -10.508 1.00 18.27 ?  43  LEU B O   1 
ATOM   970  C CB  . LEU B 2 31  ? -5.358  2.260   -11.854 1.00 15.85 ?  43  LEU B CB  1 
ATOM   971  C CG  . LEU B 2 31  ? -5.339  2.653   -10.370 1.00 20.33 ?  43  LEU B CG  1 
ATOM   972  C CD1 . LEU B 2 31  ? -4.597  3.957   -10.178 1.00 20.21 ?  43  LEU B CD1 1 
ATOM   973  C CD2 . LEU B 2 31  ? -6.746  2.785   -9.820  1.00 23.57 ?  43  LEU B CD2 1 
ATOM   974  N N   . MET B 2 32  ? -7.592  0.124   -12.208 1.00 15.69 ?  44  MET B N   1 
ATOM   975  C CA  . MET B 2 32  ? -8.815  -0.424  -11.632 1.00 20.40 ?  44  MET B CA  1 
ATOM   976  C C   . MET B 2 32  ? -8.726  -1.953  -11.537 1.00 20.76 ?  44  MET B C   1 
ATOM   977  O O   . MET B 2 32  ? -9.106  -2.549  -10.525 1.00 17.59 ?  44  MET B O   1 
ATOM   978  C CB  . MET B 2 32  ? -10.036 0.020   -12.436 1.00 18.07 ?  44  MET B CB  1 
ATOM   979  C CG  . MET B 2 32  ? -10.358 1.489   -12.220 1.00 21.66 ?  44  MET B CG  1 
ATOM   980  S SD  . MET B 2 32  ? -11.721 2.137   -13.224 1.00 30.50 ?  44  MET B SD  1 
ATOM   981  C CE  . MET B 2 32  ? -11.243 1.640   -14.853 1.00 20.77 ?  44  MET B CE  1 
ATOM   982  N N   . LYS B 2 33  ? -8.184  -2.571  -12.579 1.00 19.28 ?  45  LYS B N   1 
ATOM   983  C CA  . LYS B 2 33  ? -7.965  -4.002  -12.594 1.00 17.35 ?  45  LYS B CA  1 
ATOM   984  C C   . LYS B 2 33  ? -6.942  -4.421  -11.513 1.00 19.79 ?  45  LYS B C   1 
ATOM   985  O O   . LYS B 2 33  ? -7.116  -5.445  -10.844 1.00 17.66 ?  45  LYS B O   1 
ATOM   986  C CB  . LYS B 2 33  ? -7.528  -4.428  -13.997 1.00 19.48 ?  45  LYS B CB  1 
ATOM   987  C CG  . LYS B 2 33  ? -7.254  -5.915  -14.192 1.00 29.25 ?  45  LYS B CG  1 
ATOM   988  C CD  . LYS B 2 33  ? -8.420  -6.788  -13.741 1.00 36.23 ?  45  LYS B CD  1 
ATOM   989  C CE  . LYS B 2 33  ? -8.542  -8.056  -14.589 1.00 39.11 ?  45  LYS B CE  1 
ATOM   990  N NZ  . LYS B 2 33  ? -7.291  -8.877  -14.652 1.00 43.50 ?  45  LYS B NZ  1 
ATOM   991  N N   . ALA B 2 34  ? -5.898  -3.618  -11.311 1.00 16.44 ?  46  ALA B N   1 
ATOM   992  C CA  . ALA B 2 34  ? -4.884  -3.959  -10.313 1.00 17.84 ?  46  ALA B CA  1 
ATOM   993  C C   . ALA B 2 34  ? -5.469  -3.876  -8.892  1.00 16.33 ?  46  ALA B C   1 
ATOM   994  O O   . ALA B 2 34  ? -5.196  -4.715  -8.023  1.00 12.88 ?  46  ALA B O   1 
ATOM   995  C CB  . ALA B 2 34  ? -3.671  -3.057  -10.455 1.00 14.02 ?  46  ALA B CB  1 
ATOM   996  N N   . TYR B 2 35  ? -6.282  -2.857  -8.660  1.00 14.70 ?  47  TYR B N   1 
ATOM   997  C CA  . TYR B 2 35  ? -6.907  -2.713  -7.368  1.00 15.26 ?  47  TYR B CA  1 
ATOM   998  C C   . TYR B 2 35  ? -7.790  -3.926  -7.054  1.00 15.88 ?  47  TYR B C   1 
ATOM   999  O O   . TYR B 2 35  ? -7.654  -4.518  -5.991  1.00 16.18 ?  47  TYR B O   1 
ATOM   1000 C CB  . TYR B 2 35  ? -7.708  -1.427  -7.305  1.00 12.99 ?  47  TYR B CB  1 
ATOM   1001 C CG  . TYR B 2 35  ? -8.360  -1.236  -5.971  1.00 14.85 ?  47  TYR B CG  1 
ATOM   1002 C CD1 . TYR B 2 35  ? -7.663  -0.657  -4.920  1.00 14.35 ?  47  TYR B CD1 1 
ATOM   1003 C CD2 . TYR B 2 35  ? -9.665  -1.654  -5.751  1.00 12.48 ?  47  TYR B CD2 1 
ATOM   1004 C CE1 . TYR B 2 35  ? -8.244  -0.490  -3.697  1.00 14.10 ?  47  TYR B CE1 1 
ATOM   1005 C CE2 . TYR B 2 35  ? -10.255 -1.493  -4.522  1.00 15.03 ?  47  TYR B CE2 1 
ATOM   1006 C CZ  . TYR B 2 35  ? -9.548  -0.909  -3.502  1.00 15.85 ?  47  TYR B CZ  1 
ATOM   1007 O OH  . TYR B 2 35  ? -10.136 -0.748  -2.273  1.00 17.09 ?  47  TYR B OH  1 
ATOM   1008 N N   . CYS B 2 36  ? -8.664  -4.307  -7.987  1.00 14.08 ?  48  CYS B N   1 
ATOM   1009 C CA  . CYS B 2 36  ? -9.511  -5.488  -7.814  1.00 17.16 ?  48  CYS B CA  1 
ATOM   1010 C C   . CYS B 2 36  ? -8.738  -6.787  -7.615  1.00 16.73 ?  48  CYS B C   1 
ATOM   1011 O O   . CYS B 2 36  ? -9.089  -7.577  -6.742  1.00 16.02 ?  48  CYS B O   1 
ATOM   1012 C CB  . CYS B 2 36  ? -10.454 -5.656  -9.005  1.00 16.52 ?  48  CYS B CB  1 
ATOM   1013 S SG  . CYS B 2 36  ? -11.609 -4.306  -9.149  1.00 28.72 ?  48  CYS B SG  1 
ATOM   1014 N N   . GLU B 2 37  ? -7.718  -7.054  -8.423  1.00 15.43 ?  49  GLU B N   1 
ATOM   1015 C CA  . GLU B 2 37  ? -6.903  -8.256  -8.277  1.00 19.64 ?  49  GLU B CA  1 
ATOM   1016 C C   . GLU B 2 37  ? -6.215  -8.278  -6.913  1.00 20.20 ?  49  GLU B C   1 
ATOM   1017 O O   . GLU B 2 37  ? -6.247  -9.288  -6.212  1.00 18.67 ?  49  GLU B O   1 
ATOM   1018 C CB  . GLU B 2 37  ? -5.848  -8.363  -9.384  1.00 21.80 ?  49  GLU B CB  1 
ATOM   1019 C CG  . GLU B 2 37  ? -6.388  -8.586  -10.810 1.00 28.59 ?  49  GLU B CG  1 
ATOM   1020 C CD  . GLU B 2 37  ? -7.139  -9.905  -11.007 1.00 38.95 ?  49  GLU B CD  1 
ATOM   1021 O OE1 . GLU B 2 37  ? -7.164  -10.759 -10.093 1.00 37.11 ?  49  GLU B OE1 1 
ATOM   1022 O OE2 . GLU B 2 37  ? -7.713  -10.086 -12.103 1.00 47.60 -1 49  GLU B OE2 1 
ATOM   1023 N N   . ARG B 2 38  ? -5.599  -7.121  -6.549  1.00 15.27 ?  50  ARG B N   1 
ATOM   1024 C CA  . ARG B 2 38  ? -4.871  -7.042  -5.285  1.00 15.42 ?  50  ARG B CA  1 
ATOM   1025 C C   . ARG B 2 38  ? -5.774  -7.364  -4.105  1.00 18.75 ?  50  ARG B C   1 
ATOM   1026 O O   . ARG B 2 38  ? -5.396  -8.124  -3.187  1.00 15.87 ?  50  ARG B O   1 
ATOM   1027 C CB  . ARG B 2 38  ? -4.259  -5.652  -5.100  1.00 12.85 ?  50  ARG B CB  1 
ATOM   1028 C CG  . ARG B 2 38  ? -3.818  -5.385  -3.710  1.00 10.55 ?  50  ARG B CG  1 
ATOM   1029 C CD  . ARG B 2 38  ? -3.076  -4.088  -3.611  1.00 10.74 ?  50  ARG B CD  1 
ATOM   1030 N NE  . ARG B 2 38  ? -2.680  -3.861  -2.237  1.00 12.67 ?  50  ARG B NE  1 
ATOM   1031 C CZ  . ARG B 2 38  ? -1.518  -4.233  -1.724  1.00 14.65 ?  50  ARG B CZ  1 
ATOM   1032 N NH1 . ARG B 2 38  ? -0.609  -4.828  -2.497  1.00 14.54 ?  50  ARG B NH1 1 
ATOM   1033 N NH2 . ARG B 2 38  ? -1.255  -3.987  -0.447  1.00 12.22 ?  50  ARG B NH2 1 
ATOM   1034 N N   . GLN B 2 39  ? -6.974  -6.789  -4.141  1.00 14.86 ?  51  GLN B N   1 
ATOM   1035 C CA  . GLN B 2 39  ? -7.891  -6.885  -3.017  1.00 17.73 ?  51  GLN B CA  1 
ATOM   1036 C C   . GLN B 2 39  ? -8.700  -8.178  -3.032  1.00 15.13 ?  51  GLN B C   1 
ATOM   1037 O O   . GLN B 2 39  ? -9.348  -8.511  -2.063  1.00 14.76 ?  51  GLN B O   1 
ATOM   1038 C CB  . GLN B 2 39  ? -8.827  -5.678  -3.007  1.00 19.10 ?  51  GLN B CB  1 
ATOM   1039 C CG  . GLN B 2 39  ? -8.108  -4.346  -2.827  1.00 18.78 ?  51  GLN B CG  1 
ATOM   1040 C CD  . GLN B 2 39  ? -7.422  -4.223  -1.484  1.00 21.23 ?  51  GLN B CD  1 
ATOM   1041 O OE1 . GLN B 2 39  ? -6.233  -4.520  -1.351  1.00 26.19 ?  51  GLN B OE1 1 
ATOM   1042 N NE2 . GLN B 2 39  ? -8.158  -3.761  -0.481  1.00 20.51 ?  51  GLN B NE2 1 
ATOM   1043 N N   . GLY B 2 40  ? -8.654  -8.907  -4.136  1.00 15.33 ?  52  GLY B N   1 
ATOM   1044 C CA  . GLY B 2 40  ? -9.484  -10.088 -4.277  1.00 15.64 ?  52  GLY B CA  1 
ATOM   1045 C C   . GLY B 2 40  ? -10.924 -9.776  -4.656  1.00 17.73 ?  52  GLY B C   1 
ATOM   1046 O O   . GLY B 2 40  ? -11.812 -10.619 -4.525  1.00 17.16 ?  52  GLY B O   1 
ATOM   1047 N N   . LEU B 2 41  ? -11.150 -8.560  -5.140  1.00 18.74 ?  53  LEU B N   1 
ATOM   1048 C CA  . LEU B 2 41  ? -12.482 -8.091  -5.482  1.00 15.42 ?  53  LEU B CA  1 
ATOM   1049 C C   . LEU B 2 41  ? -12.904 -8.468  -6.897  1.00 20.21 ?  53  LEU B C   1 
ATOM   1050 O O   . LEU B 2 41  ? -12.088 -8.515  -7.816  1.00 22.23 ?  53  LEU B O   1 
ATOM   1051 C CB  . LEU B 2 41  ? -12.556 -6.577  -5.318  1.00 13.38 ?  53  LEU B CB  1 
ATOM   1052 C CG  . LEU B 2 41  ? -12.458 -6.097  -3.871  1.00 15.95 ?  53  LEU B CG  1 
ATOM   1053 C CD1 . LEU B 2 41  ? -12.502 -4.588  -3.809  1.00 14.08 ?  53  LEU B CD1 1 
ATOM   1054 C CD2 . LEU B 2 41  ? -13.565 -6.701  -3.028  1.00 13.58 ?  53  LEU B CD2 1 
ATOM   1055 N N   . SER B 2 42  ? -14.190 -8.744  -7.058  1.00 21.04 ?  54  SER B N   1 
ATOM   1056 C CA  . SER B 2 42  ? -14.783 -8.902  -8.373  1.00 20.22 ?  54  SER B CA  1 
ATOM   1057 C C   . SER B 2 42  ? -15.109 -7.523  -8.934  1.00 21.32 ?  54  SER B C   1 
ATOM   1058 O O   . SER B 2 42  ? -15.628 -6.662  -8.225  1.00 26.34 ?  54  SER B O   1 
ATOM   1059 C CB  . SER B 2 42  ? -16.037 -9.765  -8.294  1.00 23.04 ?  54  SER B CB  1 
ATOM   1060 O OG  . SER B 2 42  ? -16.698 -9.819  -9.538  1.00 26.97 ?  54  SER B OG  1 
ATOM   1061 N N   . MET B 2 43  ? -14.798 -7.304  -10.205 1.00 22.73 ?  55  MET B N   1 
ATOM   1062 C CA  . MET B 2 43  ? -14.951 -5.988  -10.799 1.00 24.37 ?  55  MET B CA  1 
ATOM   1063 C C   . MET B 2 43  ? -16.388 -5.639  -11.163 1.00 26.15 ?  55  MET B C   1 
ATOM   1064 O O   . MET B 2 43  ? -16.765 -4.469  -11.145 1.00 25.79 ?  55  MET B O   1 
ATOM   1065 C CB  . MET B 2 43  ? -14.067 -5.875  -12.034 1.00 28.79 ?  55  MET B CB  1 
ATOM   1066 C CG  . MET B 2 43  ? -13.533 -4.462  -12.278 1.00 35.01 ?  55  MET B CG  1 
ATOM   1067 S SD  . MET B 2 43  ? -11.810 -4.533  -12.817 1.00 43.80 ?  55  MET B SD  1 
ATOM   1068 C CE  . MET B 2 43  ? -11.621 -2.876  -13.441 1.00 37.68 ?  55  MET B CE  1 
ATOM   1069 N N   . ARG B 2 44  ? -17.184 -6.649  -11.494 1.00 30.78 ?  56  ARG B N   1 
ATOM   1070 C CA  . ARG B 2 44  ? -18.569 -6.416  -11.902 1.00 34.28 ?  56  ARG B CA  1 
ATOM   1071 C C   . ARG B 2 44  ? -19.306 -5.619  -10.838 1.00 34.40 ?  56  ARG B C   1 
ATOM   1072 O O   . ARG B 2 44  ? -20.137 -4.770  -11.144 1.00 36.19 ?  56  ARG B O   1 
ATOM   1073 C CB  . ARG B 2 44  ? -19.293 -7.741  -12.177 1.00 31.88 ?  56  ARG B CB  1 
ATOM   1074 N N   . GLN B 2 45  ? -18.955 -5.875  -9.584  1.00 33.25 ?  57  GLN B N   1 
ATOM   1075 C CA  . GLN B 2 45  ? -19.618 -5.243  -8.460  1.00 38.51 ?  57  GLN B CA  1 
ATOM   1076 C C   . GLN B 2 45  ? -19.314 -3.754  -8.382  1.00 42.05 ?  57  GLN B C   1 
ATOM   1077 O O   . GLN B 2 45  ? -20.219 -2.916  -8.382  1.00 48.88 ?  57  GLN B O   1 
ATOM   1078 C CB  . GLN B 2 45  ? -19.193 -5.909  -7.146  1.00 37.31 ?  57  GLN B CB  1 
ATOM   1079 C CG  . GLN B 2 45  ? -19.166 -7.436  -7.193  1.00 35.06 ?  57  GLN B CG  1 
ATOM   1080 C CD  . GLN B 2 45  ? -20.527 -8.042  -7.454  1.00 40.60 ?  57  GLN B CD  1 
ATOM   1081 O OE1 . GLN B 2 45  ? -21.436 -7.937  -6.628  1.00 45.87 ?  57  GLN B OE1 1 
ATOM   1082 N NE2 . GLN B 2 45  ? -20.687 -8.657  -8.620  1.00 40.92 ?  57  GLN B NE2 1 
ATOM   1083 N N   . ILE B 2 46  ? -18.030 -3.427  -8.332  1.00 36.08 ?  58  ILE B N   1 
ATOM   1084 C CA  . ILE B 2 46  ? -17.624 -2.148  -7.778  1.00 37.24 ?  58  ILE B CA  1 
ATOM   1085 C C   . ILE B 2 46  ? -17.535 -1.004  -8.772  1.00 31.07 ?  58  ILE B C   1 
ATOM   1086 O O   . ILE B 2 46  ? -17.429 -1.202  -9.983  1.00 30.42 ?  58  ILE B O   1 
ATOM   1087 C CB  . ILE B 2 46  ? -16.252 -2.259  -7.063  1.00 35.70 ?  58  ILE B CB  1 
ATOM   1088 C CG1 . ILE B 2 46  ? -15.152 -2.623  -8.052  1.00 24.51 ?  58  ILE B CG1 1 
ATOM   1089 C CG2 . ILE B 2 46  ? -16.309 -3.254  -5.901  1.00 26.66 ?  58  ILE B CG2 1 
ATOM   1090 C CD1 . ILE B 2 46  ? -13.808 -2.491  -7.426  1.00 29.83 ?  58  ILE B CD1 1 
ATOM   1091 N N   . ARG B 2 47  ? -17.558 0.215   -8.222  1.00 29.77 ?  59  ARG B N   1 
ATOM   1092 C CA  . ARG B 2 47  ? -17.578 1.454   -8.983  1.00 31.99 ?  59  ARG B CA  1 
ATOM   1093 C C   . ARG B 2 47  ? -16.466 2.366   -8.525  1.00 24.44 ?  59  ARG B C   1 
ATOM   1094 O O   . ARG B 2 47  ? -16.246 2.538   -7.328  1.00 23.96 ?  59  ARG B O   1 
ATOM   1095 C CB  . ARG B 2 47  ? -18.917 2.175   -8.817  1.00 33.43 ?  59  ARG B CB  1 
ATOM   1096 C CG  . ARG B 2 47  ? -20.106 1.319   -9.110  1.00 36.33 ?  59  ARG B CG  1 
ATOM   1097 C CD  . ARG B 2 47  ? -20.240 1.089   -10.601 1.00 41.91 ?  59  ARG B CD  1 
ATOM   1098 N NE  . ARG B 2 47  ? -21.032 -0.106  -10.850 1.00 50.89 ?  59  ARG B NE  1 
ATOM   1099 C CZ  . ARG B 2 47  ? -22.357 -0.128  -10.869 1.00 57.28 ?  59  ARG B CZ  1 
ATOM   1100 N NH1 . ARG B 2 47  ? -23.045 0.999   -10.723 1.00 55.96 ?  59  ARG B NH1 1 
ATOM   1101 N NH2 . ARG B 2 47  ? -22.994 -1.277  -11.043 1.00 60.80 ?  59  ARG B NH2 1 
ATOM   1102 N N   . PHE B 2 48  ? -15.778 2.952   -9.471  1.00 21.59 ?  60  PHE B N   1 
ATOM   1103 C CA  . PHE B 2 48  ? -14.737 3.906   -9.164  1.00 18.90 ?  60  PHE B CA  1 
ATOM   1104 C C   . PHE B 2 48  ? -15.242 5.305   -9.465  1.00 23.55 ?  60  PHE B C   1 
ATOM   1105 O O   . PHE B 2 48  ? -15.823 5.561   -10.526 1.00 24.09 ?  60  PHE B O   1 
ATOM   1106 C CB  . PHE B 2 48  ? -13.470 3.608   -9.965  1.00 18.77 ?  60  PHE B CB  1 
ATOM   1107 C CG  . PHE B 2 48  ? -12.820 2.279   -9.628  1.00 21.38 ?  60  PHE B CG  1 
ATOM   1108 C CD1 . PHE B 2 48  ? -13.269 1.098   -10.210 1.00 18.30 ?  60  PHE B CD1 1 
ATOM   1109 C CD2 . PHE B 2 48  ? -11.737 2.220   -8.765  1.00 15.95 ?  60  PHE B CD2 1 
ATOM   1110 C CE1 . PHE B 2 48  ? -12.661 -0.111  -9.924  1.00 17.94 ?  60  PHE B CE1 1 
ATOM   1111 C CE2 . PHE B 2 48  ? -11.120 1.007   -8.476  1.00 17.91 ?  60  PHE B CE2 1 
ATOM   1112 C CZ  . PHE B 2 48  ? -11.587 -0.163  -9.059  1.00 17.73 ?  60  PHE B CZ  1 
ATOM   1113 N N   . ARG B 2 49  ? -15.042 6.212   -8.521  1.00 21.33 ?  61  ARG B N   1 
ATOM   1114 C CA  . ARG B 2 49  ? -15.424 7.599   -8.733  1.00 23.32 ?  61  ARG B CA  1 
ATOM   1115 C C   . ARG B 2 49  ? -14.217 8.507   -8.513  1.00 23.65 ?  61  ARG B C   1 
ATOM   1116 O O   . ARG B 2 49  ? -13.375 8.242   -7.655  1.00 21.30 ?  61  ARG B O   1 
ATOM   1117 C CB  . ARG B 2 49  ? -16.569 7.998   -7.800  1.00 22.11 ?  61  ARG B CB  1 
ATOM   1118 C CG  . ARG B 2 49  ? -17.827 7.152   -7.925  1.00 24.46 ?  61  ARG B CG  1 
ATOM   1119 C CD  . ARG B 2 49  ? -18.566 7.429   -9.231  1.00 32.34 ?  61  ARG B CD  1 
ATOM   1120 N NE  . ARG B 2 49  ? -19.874 6.775   -9.307  1.00 34.50 ?  61  ARG B NE  1 
ATOM   1121 C CZ  . ARG B 2 49  ? -20.133 5.684   -10.026 1.00 35.10 ?  61  ARG B CZ  1 
ATOM   1122 N NH1 . ARG B 2 49  ? -19.176 5.102   -10.742 1.00 32.18 ?  61  ARG B NH1 1 
ATOM   1123 N NH2 . ARG B 2 49  ? -21.354 5.170   -10.029 1.00 38.31 ?  61  ARG B NH2 1 
ATOM   1124 N N   . PHE B 2 50  ? -14.126 9.555   -9.322  1.00 22.42 ?  62  PHE B N   1 
ATOM   1125 C CA  . PHE B 2 50  ? -13.190 10.646  -9.092  1.00 24.22 ?  62  PHE B CA  1 
ATOM   1126 C C   . PHE B 2 50  ? -13.972 11.948  -9.132  1.00 24.69 ?  62  PHE B C   1 
ATOM   1127 O O   . PHE B 2 50  ? -14.722 12.185  -10.083 1.00 23.28 ?  62  PHE B O   1 
ATOM   1128 C CB  . PHE B 2 50  ? -12.069 10.649  -10.137 1.00 21.69 ?  62  PHE B CB  1 
ATOM   1129 C CG  . PHE B 2 50  ? -11.169 11.853  -10.061 1.00 24.26 ?  62  PHE B CG  1 
ATOM   1130 C CD1 . PHE B 2 50  ? -10.366 12.070  -8.947  1.00 24.02 ?  62  PHE B CD1 1 
ATOM   1131 C CD2 . PHE B 2 50  ? -11.123 12.767  -11.107 1.00 23.60 ?  62  PHE B CD2 1 
ATOM   1132 C CE1 . PHE B 2 50  ? -9.527  13.178  -8.880  1.00 24.91 ?  62  PHE B CE1 1 
ATOM   1133 C CE2 . PHE B 2 50  ? -10.300 13.878  -11.050 1.00 23.58 ?  62  PHE B CE2 1 
ATOM   1134 C CZ  . PHE B 2 50  ? -9.496  14.088  -9.936  1.00 25.83 ?  62  PHE B CZ  1 
ATOM   1135 N N   . ASP B 2 51  ? -13.803 12.776  -8.100  1.00 24.34 ?  63  ASP B N   1 
ATOM   1136 C CA  . ASP B 2 51  ? -14.618 13.981  -7.914  1.00 27.29 ?  63  ASP B CA  1 
ATOM   1137 C C   . ASP B 2 51  ? -16.113 13.722  -8.095  1.00 29.34 ?  63  ASP B C   1 
ATOM   1138 O O   . ASP B 2 51  ? -16.780 14.486  -8.782  1.00 30.61 ?  63  ASP B O   1 
ATOM   1139 C CB  . ASP B 2 51  ? -14.212 15.091  -8.894  1.00 31.64 ?  63  ASP B CB  1 
ATOM   1140 C CG  . ASP B 2 51  ? -12.881 15.742  -8.553  1.00 40.90 ?  63  ASP B CG  1 
ATOM   1141 O OD1 . ASP B 2 51  ? -12.371 15.552  -7.425  1.00 43.65 -1 63  ASP B OD1 1 
ATOM   1142 O OD2 . ASP B 2 51  ? -12.357 16.476  -9.421  1.00 45.03 ?  63  ASP B OD2 1 
ATOM   1143 N N   . GLY B 2 52  ? -16.635 12.643  -7.522  1.00 25.56 ?  64  GLY B N   1 
ATOM   1144 C CA  . GLY B 2 52  ? -18.063 12.371  -7.595  1.00 26.43 ?  64  GLY B CA  1 
ATOM   1145 C C   . GLY B 2 52  ? -18.552 11.811  -8.923  1.00 31.80 ?  64  GLY B C   1 
ATOM   1146 O O   . GLY B 2 52  ? -19.699 11.380  -9.038  1.00 33.27 ?  64  GLY B O   1 
ATOM   1147 N N   . GLN B 2 53  ? -17.682 11.793  -9.924  1.00 26.13 ?  65  GLN B N   1 
ATOM   1148 C CA  . GLN B 2 53  ? -18.045 11.302  -11.241 1.00 25.67 ?  65  GLN B CA  1 
ATOM   1149 C C   . GLN B 2 53  ? -17.424 9.941   -11.529 1.00 27.00 ?  65  GLN B C   1 
ATOM   1150 O O   . GLN B 2 53  ? -16.388 9.596   -10.967 1.00 25.33 ?  65  GLN B O   1 
ATOM   1151 C CB  . GLN B 2 53  ? -17.618 12.304  -12.313 1.00 27.61 ?  65  GLN B CB  1 
ATOM   1152 C CG  . GLN B 2 53  ? -18.354 13.622  -12.250 1.00 29.63 ?  65  GLN B CG  1 
ATOM   1153 C CD  . GLN B 2 53  ? -18.129 14.451  -13.493 1.00 32.53 ?  65  GLN B CD  1 
ATOM   1154 O OE1 . GLN B 2 53  ? -17.019 14.909  -13.757 1.00 38.56 ?  65  GLN B OE1 1 
ATOM   1155 N NE2 . GLN B 2 53  ? -19.180 14.633  -14.279 1.00 41.08 ?  65  GLN B NE2 1 
ATOM   1156 N N   . PRO B 2 54  ? -18.060 9.162   -12.418 1.00 29.50 ?  66  PRO B N   1 
ATOM   1157 C CA  . PRO B 2 54  ? -17.514 7.851   -12.792 1.00 28.16 ?  66  PRO B CA  1 
ATOM   1158 C C   . PRO B 2 54  ? -16.294 7.939   -13.718 1.00 24.98 ?  66  PRO B C   1 
ATOM   1159 O O   . PRO B 2 54  ? -16.086 8.933   -14.389 1.00 22.20 ?  66  PRO B O   1 
ATOM   1160 C CB  . PRO B 2 54  ? -18.697 7.166   -13.498 1.00 26.00 ?  66  PRO B CB  1 
ATOM   1161 C CG  . PRO B 2 54  ? -19.588 8.286   -13.941 1.00 22.91 ?  66  PRO B CG  1 
ATOM   1162 C CD  . PRO B 2 54  ? -19.429 9.370   -12.934 1.00 24.66 ?  66  PRO B CD  1 
ATOM   1163 N N   . ILE B 2 55  ? -15.498 6.883   -13.741 1.00 27.29 ?  67  ILE B N   1 
ATOM   1164 C CA  . ILE B 2 55  ? -14.269 6.842   -14.519 1.00 29.41 ?  67  ILE B CA  1 
ATOM   1165 C C   . ILE B 2 55  ? -14.387 5.809   -15.630 1.00 30.14 ?  67  ILE B C   1 
ATOM   1166 O O   . ILE B 2 55  ? -14.613 4.633   -15.349 1.00 31.79 ?  67  ILE B O   1 
ATOM   1167 C CB  . ILE B 2 55  ? -13.051 6.482   -13.622 1.00 29.72 ?  67  ILE B CB  1 
ATOM   1168 C CG1 . ILE B 2 55  ? -12.975 7.408   -12.409 1.00 25.37 ?  67  ILE B CG1 1 
ATOM   1169 C CG2 . ILE B 2 55  ? -11.746 6.504   -14.415 1.00 26.43 ?  67  ILE B CG2 1 
ATOM   1170 C CD1 . ILE B 2 55  ? -11.847 7.047   -11.460 1.00 23.72 ?  67  ILE B CD1 1 
ATOM   1171 N N   . ASN B 2 56  ? -14.258 6.246   -16.881 1.00 30.24 ?  68  ASN B N   1 
ATOM   1172 C CA  . ASN B 2 56  ? -14.201 5.325   -18.010 1.00 26.23 ?  68  ASN B CA  1 
ATOM   1173 C C   . ASN B 2 56  ? -12.952 4.472   -17.907 1.00 29.09 ?  68  ASN B C   1 
ATOM   1174 O O   . ASN B 2 56  ? -11.907 4.949   -17.468 1.00 30.83 ?  68  ASN B O   1 
ATOM   1175 C CB  . ASN B 2 56  ? -14.179 6.071   -19.353 1.00 30.84 ?  68  ASN B CB  1 
ATOM   1176 C CG  . ASN B 2 56  ? -15.465 6.818   -19.648 1.00 36.46 ?  68  ASN B CG  1 
ATOM   1177 O OD1 . ASN B 2 56  ? -16.567 6.288   -19.472 1.00 37.06 ?  68  ASN B OD1 1 
ATOM   1178 N ND2 . ASN B 2 56  ? -15.328 8.054   -20.125 1.00 33.30 ?  68  ASN B ND2 1 
ATOM   1179 N N   . GLU B 2 57  ? -13.038 3.226   -18.343 1.00 25.71 ?  69  GLU B N   1 
ATOM   1180 C CA  . GLU B 2 57  ? -11.848 2.389   -18.431 1.00 31.57 ?  69  GLU B CA  1 
ATOM   1181 C C   . GLU B 2 57  ? -10.760 3.013   -19.311 1.00 29.91 ?  69  GLU B C   1 
ATOM   1182 O O   . GLU B 2 57  ? -9.569  2.843   -19.034 1.00 26.94 ?  69  GLU B O   1 
ATOM   1183 C CB  . GLU B 2 57  ? -12.214 1.003   -18.953 1.00 31.51 ?  69  GLU B CB  1 
ATOM   1184 C CG  . GLU B 2 57  ? -13.067 0.209   -17.972 1.00 38.62 ?  69  GLU B CG  1 
ATOM   1185 C CD  . GLU B 2 57  ? -13.472 -1.152  -18.508 1.00 65.26 ?  69  GLU B CD  1 
ATOM   1186 O OE1 . GLU B 2 57  ? -13.204 -1.431  -19.704 1.00 65.97 ?  69  GLU B OE1 1 
ATOM   1187 O OE2 . GLU B 2 57  ? -14.066 -1.938  -17.727 1.00 69.79 ?  69  GLU B OE2 1 
ATOM   1188 N N   . THR B 2 58  ? -11.161 3.754   -20.346 1.00 26.97 ?  70  THR B N   1 
ATOM   1189 C CA  . THR B 2 58  ? -10.191 4.358   -21.261 1.00 27.71 ?  70  THR B CA  1 
ATOM   1190 C C   . THR B 2 58  ? -9.641  5.702   -20.762 1.00 25.26 ?  70  THR B C   1 
ATOM   1191 O O   . THR B 2 58  ? -8.593  6.134   -21.224 1.00 28.25 ?  70  THR B O   1 
ATOM   1192 C CB  . THR B 2 58  ? -10.780 4.541   -22.691 1.00 28.54 ?  70  THR B CB  1 
ATOM   1193 O OG1 . THR B 2 58  ? -12.111 5.073   -22.619 1.00 29.96 ?  70  THR B OG1 1 
ATOM   1194 C CG2 . THR B 2 58  ? -10.834 3.207   -23.403 1.00 28.89 ?  70  THR B CG2 1 
ATOM   1195 N N   . ASP B 2 59  ? -10.322 6.347   -19.816 1.00 24.48 ?  71  ASP B N   1 
ATOM   1196 C CA  . ASP B 2 59  ? -9.818  7.599   -19.232 1.00 23.56 ?  71  ASP B CA  1 
ATOM   1197 C C   . ASP B 2 59  ? -8.372  7.480   -18.706 1.00 28.15 ?  71  ASP B C   1 
ATOM   1198 O O   . ASP B 2 59  ? -7.983  6.444   -18.162 1.00 25.91 ?  71  ASP B O   1 
ATOM   1199 C CB  . ASP B 2 59  ? -10.712 8.063   -18.075 1.00 26.17 ?  71  ASP B CB  1 
ATOM   1200 C CG  . ASP B 2 59  ? -12.037 8.649   -18.535 1.00 35.89 ?  71  ASP B CG  1 
ATOM   1201 O OD1 . ASP B 2 59  ? -12.180 8.962   -19.743 1.00 37.45 -1 71  ASP B OD1 1 
ATOM   1202 O OD2 . ASP B 2 59  ? -12.936 8.808   -17.664 1.00 32.65 ?  71  ASP B OD2 1 
ATOM   1203 N N   . THR B 2 60  ? -7.589  8.548   -18.849 1.00 23.08 ?  72  THR B N   1 
ATOM   1204 C CA  . THR B 2 60  ? -6.241  8.583   -18.304 1.00 20.60 ?  72  THR B CA  1 
ATOM   1205 C C   . THR B 2 60  ? -6.166  9.706   -17.292 1.00 21.19 ?  72  THR B C   1 
ATOM   1206 O O   . THR B 2 60  ? -7.013  10.600  -17.309 1.00 23.61 ?  72  THR B O   1 
ATOM   1207 C CB  . THR B 2 60  ? -5.164  8.792   -19.397 1.00 20.48 ?  72  THR B CB  1 
ATOM   1208 O OG1 . THR B 2 60  ? -5.161  10.158  -19.817 1.00 21.63 ?  72  THR B OG1 1 
ATOM   1209 C CG2 . THR B 2 60  ? -5.403  7.875   -20.587 1.00 20.30 ?  72  THR B CG2 1 
ATOM   1210 N N   . PRO B 2 61  ? -5.169  9.659   -16.390 1.00 19.30 ?  73  PRO B N   1 
ATOM   1211 C CA  . PRO B 2 61  ? -4.993  10.753  -15.421 1.00 19.59 ?  73  PRO B CA  1 
ATOM   1212 C C   . PRO B 2 61  ? -4.825  12.129  -16.082 1.00 21.46 ?  73  PRO B C   1 
ATOM   1213 O O   . PRO B 2 61  ? -5.333  13.127  -15.554 1.00 19.01 ?  73  PRO B O   1 
ATOM   1214 C CB  . PRO B 2 61  ? -3.717  10.357  -14.674 1.00 13.81 ?  73  PRO B CB  1 
ATOM   1215 C CG  . PRO B 2 61  ? -3.674  8.879   -14.772 1.00 15.21 ?  73  PRO B CG  1 
ATOM   1216 C CD  . PRO B 2 61  ? -4.297  8.508   -16.087 1.00 15.98 ?  73  PRO B CD  1 
ATOM   1217 N N   . ALA B 2 62  ? -4.108  12.175  -17.210 1.00 19.28 ?  74  ALA B N   1 
ATOM   1218 C CA  . ALA B 2 62  ? -3.913  13.429  -17.941 1.00 21.66 ?  74  ALA B CA  1 
ATOM   1219 C C   . ALA B 2 62  ? -5.230  14.004  -18.457 1.00 23.32 ?  74  ALA B C   1 
ATOM   1220 O O   . ALA B 2 62  ? -5.507  15.187  -18.271 1.00 25.64 ?  74  ALA B O   1 
ATOM   1221 C CB  . ALA B 2 62  ? -2.964  13.226  -19.116 1.00 20.17 ?  74  ALA B CB  1 
ATOM   1222 N N   . GLN B 2 63  ? -6.041  13.158  -19.088 1.00 20.01 ?  75  GLN B N   1 
ATOM   1223 C CA  . GLN B 2 63  ? -7.356  13.562  -19.570 1.00 20.31 ?  75  GLN B CA  1 
ATOM   1224 C C   . GLN B 2 63  ? -8.272  14.081  -18.456 1.00 24.08 ?  75  GLN B C   1 
ATOM   1225 O O   . GLN B 2 63  ? -9.057  15.002  -18.673 1.00 24.70 ?  75  GLN B O   1 
ATOM   1226 C CB  . GLN B 2 63  ? -8.030  12.385  -20.277 1.00 24.04 ?  75  GLN B CB  1 
ATOM   1227 C CG  . GLN B 2 63  ? -7.428  12.106  -21.650 1.00 31.36 ?  75  GLN B CG  1 
ATOM   1228 C CD  . GLN B 2 63  ? -7.699  10.699  -22.158 1.00 35.90 ?  75  GLN B CD  1 
ATOM   1229 O OE1 . GLN B 2 63  ? -8.471  9.938   -21.560 1.00 31.87 ?  75  GLN B OE1 1 
ATOM   1230 N NE2 . GLN B 2 63  ? -7.052  10.343  -23.269 1.00 28.02 ?  75  GLN B NE2 1 
ATOM   1231 N N   . LEU B 2 64  ? -8.167  13.505  -17.262 1.00 24.74 ?  76  LEU B N   1 
ATOM   1232 C CA  . LEU B 2 64  ? -9.010  13.929  -16.141 1.00 24.17 ?  76  LEU B CA  1 
ATOM   1233 C C   . LEU B 2 64  ? -8.373  15.070  -15.347 1.00 24.89 ?  76  LEU B C   1 
ATOM   1234 O O   . LEU B 2 64  ? -8.934  15.536  -14.347 1.00 25.92 ?  76  LEU B O   1 
ATOM   1235 C CB  . LEU B 2 64  ? -9.342  12.740  -15.233 1.00 26.50 ?  76  LEU B CB  1 
ATOM   1236 C CG  . LEU B 2 64  ? -10.130 11.588  -15.861 1.00 26.08 ?  76  LEU B CG  1 
ATOM   1237 C CD1 . LEU B 2 64  ? -10.486 10.540  -14.821 1.00 22.21 ?  76  LEU B CD1 1 
ATOM   1238 C CD2 . LEU B 2 64  ? -11.374 12.141  -16.499 1.00 25.72 ?  76  LEU B CD2 1 
ATOM   1239 N N   . GLU B 2 65  ? -7.201  15.511  -15.793 1.00 21.59 ?  77  GLU B N   1 
ATOM   1240 C CA  . GLU B 2 65  ? -6.449  16.561  -15.102 1.00 27.00 ?  77  GLU B CA  1 
ATOM   1241 C C   . GLU B 2 65  ? -6.144  16.186  -13.645 1.00 29.70 ?  77  GLU B C   1 
ATOM   1242 O O   . GLU B 2 65  ? -6.117  17.044  -12.766 1.00 26.60 ?  77  GLU B O   1 
ATOM   1243 C CB  . GLU B 2 65  ? -7.189  17.896  -15.174 1.00 23.26 ?  77  GLU B CB  1 
ATOM   1244 C CG  . GLU B 2 65  ? -7.530  18.268  -16.627 1.00 32.40 ?  77  GLU B CG  1 
ATOM   1245 C CD  . GLU B 2 65  ? -8.036  19.690  -16.810 1.00 30.32 ?  77  GLU B CD  1 
ATOM   1246 O OE1 . GLU B 2 65  ? -8.363  20.043  -17.951 1.00 36.87 ?  77  GLU B OE1 1 
ATOM   1247 O OE2 . GLU B 2 65  ? -8.103  20.459  -15.834 1.00 38.47 -1 77  GLU B OE2 1 
ATOM   1248 N N   . MET B 2 66  ? -5.889  14.903  -13.398 1.00 26.14 ?  78  MET B N   1 
ATOM   1249 C CA  . MET B 2 66  ? -5.557  14.459  -12.050 1.00 28.80 ?  78  MET B CA  1 
ATOM   1250 C C   . MET B 2 66  ? -4.208  14.987  -11.586 1.00 25.90 ?  78  MET B C   1 
ATOM   1251 O O   . MET B 2 66  ? -3.276  15.167  -12.366 1.00 24.76 ?  78  MET B O   1 
ATOM   1252 C CB  . MET B 2 66  ? -5.561  12.935  -11.966 1.00 26.37 ?  78  MET B CB  1 
ATOM   1253 C CG  . MET B 2 66  ? -6.937  12.323  -12.029 1.00 21.80 ?  78  MET B CG  1 
ATOM   1254 S SD  . MET B 2 66  ? -6.853  10.535  -12.042 1.00 25.02 ?  78  MET B SD  1 
ATOM   1255 C CE  . MET B 2 66  ? -8.537  10.111  -11.600 1.00 28.90 ?  78  MET B CE  1 
ATOM   1256 N N   . GLU B 2 67  ? -4.110  15.233  -10.296 1.00 22.23 ?  79  GLU B N   1 
ATOM   1257 C CA  . GLU B 2 67  ? -2.858  15.678  -9.744  1.00 24.61 ?  79  GLU B CA  1 
ATOM   1258 C C   . GLU B 2 67  ? -2.303  14.622  -8.806  1.00 25.86 ?  79  GLU B C   1 
ATOM   1259 O O   . GLU B 2 67  ? -3.041  13.767  -8.314  1.00 20.94 ?  79  GLU B O   1 
ATOM   1260 C CB  . GLU B 2 67  ? -3.047  17.009  -9.026  1.00 30.46 ?  79  GLU B CB  1 
ATOM   1261 C CG  . GLU B 2 67  ? -3.590  18.095  -9.939  1.00 36.27 ?  79  GLU B CG  1 
ATOM   1262 C CD  . GLU B 2 67  ? -3.701  19.437  -9.243  1.00 47.08 ?  79  GLU B CD  1 
ATOM   1263 O OE1 . GLU B 2 67  ? -3.251  19.534  -8.077  1.00 48.64 ?  79  GLU B OE1 1 
ATOM   1264 O OE2 . GLU B 2 67  ? -4.234  20.390  -9.860  1.00 47.60 -1 79  GLU B OE2 1 
ATOM   1265 N N   . ASP B 2 68  ? -0.995  14.678  -8.585  1.00 25.87 ?  80  ASP B N   1 
ATOM   1266 C CA  . ASP B 2 68  ? -0.337  13.845  -7.590  1.00 24.38 ?  80  ASP B CA  1 
ATOM   1267 C C   . ASP B 2 68  ? -1.050  13.917  -6.237  1.00 25.69 ?  80  ASP B C   1 
ATOM   1268 O O   . ASP B 2 68  ? -1.347  15.005  -5.758  1.00 25.37 ?  80  ASP B O   1 
ATOM   1269 C CB  . ASP B 2 68  ? 1.121   14.276  -7.451  1.00 24.14 ?  80  ASP B CB  1 
ATOM   1270 C CG  . ASP B 2 68  ? 2.026   13.136  -7.070  1.00 32.69 ?  80  ASP B CG  1 
ATOM   1271 O OD1 . ASP B 2 68  ? 2.185   12.205  -7.892  1.00 30.88 ?  80  ASP B OD1 1 
ATOM   1272 O OD2 . ASP B 2 68  ? 2.583   13.168  -5.948  1.00 45.00 -1 80  ASP B OD2 1 
ATOM   1273 N N   . GLU B 2 69  ? -1.329  12.745  -5.664  1.00 21.84 ?  81  GLU B N   1 
ATOM   1274 C CA  . GLU B 2 69  ? -1.982  12.559  -4.359  1.00 21.31 ?  81  GLU B CA  1 
ATOM   1275 C C   . GLU B 2 69  ? -3.501  12.751  -4.394  1.00 23.42 ?  81  GLU B C   1 
ATOM   1276 O O   . GLU B 2 69  ? -4.140  12.802  -3.337  1.00 21.58 ?  81  GLU B O   1 
ATOM   1277 C CB  . GLU B 2 69  ? -1.395  13.488  -3.286  1.00 23.91 ?  81  GLU B CB  1 
ATOM   1278 C CG  . GLU B 2 69  ? 0.114   13.415  -3.123  1.00 32.49 ?  81  GLU B CG  1 
ATOM   1279 C CD  . GLU B 2 69  ? 0.604   12.023  -2.785  1.00 36.83 ?  81  GLU B CD  1 
ATOM   1280 O OE1 . GLU B 2 69  ? 1.753   11.694  -3.160  1.00 33.57 ?  81  GLU B OE1 1 
ATOM   1281 O OE2 . GLU B 2 69  ? -0.158  11.260  -2.146  1.00 34.91 -1 81  GLU B OE2 1 
ATOM   1282 N N   . ASP B 2 70  ? -4.081  12.848  -5.587  1.00 19.35 ?  82  ASP B N   1 
ATOM   1283 C CA  . ASP B 2 70  ? -5.533  12.850  -5.701  1.00 18.83 ?  82  ASP B CA  1 
ATOM   1284 C C   . ASP B 2 70  ? -6.093  11.489  -5.299  1.00 19.20 ?  82  ASP B C   1 
ATOM   1285 O O   . ASP B 2 70  ? -5.383  10.493  -5.268  1.00 19.27 ?  82  ASP B O   1 
ATOM   1286 C CB  . ASP B 2 70  ? -5.988  13.195  -7.118  1.00 19.77 ?  82  ASP B CB  1 
ATOM   1287 C CG  . ASP B 2 70  ? -5.996  14.695  -7.390  1.00 28.60 ?  82  ASP B CG  1 
ATOM   1288 O OD1 . ASP B 2 70  ? -5.801  15.494  -6.444  1.00 28.08 ?  82  ASP B OD1 1 
ATOM   1289 O OD2 . ASP B 2 70  ? -6.203  15.071  -8.568  1.00 29.11 -1 82  ASP B OD2 1 
ATOM   1290 N N   . THR B 2 71  ? -7.381  11.455  -5.004  1.00 20.96 ?  83  THR B N   1 
ATOM   1291 C CA  . THR B 2 71  ? -8.019  10.261  -4.479  1.00 17.97 ?  83  THR B CA  1 
ATOM   1292 C C   . THR B 2 71  ? -9.101  9.764   -5.424  1.00 18.48 ?  83  THR B C   1 
ATOM   1293 O O   . THR B 2 71  ? -9.887  10.542  -5.955  1.00 17.69 ?  83  THR B O   1 
ATOM   1294 C CB  . THR B 2 71  ? -8.620  10.540  -3.086  1.00 17.46 ?  83  THR B CB  1 
ATOM   1295 O OG1 . THR B 2 71  ? -7.561  10.841  -2.185  1.00 21.50 ?  83  THR B OG1 1 
ATOM   1296 C CG2 . THR B 2 71  ? -9.398  9.345   -2.558  1.00 17.92 ?  83  THR B CG2 1 
ATOM   1297 N N   . ILE B 2 72  ? -9.111  8.455   -5.630  1.00 16.97 ?  84  ILE B N   1 
ATOM   1298 C CA  . ILE B 2 72  ? -10.156 7.773   -6.367  1.00 17.23 ?  84  ILE B CA  1 
ATOM   1299 C C   . ILE B 2 72  ? -11.035 7.008   -5.365  1.00 20.41 ?  84  ILE B C   1 
ATOM   1300 O O   . ILE B 2 72  ? -10.517 6.226   -4.569  1.00 17.59 ?  84  ILE B O   1 
ATOM   1301 C CB  . ILE B 2 72  ? -9.548  6.815   -7.403  1.00 16.98 ?  84  ILE B CB  1 
ATOM   1302 C CG1 . ILE B 2 72  ? -8.953  7.622   -8.562  1.00 18.77 ?  84  ILE B CG1 1 
ATOM   1303 C CG2 . ILE B 2 72  ? -10.582 5.809   -7.889  1.00 19.18 ?  84  ILE B CG2 1 
ATOM   1304 C CD1 . ILE B 2 72  ? -8.296  6.797   -9.632  1.00 15.29 ?  84  ILE B CD1 1 
ATOM   1305 N N   . ASP B 2 73  ? -12.347 7.246   -5.381  1.00 17.57 ?  85  ASP B N   1 
ATOM   1306 C CA  . ASP B 2 73  ? -13.207 6.512   -4.450  1.00 19.34 ?  85  ASP B CA  1 
ATOM   1307 C C   . ASP B 2 73  ? -13.708 5.239   -5.094  1.00 19.92 ?  85  ASP B C   1 
ATOM   1308 O O   . ASP B 2 73  ? -14.025 5.211   -6.281  1.00 20.39 ?  85  ASP B O   1 
ATOM   1309 C CB  . ASP B 2 73  ? -14.380 7.357   -3.982  1.00 18.36 ?  85  ASP B CB  1 
ATOM   1310 C CG  . ASP B 2 73  ? -13.936 8.605   -3.268  1.00 25.85 ?  85  ASP B CG  1 
ATOM   1311 O OD1 . ASP B 2 73  ? -13.198 8.492   -2.263  1.00 26.24 -1 85  ASP B OD1 1 
ATOM   1312 O OD2 . ASP B 2 73  ? -14.304 9.711   -3.724  1.00 34.49 ?  85  ASP B OD2 1 
ATOM   1313 N N   . VAL B 2 74  ? -13.749 4.169   -4.299  1.00 17.43 ?  86  VAL B N   1 
ATOM   1314 C CA  . VAL B 2 74  ? -14.246 2.907   -4.801  1.00 17.62 ?  86  VAL B CA  1 
ATOM   1315 C C   . VAL B 2 74  ? -15.220 2.294   -3.786  1.00 24.64 ?  86  VAL B C   1 
ATOM   1316 O O   . VAL B 2 74  ? -14.987 2.301   -2.564  1.00 19.21 ?  86  VAL B O   1 
ATOM   1317 C CB  . VAL B 2 74  ? -13.090 1.926   -5.131  1.00 20.67 ?  86  VAL B CB  1 
ATOM   1318 C CG1 . VAL B 2 74  ? -12.182 1.712   -3.940  1.00 20.28 ?  86  VAL B CG1 1 
ATOM   1319 C CG2 . VAL B 2 74  ? -13.636 0.605   -5.641  1.00 22.09 ?  86  VAL B CG2 1 
ATOM   1320 N N   . PHE B 2 75  ? -16.331 1.796   -4.319  1.00 25.18 ?  87  PHE B N   1 
ATOM   1321 C CA  . PHE B 2 75  ? -17.408 1.223   -3.535  1.00 21.07 ?  87  PHE B CA  1 
ATOM   1322 C C   . PHE B 2 75  ? -18.135 0.200   -4.392  1.00 25.54 ?  87  PHE B C   1 
ATOM   1323 O O   . PHE B 2 75  ? -17.972 0.187   -5.609  1.00 27.17 ?  87  PHE B O   1 
ATOM   1324 C CB  . PHE B 2 75  ? -18.379 2.313   -3.100  1.00 25.95 ?  87  PHE B CB  1 
ATOM   1325 C CG  . PHE B 2 75  ? -19.040 3.018   -4.241  1.00 32.78 ?  87  PHE B CG  1 
ATOM   1326 C CD1 . PHE B 2 75  ? -18.393 4.049   -4.912  1.00 33.10 ?  87  PHE B CD1 1 
ATOM   1327 C CD2 . PHE B 2 75  ? -20.318 2.646   -4.658  1.00 37.76 ?  87  PHE B CD2 1 
ATOM   1328 C CE1 . PHE B 2 75  ? -19.017 4.697   -5.975  1.00 33.72 ?  87  PHE B CE1 1 
ATOM   1329 C CE2 . PHE B 2 75  ? -20.948 3.295   -5.720  1.00 38.31 ?  87  PHE B CE2 1 
ATOM   1330 C CZ  . PHE B 2 75  ? -20.294 4.320   -6.375  1.00 37.24 ?  87  PHE B CZ  1 
ATOM   1331 N N   . GLN B 2 76  ? -18.932 -0.673  -3.787  1.00 29.50 ?  88  GLN B N   1 
ATOM   1332 C CA  . GLN B 2 76  ? -19.729 -1.580  -4.614  1.00 34.46 ?  88  GLN B CA  1 
ATOM   1333 C C   . GLN B 2 76  ? -21.115 -1.017  -4.891  1.00 32.31 ?  88  GLN B C   1 
ATOM   1334 O O   . GLN B 2 76  ? -21.612 -0.187  -4.132  1.00 30.34 ?  88  GLN B O   1 
ATOM   1335 C CB  . GLN B 2 76  ? -19.829 -2.955  -3.961  1.00 32.85 ?  88  GLN B CB  1 
ATOM   1336 C CG  . GLN B 2 76  ? -20.640 -2.967  -2.686  1.00 36.94 ?  88  GLN B CG  1 
ATOM   1337 C CD  . GLN B 2 76  ? -20.679 -4.342  -2.060  1.00 34.49 ?  88  GLN B CD  1 
ATOM   1338 O OE1 . GLN B 2 76  ? -19.718 -4.767  -1.405  1.00 24.62 ?  88  GLN B OE1 1 
ATOM   1339 N NE2 . GLN B 2 76  ? -21.791 -5.057  -2.268  1.00 30.92 ?  88  GLN B NE2 1 
ATOM   1340 N N   . GLN B 2 77  ? -21.713 -1.477  -5.990  1.00 40.18 ?  89  GLN B N   1 
ATOM   1341 C CA  . GLN B 2 77  ? -23.025 -1.020  -6.453  1.00 41.53 ?  89  GLN B CA  1 
ATOM   1342 C C   . GLN B 2 77  ? -24.109 -1.224  -5.405  1.00 44.61 ?  89  GLN B C   1 
ATOM   1343 O O   . GLN B 2 77  ? -24.027 -2.138  -4.584  1.00 40.09 ?  89  GLN B O   1 
ATOM   1344 C CB  . GLN B 2 77  ? -23.408 -1.745  -7.742  1.00 44.79 ?  89  GLN B CB  1 
HETATM 1345 S S   . SO4 C 3 .   ? 11.391  4.618   -0.861  0.59 48.97 ?  201 SO4 A S   1 
HETATM 1346 O O1  . SO4 C 3 .   ? 11.364  3.576   0.165   0.59 39.69 ?  201 SO4 A O1  1 
HETATM 1347 O O2  . SO4 C 3 .   ? 12.782  4.963   -1.151  0.59 45.13 ?  201 SO4 A O2  1 
HETATM 1348 O O3  . SO4 C 3 .   ? 10.758  4.132   -2.087  0.59 34.31 ?  201 SO4 A O3  1 
HETATM 1349 O O4  . SO4 C 3 .   ? 10.684  5.803   -0.366  0.59 38.61 ?  201 SO4 A O4  1 
HETATM 1350 S S   . SO4 D 3 .   ? 8.546   7.765   -8.939  0.73 54.43 ?  101 SO4 B S   1 
HETATM 1351 O O1  . SO4 D 3 .   ? 9.445   6.934   -8.137  0.73 45.87 ?  101 SO4 B O1  1 
HETATM 1352 O O2  . SO4 D 3 .   ? 7.987   8.814   -8.083  0.73 52.44 ?  101 SO4 B O2  1 
HETATM 1353 O O3  . SO4 D 3 .   ? 7.472   6.934   -9.470  0.73 41.00 ?  101 SO4 B O3  1 
HETATM 1354 O O4  . SO4 D 3 .   ? 9.272   8.368   -10.057 0.73 40.46 ?  101 SO4 B O4  1 
HETATM 1355 S S   . SO4 E 3 .   ? -23.423 7.356   -8.154  0.78 52.44 ?  102 SO4 B S   1 
HETATM 1356 O O1  . SO4 E 3 .   ? -23.519 5.965   -7.713  0.78 54.70 ?  102 SO4 B O1  1 
HETATM 1357 O O2  . SO4 E 3 .   ? -22.121 7.890   -7.759  0.78 35.96 ?  102 SO4 B O2  1 
HETATM 1358 O O3  . SO4 E 3 .   ? -23.589 7.385   -9.604  0.78 36.33 ?  102 SO4 B O3  1 
HETATM 1359 O O4  . SO4 E 3 .   ? -24.489 8.154   -7.543  0.78 53.61 ?  102 SO4 B O4  1 
HETATM 1360 O O   . HOH F 4 .   ? -6.950  -6.263  3.789   1.00 33.90 ?  301 HOH A O   1 
HETATM 1361 O O   . HOH F 4 .   ? 5.532   -12.940 5.406   1.00 32.69 ?  302 HOH A O   1 
HETATM 1362 O O   . HOH F 4 .   ? -7.467  -6.973  12.734  1.00 20.87 ?  303 HOH A O   1 
HETATM 1363 O O   . HOH F 4 .   ? 0.685   -13.740 9.845   1.00 27.39 ?  304 HOH A O   1 
HETATM 1364 O O   . HOH F 4 .   ? -2.962  3.555   8.849   1.00 39.83 ?  305 HOH A O   1 
HETATM 1365 O O   . HOH F 4 .   ? 2.326   -13.364 -10.058 1.00 22.67 ?  306 HOH A O   1 
HETATM 1366 O O   . HOH F 4 .   ? 8.302   -0.290  -4.751  1.00 21.47 ?  307 HOH A O   1 
HETATM 1367 O O   . HOH F 4 .   ? 8.080   -12.135 -4.691  1.00 9.92  ?  308 HOH A O   1 
HETATM 1368 O O   . HOH F 4 .   ? 5.461   0.533   28.985  1.00 31.06 ?  309 HOH A O   1 
HETATM 1369 O O   . HOH F 4 .   ? -3.938  -6.548  -12.547 1.00 21.27 ?  310 HOH A O   1 
HETATM 1370 O O   . HOH F 4 .   ? 14.641  -3.943  24.146  1.00 37.55 ?  311 HOH A O   1 
HETATM 1371 O O   . HOH F 4 .   ? 17.557  -4.415  1.089   1.00 34.73 ?  312 HOH A O   1 
HETATM 1372 O O   . HOH F 4 .   ? 6.941   -12.502 14.048  1.00 32.36 ?  313 HOH A O   1 
HETATM 1373 O O   . HOH F 4 .   ? 1.930   -8.802  -2.694  1.00 12.18 ?  314 HOH A O   1 
HETATM 1374 O O   . HOH F 4 .   ? 10.459  -2.539  -9.802  1.00 18.67 ?  315 HOH A O   1 
HETATM 1375 O O   . HOH F 4 .   ? 7.329   -1.562  -9.315  1.00 16.14 ?  316 HOH A O   1 
HETATM 1376 O O   . HOH F 4 .   ? 5.736   -8.013  -11.467 1.00 23.38 ?  317 HOH A O   1 
HETATM 1377 O O   . HOH F 4 .   ? 2.247   -6.364  -1.732  1.00 11.96 ?  318 HOH A O   1 
HETATM 1378 O O   . HOH F 4 .   ? 9.684   -12.598 10.680  1.00 28.18 ?  319 HOH A O   1 
HETATM 1379 O O   . HOH F 4 .   ? 6.167   -11.197 16.435  1.00 25.91 ?  320 HOH A O   1 
HETATM 1380 O O   . HOH F 4 .   ? -2.344  -4.743  12.209  1.00 25.18 ?  321 HOH A O   1 
HETATM 1381 O O   . HOH F 4 .   ? 6.611   -8.657  -9.052  1.00 19.31 ?  322 HOH A O   1 
HETATM 1382 O O   . HOH F 4 .   ? 3.254   4.998   8.167   1.00 22.54 ?  323 HOH A O   1 
HETATM 1383 O O   . HOH F 4 .   ? 8.541   -8.728  18.640  1.00 23.76 ?  324 HOH A O   1 
HETATM 1384 O O   . HOH F 4 .   ? -1.020  -14.155 1.030   1.00 26.77 ?  325 HOH A O   1 
HETATM 1385 O O   . HOH F 4 .   ? 12.881  0.549   -2.705  1.00 27.26 ?  326 HOH A O   1 
HETATM 1386 O O   . HOH F 4 .   ? 17.329  -2.520  11.088  1.00 19.91 ?  327 HOH A O   1 
HETATM 1387 O O   . HOH F 4 .   ? 1.773   -10.042 -6.992  1.00 15.94 ?  328 HOH A O   1 
HETATM 1388 O O   . HOH F 4 .   ? 16.927  -4.010  22.289  1.00 33.73 ?  329 HOH A O   1 
HETATM 1389 O O   . HOH F 4 .   ? 17.006  -1.077  18.336  1.00 30.03 ?  330 HOH A O   1 
HETATM 1390 O O   . HOH F 4 .   ? 8.081   -9.485  15.595  1.00 21.61 ?  331 HOH A O   1 
HETATM 1391 O O   . HOH F 4 .   ? 3.959   -15.569 -3.605  1.00 24.03 ?  332 HOH A O   1 
HETATM 1392 O O   . HOH F 4 .   ? -4.883  -11.037 -4.068  1.00 22.73 ?  333 HOH A O   1 
HETATM 1393 O O   . HOH F 4 .   ? 7.128   3.756   -3.110  1.00 25.12 ?  334 HOH A O   1 
HETATM 1394 O O   . HOH F 4 .   ? 11.373  4.208   7.809   1.00 35.11 ?  335 HOH A O   1 
HETATM 1395 O O   . HOH F 4 .   ? 12.689  -10.759 17.029  1.00 22.81 ?  336 HOH A O   1 
HETATM 1396 O O   . HOH F 4 .   ? 1.456   -16.270 -0.477  1.00 23.45 ?  337 HOH A O   1 
HETATM 1397 O O   . HOH F 4 .   ? -3.963  3.706   15.057  1.00 33.18 ?  338 HOH A O   1 
HETATM 1398 O O   . HOH F 4 .   ? 5.918   1.773   -4.720  1.00 18.08 ?  339 HOH A O   1 
HETATM 1399 O O   . HOH F 4 .   ? -1.550  -5.621  17.818  1.00 26.11 ?  340 HOH A O   1 
HETATM 1400 O O   . HOH F 4 .   ? 21.156  -11.187 15.816  1.00 34.79 ?  341 HOH A O   1 
HETATM 1401 O O   . HOH F 4 .   ? -1.482  -12.209 10.397  1.00 22.28 ?  342 HOH A O   1 
HETATM 1402 O O   . HOH F 4 .   ? -4.700  -3.330  4.635   1.00 31.91 ?  343 HOH A O   1 
HETATM 1403 O O   . HOH F 4 .   ? 14.311  -12.045 15.004  1.00 26.97 ?  344 HOH A O   1 
HETATM 1404 O O   . HOH F 4 .   ? 14.415  -2.293  -3.923  1.00 21.19 ?  345 HOH A O   1 
HETATM 1405 O O   . HOH F 4 .   ? 6.046   -11.956 10.424  1.00 21.77 ?  346 HOH A O   1 
HETATM 1406 O O   . HOH F 4 .   ? 8.985   -12.503 17.324  1.00 33.58 ?  347 HOH A O   1 
HETATM 1407 O O   . HOH F 4 .   ? 14.166  -10.951 -0.328  1.00 23.42 ?  348 HOH A O   1 
HETATM 1408 O O   . HOH F 4 .   ? -7.807  -13.185 -3.436  1.00 32.08 ?  349 HOH A O   1 
HETATM 1409 O O   . HOH F 4 .   ? 12.726  -1.990  -11.495 1.00 20.36 ?  350 HOH A O   1 
HETATM 1410 O O   . HOH F 4 .   ? 12.094  -6.248  25.291  1.00 40.20 ?  351 HOH A O   1 
HETATM 1411 O O   . HOH F 4 .   ? 9.898   -0.065  -8.139  1.00 30.61 ?  352 HOH A O   1 
HETATM 1412 O O   . HOH F 4 .   ? -7.472  -8.426  8.167   1.00 11.40 ?  353 HOH A O   1 
HETATM 1413 O O   . HOH F 4 .   ? -2.397  -11.880 15.736  1.00 24.88 ?  354 HOH A O   1 
HETATM 1414 O O   . HOH F 4 .   ? 16.788  -1.521  8.376   1.00 22.02 ?  355 HOH A O   1 
HETATM 1415 O O   . HOH F 4 .   ? -1.419  -4.761  15.087  1.00 29.53 ?  356 HOH A O   1 
HETATM 1416 O O   . HOH F 4 .   ? 7.453   4.909   7.352   1.00 34.90 ?  357 HOH A O   1 
HETATM 1417 O O   . HOH F 4 .   ? 9.439   6.673   7.236   1.00 35.08 ?  358 HOH A O   1 
HETATM 1418 O O   . HOH F 4 .   ? -8.946  -6.697  9.922   1.00 19.01 ?  359 HOH A O   1 
HETATM 1419 O O   . HOH F 4 .   ? 10.949  0.557   -4.769  1.00 26.66 ?  360 HOH A O   1 
HETATM 1420 O O   . HOH F 4 .   ? 3.330   -12.905 11.370  1.00 30.75 ?  361 HOH A O   1 
HETATM 1421 O O   . HOH F 4 .   ? 17.031  1.999   17.463  1.00 30.80 ?  362 HOH A O   1 
HETATM 1422 O O   . HOH G 4 .   ? 0.726   0.339   -18.900 1.00 36.42 ?  201 HOH B O   1 
HETATM 1423 O O   . HOH G 4 .   ? -4.375  -3.708  0.105   1.00 20.63 ?  202 HOH B O   1 
HETATM 1424 O O   . HOH G 4 .   ? -3.723  19.292  -5.626  1.00 38.99 ?  203 HOH B O   1 
HETATM 1425 O O   . HOH G 4 .   ? -10.499 -2.816  -0.356  1.00 23.50 ?  204 HOH B O   1 
HETATM 1426 O O   . HOH G 4 .   ? -12.361 10.300  -0.614  1.00 29.83 ?  205 HOH B O   1 
HETATM 1427 O O   . HOH G 4 .   ? -12.336 11.405  -5.727  1.00 29.31 ?  206 HOH B O   1 
HETATM 1428 O O   . HOH G 4 .   ? -2.031  3.418   1.845   1.00 13.31 ?  207 HOH B O   1 
HETATM 1429 O O   . HOH G 4 .   ? -24.231 2.727   -9.132  1.00 46.24 ?  208 HOH B O   1 
HETATM 1430 O O   . HOH G 4 .   ? -6.386  13.378  -2.022  1.00 25.43 ?  209 HOH B O   1 
HETATM 1431 O O   . HOH G 4 .   ? -23.165 -9.103  -4.960  1.00 19.61 ?  210 HOH B O   1 
HETATM 1432 O O   . HOH G 4 .   ? -4.073  22.875  -10.893 1.00 33.11 ?  211 HOH B O   1 
HETATM 1433 O O   . HOH G 4 .   ? -15.734 10.684  -5.845  1.00 28.73 ?  212 HOH B O   1 
HETATM 1434 O O   . HOH G 4 .   ? -15.689 4.747   -1.563  1.00 36.79 ?  213 HOH B O   1 
HETATM 1435 O O   . HOH G 4 .   ? -7.146  -11.759 -6.994  1.00 28.49 ?  214 HOH B O   1 
HETATM 1436 O O   . HOH G 4 .   ? -8.418  1.000   -0.798  1.00 14.91 ?  215 HOH B O   1 
HETATM 1437 O O   . HOH G 4 .   ? -14.184 -11.863 -5.191  1.00 21.73 ?  216 HOH B O   1 
HETATM 1438 O O   . HOH G 4 .   ? -0.774  16.537  -19.716 1.00 20.06 ?  217 HOH B O   1 
HETATM 1439 O O   . HOH G 4 .   ? -21.530 13.140  -14.224 1.00 37.90 ?  218 HOH B O   1 
HETATM 1440 O O   . HOH G 4 .   ? -0.544  15.413  -13.090 1.00 30.32 ?  219 HOH B O   1 
HETATM 1441 O O   . HOH G 4 .   ? -3.547  -3.999  -14.415 1.00 19.19 ?  220 HOH B O   1 
HETATM 1442 O O   . HOH G 4 .   ? -10.027 -0.078  7.080   1.00 41.80 ?  221 HOH B O   1 
HETATM 1443 O O   . HOH G 4 .   ? -11.226 -13.224 -3.433  1.00 27.89 ?  222 HOH B O   1 
HETATM 1444 O O   . HOH G 4 .   ? -11.010 4.806   2.565   1.00 23.56 ?  223 HOH B O   1 
HETATM 1445 O O   . HOH G 4 .   ? -4.214  10.990  -22.423 1.00 28.64 ?  224 HOH B O   1 
HETATM 1446 O O   . HOH G 4 .   ? -3.682  16.084  -4.394  1.00 36.44 ?  225 HOH B O   1 
HETATM 1447 O O   . HOH G 4 .   ? -8.911  13.949  -4.943  1.00 27.02 ?  226 HOH B O   1 
HETATM 1448 O O   . HOH G 4 .   ? -15.312 2.409   6.579   1.00 31.45 ?  227 HOH B O   1 
HETATM 1449 O O   . HOH G 4 .   ? -0.111  17.745  -5.882  1.00 32.96 ?  228 HOH B O   1 
HETATM 1450 O O   . HOH G 4 .   ? -15.611 -9.699  -12.385 1.00 28.67 ?  229 HOH B O   1 
HETATM 1451 O O   . HOH G 4 .   ? -14.008 6.298   -0.278  1.00 24.51 ?  230 HOH B O   1 
HETATM 1452 O O   . HOH G 4 .   ? 10.513  10.349  -12.045 1.00 52.29 ?  231 HOH B O   1 
HETATM 1453 O O   . HOH G 4 .   ? 1.553   2.792   -15.663 1.00 12.95 ?  232 HOH B O   1 
HETATM 1454 O O   . HOH G 4 .   ? -6.799  -3.343  2.293   1.00 30.14 ?  233 HOH B O   1 
HETATM 1455 O O   . HOH G 4 .   ? -10.267 -10.245 -10.183 1.00 39.16 ?  234 HOH B O   1 
HETATM 1456 O O   . HOH G 4 .   ? 3.247   1.409   -20.244 1.00 41.74 ?  235 HOH B O   1 
HETATM 1457 O O   . HOH G 4 .   ? -6.377  18.605  -7.013  1.00 37.38 ?  236 HOH B O   1 
HETATM 1458 O O   . HOH G 4 .   ? 1.326   15.751  -10.710 1.00 39.21 ?  237 HOH B O   1 
HETATM 1459 O O   . HOH G 4 .   ? -9.780  -11.253 -7.694  1.00 30.53 ?  238 HOH B O   1 
HETATM 1460 O O   . HOH G 4 .   ? -10.513 7.314   3.425   1.00 41.14 ?  239 HOH B O   1 
HETATM 1461 O O   . HOH G 4 .   ? -10.450 9.858   1.572   1.00 31.87 ?  240 HOH B O   1 
# 
